data_5URJ
#
_entry.id   5URJ
#
_cell.length_a   144.909
_cell.length_b   153.954
_cell.length_c   142.474
_cell.angle_alpha   90.00
_cell.angle_beta   120.50
_cell.angle_gamma   90.00
#
_symmetry.space_group_name_H-M   'C 1 2 1'
#
loop_
_entity.id
_entity.type
_entity.pdbx_description
1 polymer 'U5 small nuclear ribonucleoprotein 200 kDa helicase'
2 non-polymer GLYCEROL
3 non-polymer 6-benzyl-3-[(2R)-2-(3-fluoropyridin-2-yl)-6-methyl-3,4-dihydro-2H-1-benzopyran-7-yl]-4,6-dihydropyrido[4,3-d]pyrimidine-2,7(3H,8H)-dione
4 water water
#
_entity_poly.entity_id   1
_entity_poly.type   'polypeptide(L)'
_entity_poly.pdbx_seq_one_letter_code
;GGSDLDQGGEALAPRQVLDLEDLVFTQGSHFMANKRCQLPDGSFRRQRKGYEEVHVPALKPKPFGSEEQLLPVEKLPKYA
QAGFEGFKTLNRIQSKLYRAALETDENLLLCAPTGAGKTNVALMCMLREIGKHINMDGTINVDDFKIIYIAPMRSLVQEM
VGSFGKRLATYGITVAELTGDHQLCKEEISATQIIVCTPEKWDIITRKGGERTYTQLVRLIILDEIHLLHDDRGPVLEAL
VARAIRNIEMTQEDVRLIGLSATLPNYEDVATFLRVDPAKGLFYFDNSFRPVPLEQTYVGITEKKAIKRFQIMNEIVYEK
IMEHAGKNQVLVFVHSRKETGKTARAIRDMCLEKDTLGLFLREGSASTEVLRTEAEQCKNLELKDLLPYGFAIHHAGMTR
VDRTLVEDLFADKHIQVLVSTATLAWGVNLPAHTVIIKGTQVYSPEKGRWTELGALDILQMLGRAGRPQYDTKGEGILIT
SHGELQYYLSLLNQQLPIESQMVSKLPDMLNAEIVLGNVQNAKDAVNWLGYAYLYIRMLRSPTLYGISHDDLKGDPLLDQ
RRLDLVHTAALMLDKNNLVKYDKKTGNFQVTELGRIASHYYITNDTVQTYNQLLKPTLSEIELFRVFSLSSEFKNITVRE
EEKLELQKLLERVPIPVKESIEEPSAKINVLLQAFISQLKLEGFALMADMVYVTQSAGRLMRAIFEIVLNRGWAQLTDKT
LNLCKMIDKRMWQSMCPLRQFRKLPEEVVKKIEKKNFPFERLYDLNHNEIGELIRMPKMGKTIHKYVHLFPKLELSVHLQ
PITRSTLKVELTITPDFQWDEKVHGSSEAFWILVEDVDSEVILHHEYFLLKAKYAQDEHLITFFVPVFEPLPPQYFIRVV
SDRWLSCETQLPVSFRHLILPEKYPPPTELLDLQPLPVSALRNSAFESLYQDKFPFFNPIQTQVFNTVYNSDDNVFVGAP
TGSGKTICAEFAILRMLLQSSEGRCVYITPMEALAEQVYMDWYEKFQDRLNKKVVLLTGETSTDLKLLGKGNIIISTPEK
WDILSRRWKQRKNVQNINLFVVDEVHLIGGENGPVLEVICSRMRYISSQIERPIRIVALSSSLSNAKDVAHWLGCSATST
FNFHPNVRPVPLELHIQGFNISHTQTRLLSMAKPVYHAITKHSPKKPVIVFVPSRKQTRLTAIDILTTCAADIQRQRFLH
CTEKDLIPYLEKLSDSTLKETLLNGVGYLHEGLSPMERRLVEQLFSSGAIQVVVASRSLCWGMNVAAHLVIIMDTQYYNG
KIHAYVDYPIYDVLQMVGHANRPLQDDEGRCVIMCQGSKKDFFKKFLYEPLPVESHLDHCMHDHFNAEIVTKTIENKQDA
VDYLTWTFLYRRMTQNPNYYNLQGISHRHLSDHLSELVEQTLSDLEQSKCISIEDEMDVAPLNLGMIAAYYYINYTTIEL
FSMSLNAKTKVRGLIEIISNAAEYENIPIRHHEDNLLRQLAQKVPHKLNNPKFNDPHVKTNLLLQAHLSRMQLSAELQSD
TEEILSKAIRLIQACVDVLSSNGWLSPALAAMELAQMVTQAMWSKDSYLKQLPHFTSEHIKRCTDKGVESVFDIMEMEDE
ERNALLQLTDSQIADVARFCNRYPNIELSYEVVDKDSIRSGGPVVVLVQLEREEEVTGPVIAPLFPQKREEGWWVVIGDA
KSNSLISIKRLTLQQKAKVKLDFVAPATGAHNYTLYFMSDAYMGCDQEYKFSVDVKEA
;
_entity_poly.pdbx_strand_id   A
#
loop_
_chem_comp.id
_chem_comp.type
_chem_comp.name
_chem_comp.formula
8LS non-polymer 6-benzyl-3-[(2R)-2-(3-fluoropyridin-2-yl)-6-methyl-3,4-dihydro-2H-1-benzopyran-7-yl]-4,6-dihydropyrido[4,3-d]pyrimidine-2,7(3H,8H)-dione 'C29 H25 F N4 O3'
GOL non-polymer GLYCEROL 'C3 H8 O3'
#
# COMPACT_ATOMS: atom_id res chain seq x y z
N LEU A 12 -16.12 9.11 -34.23
CA LEU A 12 -16.72 10.31 -34.82
C LEU A 12 -18.09 10.00 -35.41
N ALA A 13 -19.11 10.05 -34.57
CA ALA A 13 -20.50 9.89 -35.01
C ALA A 13 -21.24 11.20 -34.77
N PRO A 14 -22.30 11.47 -35.55
CA PRO A 14 -23.10 12.68 -35.37
C PRO A 14 -23.63 12.83 -33.94
N ARG A 15 -23.42 14.00 -33.34
CA ARG A 15 -23.79 14.25 -31.95
C ARG A 15 -24.73 15.45 -31.82
N GLN A 16 -25.77 15.30 -31.01
CA GLN A 16 -26.74 16.37 -30.80
C GLN A 16 -26.73 16.83 -29.34
N VAL A 17 -26.68 18.14 -29.11
CA VAL A 17 -26.71 18.66 -27.74
C VAL A 17 -28.15 18.69 -27.22
N LEU A 18 -28.40 17.91 -26.18
CA LEU A 18 -29.70 17.88 -25.52
C LEU A 18 -29.87 19.02 -24.51
N ASP A 19 -31.12 19.39 -24.26
CA ASP A 19 -31.43 20.22 -23.10
C ASP A 19 -31.83 19.27 -21.99
N LEU A 20 -30.99 19.16 -20.97
CA LEU A 20 -31.19 18.15 -19.93
C LEU A 20 -32.42 18.40 -19.06
N GLU A 21 -32.68 19.67 -18.72
CA GLU A 21 -33.78 20.02 -17.83
C GLU A 21 -35.13 19.57 -18.39
N ASP A 22 -35.18 19.40 -19.70
CA ASP A 22 -36.39 18.98 -20.38
C ASP A 22 -36.67 17.49 -20.19
N LEU A 23 -35.61 16.68 -20.24
CA LEU A 23 -35.73 15.22 -20.15
C LEU A 23 -35.89 14.71 -18.72
N VAL A 24 -35.55 15.56 -17.77
CA VAL A 24 -35.45 15.13 -16.38
C VAL A 24 -36.80 15.05 -15.69
N PHE A 25 -36.92 14.15 -14.71
CA PHE A 25 -38.10 14.10 -13.87
C PHE A 25 -37.93 15.13 -12.76
N THR A 26 -38.80 16.13 -12.74
CA THR A 26 -38.64 17.25 -11.81
C THR A 26 -39.02 16.88 -10.38
N GLN A 27 -40.10 16.12 -10.24
CA GLN A 27 -40.67 15.86 -8.92
C GLN A 27 -39.89 14.83 -8.12
N GLY A 28 -38.88 14.21 -8.75
CA GLY A 28 -38.04 13.24 -8.07
C GLY A 28 -38.77 11.99 -7.63
N SER A 29 -38.66 11.67 -6.33
CA SER A 29 -39.36 10.53 -5.75
C SER A 29 -40.87 10.70 -5.82
N HIS A 30 -41.31 11.95 -5.88
CA HIS A 30 -42.73 12.27 -5.88
C HIS A 30 -43.35 12.08 -7.27
N PHE A 31 -42.49 11.84 -8.26
CA PHE A 31 -42.95 11.67 -9.64
C PHE A 31 -43.75 10.39 -9.83
N MET A 32 -44.95 10.50 -10.39
CA MET A 32 -45.70 9.30 -10.72
C MET A 32 -45.85 9.15 -12.24
N ALA A 33 -45.35 8.03 -12.74
CA ALA A 33 -45.56 7.62 -14.14
C ALA A 33 -46.90 6.95 -14.20
N ASN A 34 -47.44 6.71 -13.00
CA ASN A 34 -48.80 6.25 -12.81
C ASN A 34 -49.81 7.20 -13.45
N LYS A 35 -50.67 6.66 -14.30
CA LYS A 35 -51.73 7.46 -14.92
C LYS A 35 -53.00 7.38 -14.08
N ARG A 36 -53.59 6.19 -14.02
CA ARG A 36 -54.73 5.95 -13.14
C ARG A 36 -54.28 5.16 -11.92
N CYS A 37 -55.20 4.94 -10.98
CA CYS A 37 -54.94 4.07 -9.84
C CYS A 37 -56.16 3.21 -9.56
N GLN A 38 -55.98 1.89 -9.54
CA GLN A 38 -57.09 0.96 -9.34
C GLN A 38 -57.13 0.43 -7.92
N LEU A 39 -58.16 0.81 -7.16
CA LEU A 39 -58.27 0.45 -5.75
C LEU A 39 -58.82 -0.96 -5.56
N PRO A 40 -58.19 -1.73 -4.66
CA PRO A 40 -58.56 -3.11 -4.34
C PRO A 40 -59.87 -3.24 -3.55
N ASP A 41 -60.72 -4.18 -3.95
CA ASP A 41 -61.92 -4.56 -3.19
C ASP A 41 -62.71 -3.35 -2.71
N GLY A 42 -62.92 -3.23 -1.40
CA GLY A 42 -63.65 -2.07 -0.89
C GLY A 42 -62.87 -0.80 -1.12
N SER A 43 -63.45 0.08 -1.93
CA SER A 43 -62.84 1.38 -2.21
C SER A 43 -63.53 2.50 -1.44
N PHE A 44 -64.55 2.16 -0.65
CA PHE A 44 -65.61 3.10 -0.29
C PHE A 44 -65.14 4.46 0.23
N ARG A 45 -65.78 5.51 -0.28
CA ARG A 45 -65.44 6.89 0.04
C ARG A 45 -66.41 7.47 1.08
N ARG A 46 -65.88 8.11 2.10
CA ARG A 46 -66.72 8.83 3.05
C ARG A 46 -66.29 10.30 3.12
N GLN A 47 -67.23 11.16 2.75
CA GLN A 47 -66.98 12.60 2.67
C GLN A 47 -67.48 13.29 3.93
N ARG A 48 -66.55 13.80 4.72
CA ARG A 48 -66.87 14.46 5.98
C ARG A 48 -66.96 15.99 5.83
N LYS A 49 -66.86 16.45 4.59
CA LYS A 49 -67.07 17.86 4.20
C LYS A 49 -65.94 18.79 4.69
N GLY A 50 -65.12 18.31 5.61
CA GLY A 50 -63.91 19.01 6.01
C GLY A 50 -62.71 18.31 5.41
N TYR A 51 -62.95 17.16 4.81
CA TYR A 51 -61.91 16.27 4.31
C TYR A 51 -62.52 15.03 3.65
N GLU A 52 -61.72 14.34 2.83
CA GLU A 52 -62.16 13.09 2.21
C GLU A 52 -61.46 11.89 2.85
N GLU A 53 -62.22 10.81 3.05
CA GLU A 53 -61.70 9.60 3.69
C GLU A 53 -61.86 8.39 2.74
N VAL A 54 -60.73 7.80 2.35
CA VAL A 54 -60.72 6.66 1.43
C VAL A 54 -60.15 5.40 2.07
N HIS A 55 -60.94 4.34 2.15
CA HIS A 55 -60.53 3.14 2.86
C HIS A 55 -60.13 1.99 1.94
N VAL A 56 -58.97 1.40 2.22
CA VAL A 56 -58.57 0.17 1.54
C VAL A 56 -58.44 -0.96 2.56
N PRO A 57 -59.33 -1.95 2.49
CA PRO A 57 -59.41 -3.00 3.52
C PRO A 57 -58.22 -3.96 3.50
N ALA A 58 -58.04 -4.68 4.60
CA ALA A 58 -57.02 -5.71 4.69
C ALA A 58 -57.33 -6.84 3.72
N LEU A 59 -56.28 -7.50 3.25
CA LEU A 59 -56.43 -8.69 2.44
C LEU A 59 -56.55 -9.90 3.35
N LYS A 60 -57.52 -10.75 3.07
CA LYS A 60 -57.71 -11.99 3.82
C LYS A 60 -56.43 -12.83 3.70
N PRO A 61 -56.06 -13.54 4.77
CA PRO A 61 -54.83 -14.34 4.72
C PRO A 61 -54.91 -15.44 3.66
N LYS A 62 -53.90 -15.53 2.80
CA LYS A 62 -53.92 -16.43 1.66
C LYS A 62 -53.75 -17.89 2.05
N PRO A 63 -54.62 -18.77 1.52
CA PRO A 63 -54.44 -20.21 1.68
C PRO A 63 -53.18 -20.69 0.96
N PHE A 64 -52.55 -21.71 1.50
CA PHE A 64 -51.29 -22.22 0.97
C PHE A 64 -51.40 -22.72 -0.48
N GLY A 65 -50.36 -22.46 -1.26
CA GLY A 65 -50.30 -22.92 -2.63
C GLY A 65 -50.05 -24.41 -2.68
N SER A 66 -49.83 -24.94 -3.89
CA SER A 66 -49.64 -26.38 -4.05
C SER A 66 -48.32 -26.84 -3.46
N GLU A 67 -48.39 -27.79 -2.52
CA GLU A 67 -47.23 -28.45 -1.93
C GLU A 67 -46.33 -27.51 -1.12
N GLU A 68 -46.58 -26.20 -1.22
CA GLU A 68 -45.80 -25.22 -0.47
C GLU A 68 -46.10 -25.37 1.03
N GLN A 69 -45.06 -25.49 1.83
CA GLN A 69 -45.23 -25.63 3.27
C GLN A 69 -44.06 -25.00 4.04
N LEU A 70 -44.33 -24.54 5.26
CA LEU A 70 -43.29 -23.93 6.09
C LEU A 70 -42.20 -24.94 6.41
N LEU A 71 -40.98 -24.45 6.58
CA LEU A 71 -39.80 -25.30 6.68
C LEU A 71 -38.99 -25.00 7.93
N PRO A 72 -39.22 -25.75 9.02
CA PRO A 72 -38.55 -25.53 10.30
C PRO A 72 -37.02 -25.42 10.17
N VAL A 73 -36.40 -24.62 11.03
CA VAL A 73 -34.98 -24.33 10.98
C VAL A 73 -34.13 -25.59 10.95
N GLU A 74 -34.63 -26.65 11.57
CA GLU A 74 -33.91 -27.93 11.59
C GLU A 74 -33.69 -28.50 10.19
N LYS A 75 -34.51 -28.09 9.24
CA LYS A 75 -34.46 -28.62 7.88
C LYS A 75 -33.31 -28.05 7.04
N LEU A 76 -33.09 -26.74 7.12
CA LEU A 76 -31.96 -26.10 6.45
C LEU A 76 -30.66 -26.65 7.03
N PRO A 77 -29.57 -26.65 6.23
CA PRO A 77 -28.32 -27.35 6.59
C PRO A 77 -27.77 -27.01 7.97
N LYS A 78 -27.03 -27.97 8.53
CA LYS A 78 -26.61 -27.96 9.93
C LYS A 78 -25.81 -26.73 10.36
N TYR A 79 -24.78 -26.39 9.58
CA TYR A 79 -23.87 -25.31 9.95
C TYR A 79 -24.55 -23.94 9.94
N ALA A 80 -25.75 -23.87 9.35
CA ALA A 80 -26.46 -22.61 9.19
C ALA A 80 -27.48 -22.33 10.28
N GLN A 81 -27.66 -23.28 11.20
CA GLN A 81 -28.71 -23.18 12.21
C GLN A 81 -28.46 -22.06 13.21
N ALA A 82 -27.19 -21.77 13.47
CA ALA A 82 -26.82 -20.68 14.37
C ALA A 82 -27.32 -19.35 13.81
N GLY A 83 -27.85 -18.52 14.69
CA GLY A 83 -28.43 -17.25 14.29
C GLY A 83 -29.93 -17.37 14.09
N PHE A 84 -30.39 -18.61 13.93
CA PHE A 84 -31.81 -18.89 13.80
C PHE A 84 -32.47 -19.35 15.11
N GLU A 85 -31.71 -19.39 16.20
CA GLU A 85 -32.31 -19.64 17.51
C GLU A 85 -33.18 -18.43 17.86
N GLY A 86 -34.33 -18.68 18.47
CA GLY A 86 -35.31 -17.63 18.67
C GLY A 86 -36.31 -17.68 17.53
N PHE A 87 -35.94 -18.39 16.48
CA PHE A 87 -36.83 -18.69 15.37
C PHE A 87 -37.12 -20.18 15.34
N LYS A 88 -38.33 -20.54 15.75
CA LYS A 88 -38.76 -21.93 15.75
C LYS A 88 -39.24 -22.35 14.37
N THR A 89 -39.76 -21.38 13.63
CA THR A 89 -40.37 -21.62 12.33
C THR A 89 -39.90 -20.60 11.28
N LEU A 90 -39.63 -21.09 10.07
CA LEU A 90 -39.27 -20.19 8.97
C LEU A 90 -40.49 -19.48 8.41
N ASN A 91 -40.30 -18.23 7.99
CA ASN A 91 -41.38 -17.42 7.45
C ASN A 91 -41.90 -18.02 6.14
N ARG A 92 -43.13 -17.64 5.79
CA ARG A 92 -43.73 -18.01 4.51
C ARG A 92 -42.75 -17.76 3.37
N ILE A 93 -42.38 -16.50 3.19
CA ILE A 93 -41.44 -16.05 2.17
C ILE A 93 -40.12 -16.84 2.17
N GLN A 94 -39.52 -16.96 3.35
CA GLN A 94 -38.17 -17.51 3.49
C GLN A 94 -38.08 -18.98 3.09
N SER A 95 -39.20 -19.70 3.15
CA SER A 95 -39.21 -21.10 2.76
C SER A 95 -39.25 -21.24 1.24
N LYS A 96 -39.96 -20.33 0.59
CA LYS A 96 -40.01 -20.26 -0.86
C LYS A 96 -38.65 -19.84 -1.38
N LEU A 97 -37.93 -19.06 -0.58
CA LEU A 97 -36.62 -18.54 -0.95
C LEU A 97 -35.37 -19.31 -0.48
N TYR A 98 -35.54 -20.30 0.38
CA TYR A 98 -34.38 -20.91 1.04
C TYR A 98 -33.51 -21.67 0.05
N ARG A 99 -34.15 -22.32 -0.93
CA ARG A 99 -33.40 -23.10 -1.91
C ARG A 99 -32.57 -22.16 -2.78
N ALA A 100 -33.19 -21.09 -3.23
CA ALA A 100 -32.52 -20.09 -4.07
C ALA A 100 -31.36 -19.42 -3.34
N ALA A 101 -31.58 -19.08 -2.08
CA ALA A 101 -30.56 -18.38 -1.29
C ALA A 101 -29.39 -19.28 -0.93
N LEU A 102 -29.67 -20.43 -0.32
CA LEU A 102 -28.63 -21.32 0.20
C LEU A 102 -27.99 -22.26 -0.83
N GLU A 103 -28.80 -22.81 -1.73
CA GLU A 103 -28.31 -23.87 -2.62
C GLU A 103 -27.87 -23.41 -4.02
N THR A 104 -28.02 -22.13 -4.33
CA THR A 104 -27.53 -21.59 -5.61
C THR A 104 -26.81 -20.25 -5.41
N ASP A 105 -25.96 -19.91 -6.37
CA ASP A 105 -25.20 -18.65 -6.33
C ASP A 105 -25.88 -17.54 -7.14
N GLU A 106 -27.10 -17.81 -7.61
CA GLU A 106 -27.82 -16.90 -8.50
C GLU A 106 -28.10 -15.50 -7.89
N ASN A 107 -28.03 -14.48 -8.75
CA ASN A 107 -28.44 -13.13 -8.39
C ASN A 107 -29.95 -13.10 -8.14
N LEU A 108 -30.36 -12.54 -7.01
CA LEU A 108 -31.77 -12.58 -6.62
C LEU A 108 -32.42 -11.20 -6.60
N LEU A 109 -33.68 -11.13 -7.00
CA LEU A 109 -34.49 -9.96 -6.70
C LEU A 109 -35.70 -10.38 -5.88
N LEU A 110 -35.76 -9.92 -4.63
CA LEU A 110 -36.89 -10.25 -3.75
C LEU A 110 -37.78 -9.04 -3.48
N CYS A 111 -39.00 -9.10 -3.99
CA CYS A 111 -40.00 -8.08 -3.73
C CYS A 111 -41.01 -8.59 -2.73
N ALA A 112 -41.14 -7.88 -1.60
CA ALA A 112 -42.02 -8.29 -0.53
C ALA A 112 -42.68 -7.06 0.10
N PRO A 113 -43.83 -7.26 0.78
CA PRO A 113 -44.43 -6.13 1.49
C PRO A 113 -43.48 -5.66 2.58
N THR A 114 -43.50 -4.37 2.88
CA THR A 114 -42.61 -3.82 3.89
C THR A 114 -42.87 -4.51 5.23
N GLY A 115 -41.82 -5.06 5.82
CA GLY A 115 -41.92 -5.79 7.07
C GLY A 115 -42.16 -7.27 6.88
N ALA A 116 -41.96 -7.76 5.66
CA ALA A 116 -42.16 -9.18 5.35
C ALA A 116 -41.00 -10.05 5.84
N GLY A 117 -39.98 -9.42 6.43
CA GLY A 117 -38.83 -10.15 6.91
C GLY A 117 -38.03 -10.70 5.74
N LYS A 118 -37.60 -9.79 4.87
CA LYS A 118 -36.69 -10.13 3.78
C LYS A 118 -35.27 -10.27 4.32
N THR A 119 -35.08 -9.82 5.56
CA THR A 119 -33.78 -9.85 6.23
C THR A 119 -33.19 -11.25 6.33
N ASN A 120 -33.96 -12.20 6.85
CA ASN A 120 -33.47 -13.57 7.01
C ASN A 120 -33.10 -14.22 5.67
N VAL A 121 -33.70 -13.73 4.58
CA VAL A 121 -33.33 -14.22 3.26
C VAL A 121 -31.91 -13.76 2.95
N ALA A 122 -31.68 -12.47 3.15
CA ALA A 122 -30.35 -11.90 3.02
C ALA A 122 -29.35 -12.67 3.86
N LEU A 123 -29.75 -12.98 5.10
CA LEU A 123 -28.91 -13.74 6.02
C LEU A 123 -28.62 -15.15 5.51
N MET A 124 -29.56 -15.73 4.77
CA MET A 124 -29.35 -17.05 4.20
C MET A 124 -28.37 -16.99 3.04
N CYS A 125 -28.40 -15.88 2.31
CA CYS A 125 -27.43 -15.67 1.25
C CYS A 125 -26.04 -15.52 1.86
N MET A 126 -25.96 -14.68 2.88
CA MET A 126 -24.73 -14.47 3.64
C MET A 126 -24.17 -15.80 4.12
N LEU A 127 -25.01 -16.60 4.78
CA LEU A 127 -24.61 -17.89 5.31
C LEU A 127 -24.19 -18.84 4.20
N ARG A 128 -24.80 -18.70 3.02
CA ARG A 128 -24.34 -19.48 1.88
C ARG A 128 -22.89 -19.13 1.55
N GLU A 129 -22.59 -17.84 1.53
CA GLU A 129 -21.22 -17.39 1.24
C GLU A 129 -20.24 -17.86 2.31
N ILE A 130 -20.60 -17.63 3.57
CA ILE A 130 -19.80 -18.08 4.71
C ILE A 130 -19.56 -19.59 4.69
N GLY A 131 -20.51 -20.32 4.11
CA GLY A 131 -20.49 -21.78 4.13
C GLY A 131 -19.42 -22.46 3.28
N LYS A 132 -18.79 -21.72 2.37
CA LYS A 132 -17.76 -22.30 1.52
C LYS A 132 -16.41 -22.39 2.24
N HIS A 133 -16.28 -21.58 3.28
CA HIS A 133 -15.01 -21.32 3.96
C HIS A 133 -14.74 -22.16 5.23
N ILE A 134 -15.56 -23.19 5.45
CA ILE A 134 -15.60 -23.96 6.70
C ILE A 134 -14.25 -24.37 7.33
N ASN A 135 -13.37 -25.00 6.53
CA ASN A 135 -12.00 -25.33 6.96
C ASN A 135 -11.88 -26.36 8.10
N MET A 136 -12.83 -27.29 8.19
CA MET A 136 -12.77 -28.40 9.15
C MET A 136 -12.54 -27.93 10.60
N ASP A 137 -11.40 -28.30 11.18
CA ASP A 137 -11.10 -28.00 12.58
C ASP A 137 -10.98 -26.51 12.86
N GLY A 138 -10.75 -25.72 11.82
CA GLY A 138 -10.85 -24.28 11.93
C GLY A 138 -12.32 -23.93 11.82
N THR A 139 -12.76 -22.91 12.54
CA THR A 139 -14.17 -22.57 12.55
C THR A 139 -14.55 -21.95 11.20
N ILE A 140 -14.01 -20.79 10.92
CA ILE A 140 -14.25 -20.13 9.63
C ILE A 140 -12.98 -19.40 9.18
N ASN A 141 -12.89 -19.09 7.90
CA ASN A 141 -11.79 -18.26 7.42
C ASN A 141 -12.27 -16.83 7.27
N VAL A 142 -11.83 -15.99 8.19
CA VAL A 142 -12.37 -14.65 8.36
C VAL A 142 -11.78 -13.66 7.33
N ASP A 143 -10.51 -13.85 7.00
CA ASP A 143 -9.80 -12.91 6.13
C ASP A 143 -9.90 -13.28 4.66
N ASP A 144 -10.66 -14.34 4.35
CA ASP A 144 -10.77 -14.82 2.97
C ASP A 144 -11.95 -14.22 2.19
N PHE A 145 -12.81 -13.46 2.87
CA PHE A 145 -13.99 -12.89 2.23
C PHE A 145 -14.50 -11.63 2.91
N LYS A 146 -15.36 -10.91 2.21
CA LYS A 146 -16.11 -9.78 2.77
C LYS A 146 -17.51 -9.73 2.17
N ILE A 147 -18.46 -9.22 2.94
CA ILE A 147 -19.84 -9.09 2.50
C ILE A 147 -20.31 -7.65 2.70
N ILE A 148 -20.98 -7.10 1.70
CA ILE A 148 -21.43 -5.71 1.78
C ILE A 148 -22.95 -5.63 1.85
N TYR A 149 -23.44 -4.91 2.87
CA TYR A 149 -24.87 -4.66 3.02
C TYR A 149 -25.16 -3.17 2.87
N ILE A 150 -25.83 -2.80 1.78
CA ILE A 150 -26.19 -1.40 1.56
C ILE A 150 -27.62 -1.12 1.99
N ALA A 151 -27.76 -0.28 3.00
CA ALA A 151 -29.06 0.16 3.48
C ALA A 151 -29.21 1.64 3.19
N PRO A 152 -30.45 2.09 2.90
CA PRO A 152 -30.69 3.49 2.54
C PRO A 152 -30.56 4.51 3.68
N MET A 153 -30.59 4.07 4.95
CA MET A 153 -30.61 5.01 6.09
C MET A 153 -29.67 4.58 7.22
N ARG A 154 -28.94 5.54 7.79
CA ARG A 154 -27.89 5.27 8.79
C ARG A 154 -28.42 4.59 10.05
N SER A 155 -29.63 4.95 10.45
CA SER A 155 -30.30 4.34 11.58
C SER A 155 -30.50 2.84 11.36
N LEU A 156 -31.02 2.50 10.18
CA LEU A 156 -31.21 1.11 9.78
C LEU A 156 -29.86 0.40 9.67
N VAL A 157 -28.83 1.14 9.28
CA VAL A 157 -27.48 0.59 9.25
C VAL A 157 -27.07 0.10 10.65
N GLN A 158 -27.19 0.97 11.65
CA GLN A 158 -26.90 0.55 13.03
C GLN A 158 -27.76 -0.65 13.45
N GLU A 159 -29.06 -0.59 13.16
CA GLU A 159 -29.98 -1.70 13.44
C GLU A 159 -29.47 -3.04 12.89
N MET A 160 -29.12 -3.03 11.61
CA MET A 160 -28.70 -4.24 10.92
C MET A 160 -27.34 -4.74 11.43
N VAL A 161 -26.46 -3.80 11.77
CA VAL A 161 -25.16 -4.17 12.34
C VAL A 161 -25.39 -4.94 13.63
N GLY A 162 -26.31 -4.43 14.46
CA GLY A 162 -26.71 -5.14 15.66
C GLY A 162 -27.24 -6.54 15.38
N SER A 163 -28.28 -6.62 14.55
CA SER A 163 -28.97 -7.89 14.31
C SER A 163 -28.04 -8.96 13.72
N PHE A 164 -27.27 -8.58 12.71
CA PHE A 164 -26.35 -9.50 12.07
C PHE A 164 -25.19 -9.86 12.99
N GLY A 165 -24.78 -8.91 13.83
CA GLY A 165 -23.75 -9.18 14.83
C GLY A 165 -24.18 -10.27 15.78
N LYS A 166 -25.39 -10.11 16.33
CA LYS A 166 -25.95 -11.10 17.24
C LYS A 166 -26.13 -12.47 16.55
N ARG A 167 -26.79 -12.47 15.40
CA ARG A 167 -27.08 -13.74 14.72
C ARG A 167 -25.81 -14.48 14.28
N LEU A 168 -24.81 -13.75 13.80
CA LEU A 168 -23.61 -14.38 13.27
C LEU A 168 -22.45 -14.48 14.27
N ALA A 169 -22.68 -14.04 15.50
CA ALA A 169 -21.65 -14.07 16.54
C ALA A 169 -21.01 -15.46 16.70
N THR A 170 -21.82 -16.50 16.56
CA THR A 170 -21.36 -17.88 16.69
C THR A 170 -20.33 -18.29 15.65
N TYR A 171 -20.26 -17.56 14.55
CA TYR A 171 -19.33 -17.87 13.46
C TYR A 171 -18.03 -17.08 13.58
N GLY A 172 -17.96 -16.22 14.60
CA GLY A 172 -16.78 -15.40 14.84
C GLY A 172 -16.58 -14.35 13.76
N ILE A 173 -17.62 -13.58 13.47
CA ILE A 173 -17.60 -12.63 12.37
C ILE A 173 -17.92 -11.21 12.85
N THR A 174 -17.17 -10.25 12.35
CA THR A 174 -17.38 -8.84 12.71
C THR A 174 -18.25 -8.11 11.69
N VAL A 175 -19.29 -7.46 12.19
CA VAL A 175 -20.16 -6.63 11.35
C VAL A 175 -20.04 -5.18 11.82
N ALA A 176 -19.73 -4.26 10.90
CA ALA A 176 -19.51 -2.88 11.32
C ALA A 176 -20.10 -1.81 10.40
N GLU A 177 -20.22 -0.59 10.93
CA GLU A 177 -20.76 0.55 10.20
C GLU A 177 -19.63 1.41 9.63
N LEU A 178 -19.71 1.75 8.34
CA LEU A 178 -18.72 2.61 7.73
C LEU A 178 -19.10 4.11 7.65
N THR A 179 -20.37 4.44 7.89
CA THR A 179 -20.87 5.78 7.54
C THR A 179 -21.20 6.67 8.74
N GLY A 180 -20.63 7.87 8.74
CA GLY A 180 -20.86 8.83 9.81
C GLY A 180 -21.15 10.24 9.30
N GLU A 188 -9.39 -1.30 10.75
CA GLU A 188 -10.54 -1.99 11.32
C GLU A 188 -11.62 -2.21 10.27
N ILE A 189 -11.62 -1.35 9.26
CA ILE A 189 -12.47 -1.55 8.09
C ILE A 189 -12.00 -2.81 7.38
N SER A 190 -10.69 -3.02 7.40
CA SER A 190 -10.05 -4.17 6.79
C SER A 190 -10.27 -5.47 7.59
N ALA A 191 -10.63 -5.33 8.86
CA ALA A 191 -10.80 -6.49 9.73
C ALA A 191 -12.27 -6.94 9.83
N THR A 192 -13.16 -6.22 9.16
CA THR A 192 -14.59 -6.50 9.24
C THR A 192 -15.12 -7.26 8.02
N GLN A 193 -15.84 -8.35 8.27
CA GLN A 193 -16.36 -9.19 7.19
C GLN A 193 -17.62 -8.63 6.55
N ILE A 194 -18.60 -8.23 7.37
CA ILE A 194 -19.81 -7.62 6.86
C ILE A 194 -19.79 -6.12 7.14
N ILE A 195 -19.73 -5.33 6.07
CA ILE A 195 -19.79 -3.88 6.17
C ILE A 195 -21.19 -3.40 5.81
N VAL A 196 -21.88 -2.82 6.79
CA VAL A 196 -23.19 -2.25 6.55
C VAL A 196 -23.02 -0.75 6.36
N CYS A 197 -23.70 -0.18 5.37
CA CYS A 197 -23.51 1.23 5.05
C CYS A 197 -24.47 1.76 4.00
N THR A 198 -24.46 3.07 3.81
CA THR A 198 -25.40 3.74 2.92
C THR A 198 -24.89 3.73 1.48
N PRO A 199 -25.80 3.91 0.50
CA PRO A 199 -25.40 3.96 -0.91
C PRO A 199 -24.31 4.98 -1.20
N GLU A 200 -24.48 6.19 -0.70
CA GLU A 200 -23.56 7.27 -1.02
C GLU A 200 -22.22 7.03 -0.33
N LYS A 201 -22.24 6.30 0.78
CA LYS A 201 -21.02 5.97 1.49
C LYS A 201 -20.18 4.98 0.70
N TRP A 202 -20.84 3.92 0.23
CA TRP A 202 -20.17 2.91 -0.58
C TRP A 202 -19.67 3.53 -1.89
N ASP A 203 -20.52 4.29 -2.57
CA ASP A 203 -20.12 5.08 -3.74
C ASP A 203 -18.85 5.87 -3.45
N ILE A 204 -18.83 6.59 -2.33
CA ILE A 204 -17.64 7.32 -1.90
C ILE A 204 -16.43 6.40 -1.81
N ILE A 205 -16.62 5.21 -1.23
CA ILE A 205 -15.49 4.29 -1.06
C ILE A 205 -14.96 3.82 -2.42
N THR A 206 -15.85 3.45 -3.33
CA THR A 206 -15.46 2.85 -4.60
C THR A 206 -15.11 3.89 -5.66
N ARG A 207 -15.26 5.17 -5.33
CA ARG A 207 -14.76 6.24 -6.18
C ARG A 207 -13.25 6.41 -6.01
N LYS A 208 -12.75 6.09 -4.82
CA LYS A 208 -11.39 6.46 -4.41
C LYS A 208 -10.28 5.89 -5.31
N GLY A 209 -10.59 4.84 -6.05
CA GLY A 209 -9.67 4.30 -7.04
C GLY A 209 -8.73 3.29 -6.42
N GLY A 210 -8.53 3.45 -5.11
CA GLY A 210 -7.87 2.44 -4.29
C GLY A 210 -8.99 1.62 -3.68
N GLU A 211 -10.15 1.71 -4.32
CA GLU A 211 -11.36 1.00 -3.95
C GLU A 211 -11.15 -0.50 -3.73
N ARG A 212 -10.35 -1.12 -4.59
CA ARG A 212 -10.24 -2.58 -4.57
C ARG A 212 -9.63 -3.13 -3.29
N THR A 213 -8.80 -2.34 -2.61
CA THR A 213 -8.24 -2.78 -1.33
C THR A 213 -9.38 -3.15 -0.39
N TYR A 214 -10.49 -2.41 -0.50
CA TYR A 214 -11.72 -2.77 0.19
C TYR A 214 -12.45 -3.89 -0.55
N THR A 215 -12.61 -3.73 -1.87
CA THR A 215 -13.58 -4.52 -2.62
C THR A 215 -13.03 -5.77 -3.32
N GLN A 216 -11.72 -6.00 -3.20
CA GLN A 216 -11.11 -7.18 -3.81
C GLN A 216 -11.69 -8.45 -3.21
N LEU A 217 -12.03 -8.36 -1.93
CA LEU A 217 -12.45 -9.52 -1.14
C LEU A 217 -13.97 -9.72 -1.13
N VAL A 218 -14.71 -8.79 -1.74
CA VAL A 218 -16.16 -8.83 -1.62
C VAL A 218 -16.75 -9.86 -2.57
N ARG A 219 -17.36 -10.90 -2.01
CA ARG A 219 -18.04 -11.91 -2.81
C ARG A 219 -19.54 -11.67 -2.92
N LEU A 220 -20.06 -10.78 -2.09
CA LEU A 220 -21.50 -10.62 -1.97
C LEU A 220 -21.90 -9.18 -1.71
N ILE A 221 -22.91 -8.71 -2.43
CA ILE A 221 -23.48 -7.39 -2.22
C ILE A 221 -24.99 -7.50 -2.06
N ILE A 222 -25.50 -6.91 -0.99
CA ILE A 222 -26.93 -6.91 -0.72
C ILE A 222 -27.47 -5.49 -0.72
N LEU A 223 -28.35 -5.21 -1.68
CA LEU A 223 -29.00 -3.92 -1.78
C LEU A 223 -30.34 -3.99 -1.07
N ASP A 224 -30.46 -3.23 0.01
CA ASP A 224 -31.68 -3.20 0.80
C ASP A 224 -32.55 -2.03 0.33
N GLU A 225 -33.86 -2.25 0.28
CA GLU A 225 -34.83 -1.24 -0.14
C GLU A 225 -34.43 -0.62 -1.47
N ILE A 226 -34.14 -1.47 -2.44
CA ILE A 226 -33.59 -1.02 -3.73
C ILE A 226 -34.59 -0.19 -4.54
N HIS A 227 -35.86 -0.16 -4.12
CA HIS A 227 -36.86 0.70 -4.77
C HIS A 227 -36.46 2.17 -4.66
N LEU A 228 -35.44 2.42 -3.83
CA LEU A 228 -34.80 3.71 -3.71
C LEU A 228 -34.36 4.26 -5.07
N LEU A 229 -34.25 3.37 -6.06
CA LEU A 229 -33.97 3.77 -7.43
C LEU A 229 -34.91 4.90 -7.92
N HIS A 230 -36.14 4.93 -7.41
CA HIS A 230 -37.10 5.92 -7.87
C HIS A 230 -36.80 7.29 -7.28
N ASP A 231 -36.18 7.27 -6.11
CA ASP A 231 -35.85 8.47 -5.36
C ASP A 231 -34.74 9.28 -6.05
N ASP A 232 -34.62 10.56 -5.69
CA ASP A 232 -33.54 11.40 -6.21
C ASP A 232 -32.16 10.82 -5.89
N ARG A 233 -32.06 10.07 -4.81
CA ARG A 233 -30.82 9.39 -4.46
C ARG A 233 -30.56 8.15 -5.33
N GLY A 234 -31.57 7.74 -6.10
CA GLY A 234 -31.50 6.56 -6.95
C GLY A 234 -30.30 6.39 -7.88
N PRO A 235 -29.91 7.48 -8.59
CA PRO A 235 -28.71 7.49 -9.42
C PRO A 235 -27.47 6.92 -8.74
N VAL A 236 -27.37 7.07 -7.43
CA VAL A 236 -26.19 6.56 -6.72
C VAL A 236 -26.23 5.04 -6.72
N LEU A 237 -27.41 4.47 -6.49
CA LEU A 237 -27.59 3.03 -6.60
C LEU A 237 -27.25 2.56 -8.00
N GLU A 238 -27.79 3.25 -9.00
CA GLU A 238 -27.49 2.92 -10.39
C GLU A 238 -25.98 2.85 -10.61
N ALA A 239 -25.30 3.94 -10.27
CA ALA A 239 -23.86 4.04 -10.44
C ALA A 239 -23.13 2.90 -9.73
N LEU A 240 -23.60 2.56 -8.54
CA LEU A 240 -22.99 1.51 -7.73
C LEU A 240 -23.05 0.17 -8.40
N VAL A 241 -24.26 -0.23 -8.78
CA VAL A 241 -24.49 -1.52 -9.40
C VAL A 241 -23.79 -1.61 -10.75
N ALA A 242 -23.90 -0.55 -11.54
CA ALA A 242 -23.18 -0.45 -12.80
C ALA A 242 -21.72 -0.76 -12.56
N ARG A 243 -21.13 -0.04 -11.61
CA ARG A 243 -19.71 -0.13 -11.29
C ARG A 243 -19.30 -1.54 -10.88
N ALA A 244 -20.11 -2.16 -10.02
CA ALA A 244 -19.79 -3.48 -9.47
C ALA A 244 -19.91 -4.57 -10.51
N ILE A 245 -20.97 -4.50 -11.33
CA ILE A 245 -21.18 -5.45 -12.42
C ILE A 245 -20.05 -5.39 -13.45
N ARG A 246 -19.76 -4.18 -13.91
CA ARG A 246 -18.63 -3.95 -14.80
C ARG A 246 -17.35 -4.50 -14.16
N ASN A 247 -17.24 -4.38 -12.84
CA ASN A 247 -16.10 -4.95 -12.12
C ASN A 247 -16.12 -6.47 -12.07
N ILE A 248 -17.32 -7.06 -12.19
CA ILE A 248 -17.45 -8.52 -12.19
C ILE A 248 -16.96 -9.05 -13.52
N GLU A 249 -17.32 -8.34 -14.59
CA GLU A 249 -16.79 -8.67 -15.90
C GLU A 249 -15.28 -8.48 -15.93
N MET A 250 -14.83 -7.32 -15.46
CA MET A 250 -13.42 -6.94 -15.55
C MET A 250 -12.49 -7.76 -14.66
N THR A 251 -12.93 -8.13 -13.46
CA THR A 251 -12.06 -8.91 -12.57
C THR A 251 -12.29 -10.42 -12.71
N GLN A 252 -13.36 -10.79 -13.41
CA GLN A 252 -13.75 -12.20 -13.61
C GLN A 252 -14.14 -12.88 -12.28
N GLU A 253 -13.95 -12.17 -11.17
CA GLU A 253 -14.41 -12.64 -9.87
C GLU A 253 -15.93 -12.51 -9.77
N ASP A 254 -16.60 -13.63 -9.51
CA ASP A 254 -18.06 -13.61 -9.43
C ASP A 254 -18.52 -13.03 -8.10
N VAL A 255 -19.39 -12.03 -8.18
CA VAL A 255 -19.95 -11.40 -6.98
C VAL A 255 -21.47 -11.46 -7.03
N ARG A 256 -22.06 -12.08 -6.01
CA ARG A 256 -23.50 -12.29 -5.98
C ARG A 256 -24.24 -11.01 -5.61
N LEU A 257 -25.27 -10.67 -6.39
CA LEU A 257 -26.12 -9.51 -6.07
C LEU A 257 -27.47 -9.96 -5.52
N ILE A 258 -27.84 -9.42 -4.37
CA ILE A 258 -29.19 -9.64 -3.85
C ILE A 258 -29.94 -8.30 -3.71
N GLY A 259 -30.94 -8.10 -4.56
CA GLY A 259 -31.83 -6.96 -4.41
C GLY A 259 -32.98 -7.29 -3.47
N LEU A 260 -33.34 -6.32 -2.64
CA LEU A 260 -34.49 -6.40 -1.76
C LEU A 260 -35.33 -5.16 -1.99
N SER A 261 -36.58 -5.33 -2.39
CA SER A 261 -37.38 -4.20 -2.83
C SER A 261 -38.80 -4.24 -2.32
N ALA A 262 -39.43 -3.07 -2.29
CA ALA A 262 -40.86 -2.96 -2.06
C ALA A 262 -41.59 -3.37 -3.32
N THR A 263 -42.88 -3.69 -3.21
CA THR A 263 -43.62 -4.15 -4.37
C THR A 263 -44.23 -2.93 -5.07
N LEU A 264 -43.67 -2.64 -6.23
CA LEU A 264 -44.04 -1.49 -7.05
C LEU A 264 -43.84 -1.89 -8.50
N PRO A 265 -44.48 -1.17 -9.44
CA PRO A 265 -44.32 -1.46 -10.87
C PRO A 265 -42.86 -1.41 -11.34
N ASN A 266 -42.58 -2.03 -12.49
CA ASN A 266 -41.26 -2.00 -13.12
C ASN A 266 -40.22 -2.89 -12.45
N TYR A 267 -40.60 -3.59 -11.37
CA TYR A 267 -39.63 -4.40 -10.61
C TYR A 267 -38.85 -5.39 -11.47
N GLU A 268 -39.46 -5.88 -12.55
CA GLU A 268 -38.75 -6.81 -13.43
C GLU A 268 -37.61 -6.09 -14.12
N ASP A 269 -37.79 -4.81 -14.41
CA ASP A 269 -36.73 -4.02 -15.01
C ASP A 269 -35.57 -3.89 -14.04
N VAL A 270 -35.90 -3.90 -12.75
CA VAL A 270 -34.89 -3.93 -11.70
C VAL A 270 -34.17 -5.27 -11.74
N ALA A 271 -34.93 -6.35 -11.95
CA ALA A 271 -34.34 -7.68 -12.10
C ALA A 271 -33.32 -7.71 -13.24
N THR A 272 -33.71 -7.15 -14.39
CA THR A 272 -32.80 -7.02 -15.54
C THR A 272 -31.55 -6.23 -15.15
N PHE A 273 -31.78 -5.10 -14.46
CA PHE A 273 -30.71 -4.23 -13.97
C PHE A 273 -29.70 -5.00 -13.12
N LEU A 274 -30.19 -5.97 -12.35
CA LEU A 274 -29.38 -6.71 -11.38
C LEU A 274 -28.82 -8.03 -11.88
N ARG A 275 -29.02 -8.33 -13.17
CA ARG A 275 -28.58 -9.59 -13.77
C ARG A 275 -29.29 -10.77 -13.13
N VAL A 276 -30.57 -10.59 -12.84
CA VAL A 276 -31.40 -11.65 -12.26
C VAL A 276 -32.13 -12.39 -13.38
N ASP A 277 -32.19 -13.71 -13.26
CA ASP A 277 -32.97 -14.53 -14.17
C ASP A 277 -34.44 -14.54 -13.73
N PRO A 278 -35.33 -14.01 -14.60
CA PRO A 278 -36.76 -13.94 -14.25
C PRO A 278 -37.36 -15.31 -13.90
N ALA A 279 -36.73 -16.37 -14.39
CA ALA A 279 -37.25 -17.71 -14.17
C ALA A 279 -36.58 -18.40 -12.99
N LYS A 280 -35.60 -17.76 -12.39
CA LYS A 280 -34.76 -18.39 -11.38
C LYS A 280 -34.71 -17.66 -10.04
N GLY A 281 -34.20 -16.42 -10.06
CA GLY A 281 -34.02 -15.66 -8.83
C GLY A 281 -34.98 -14.50 -8.58
N LEU A 282 -36.00 -14.36 -9.43
CA LEU A 282 -36.97 -13.28 -9.32
C LEU A 282 -38.22 -13.71 -8.55
N PHE A 283 -38.49 -13.06 -7.43
CA PHE A 283 -39.61 -13.43 -6.57
C PHE A 283 -40.49 -12.22 -6.23
N TYR A 284 -41.78 -12.32 -6.53
CA TYR A 284 -42.70 -11.22 -6.26
C TYR A 284 -43.90 -11.68 -5.42
N PHE A 285 -44.05 -11.08 -4.24
CA PHE A 285 -45.19 -11.38 -3.37
C PHE A 285 -46.10 -10.16 -3.25
N ASP A 286 -47.37 -10.30 -3.62
CA ASP A 286 -48.32 -9.20 -3.49
C ASP A 286 -48.67 -8.94 -2.02
N ASN A 287 -49.57 -7.99 -1.76
CA ASN A 287 -49.87 -7.54 -0.40
C ASN A 287 -50.49 -8.59 0.50
N SER A 288 -50.89 -9.72 -0.09
CA SER A 288 -51.49 -10.81 0.66
C SER A 288 -50.46 -11.60 1.46
N PHE A 289 -49.17 -11.31 1.20
CA PHE A 289 -48.09 -11.97 1.91
C PHE A 289 -47.59 -11.17 3.10
N ARG A 290 -48.21 -10.01 3.33
CA ARG A 290 -47.90 -9.24 4.52
C ARG A 290 -48.20 -10.09 5.75
N PRO A 291 -47.27 -10.11 6.72
CA PRO A 291 -47.39 -10.95 7.92
C PRO A 291 -48.62 -10.61 8.76
N VAL A 292 -48.90 -9.31 8.91
CA VAL A 292 -50.14 -8.84 9.53
C VAL A 292 -50.98 -8.07 8.51
N PRO A 293 -52.15 -8.62 8.11
CA PRO A 293 -53.03 -7.98 7.13
C PRO A 293 -53.42 -6.57 7.53
N LEU A 294 -53.45 -5.65 6.57
CA LEU A 294 -53.52 -4.24 6.93
C LEU A 294 -54.80 -3.52 6.49
N GLU A 295 -55.56 -3.01 7.45
CA GLU A 295 -56.65 -2.08 7.15
C GLU A 295 -56.09 -0.67 7.01
N GLN A 296 -56.33 -0.07 5.85
CA GLN A 296 -55.77 1.22 5.50
C GLN A 296 -56.83 2.31 5.40
N THR A 297 -56.48 3.48 5.92
CA THR A 297 -57.34 4.65 5.92
C THR A 297 -56.56 5.84 5.36
N TYR A 298 -57.07 6.44 4.29
CA TYR A 298 -56.40 7.57 3.65
C TYR A 298 -57.21 8.85 3.80
N VAL A 299 -56.73 9.74 4.65
CA VAL A 299 -57.38 11.03 4.90
C VAL A 299 -56.73 12.12 4.08
N GLY A 300 -57.53 13.03 3.54
CA GLY A 300 -56.94 14.17 2.86
C GLY A 300 -57.81 15.41 3.02
N ILE A 301 -57.17 16.58 2.98
CA ILE A 301 -57.82 17.79 3.44
C ILE A 301 -58.34 18.63 2.29
N THR A 302 -59.63 18.96 2.33
CA THR A 302 -60.30 19.65 1.25
C THR A 302 -59.63 20.97 0.87
N GLU A 303 -59.61 21.92 1.80
CA GLU A 303 -59.09 23.23 1.44
C GLU A 303 -58.00 23.79 2.37
N LYS A 304 -57.56 24.99 2.00
CA LYS A 304 -56.21 25.46 2.28
C LYS A 304 -55.97 26.31 3.52
N LYS A 305 -56.98 26.50 4.38
CA LYS A 305 -56.81 27.57 5.35
C LYS A 305 -56.16 27.12 6.66
N ALA A 306 -54.88 27.46 6.78
CA ALA A 306 -54.18 27.72 8.04
C ALA A 306 -54.49 26.80 9.23
N ILE A 307 -54.73 27.46 10.36
CA ILE A 307 -54.99 26.81 11.64
C ILE A 307 -56.30 26.02 11.58
N LYS A 308 -57.19 26.41 10.66
CA LYS A 308 -58.42 25.65 10.45
C LYS A 308 -58.04 24.27 9.89
N ARG A 309 -57.09 24.27 8.95
CA ARG A 309 -56.57 23.05 8.37
C ARG A 309 -55.86 22.20 9.43
N PHE A 310 -55.01 22.83 10.23
CA PHE A 310 -54.26 22.11 11.27
C PHE A 310 -55.16 21.55 12.36
N GLN A 311 -56.18 22.30 12.73
CA GLN A 311 -57.14 21.85 13.73
C GLN A 311 -57.98 20.71 13.15
N ILE A 312 -58.25 20.77 11.84
CA ILE A 312 -58.94 19.67 11.18
C ILE A 312 -58.10 18.42 11.34
N MET A 313 -56.81 18.54 11.04
CA MET A 313 -55.86 17.44 11.18
C MET A 313 -55.86 16.83 12.59
N ASN A 314 -55.76 17.69 13.61
CA ASN A 314 -55.76 17.23 14.99
C ASN A 314 -57.09 16.58 15.42
N GLU A 315 -58.19 17.09 14.89
CA GLU A 315 -59.49 16.48 15.09
C GLU A 315 -59.52 15.06 14.53
N ILE A 316 -58.99 14.91 13.30
CA ILE A 316 -58.87 13.60 12.68
C ILE A 316 -58.14 12.67 13.62
N VAL A 317 -56.95 13.10 14.04
CA VAL A 317 -56.13 12.30 14.95
C VAL A 317 -56.92 11.86 16.19
N TYR A 318 -57.62 12.79 16.83
CA TYR A 318 -58.43 12.44 17.98
C TYR A 318 -59.45 11.35 17.64
N GLU A 319 -60.28 11.62 16.63
CA GLU A 319 -61.34 10.69 16.25
C GLU A 319 -60.79 9.29 16.05
N LYS A 320 -59.61 9.22 15.44
CA LYS A 320 -59.02 7.94 15.07
C LYS A 320 -58.34 7.20 16.24
N ILE A 321 -57.86 7.94 17.24
CA ILE A 321 -57.30 7.28 18.41
C ILE A 321 -58.37 6.54 19.20
N MET A 322 -59.52 7.17 19.37
CA MET A 322 -60.55 6.69 20.31
C MET A 322 -61.15 5.33 19.92
N GLU A 323 -61.03 4.96 18.66
CA GLU A 323 -61.49 3.65 18.20
C GLU A 323 -60.68 2.56 18.90
N HIS A 324 -59.58 2.98 19.54
CA HIS A 324 -58.85 2.14 20.48
C HIS A 324 -58.83 2.82 21.86
N ALA A 325 -59.56 2.24 22.80
CA ALA A 325 -59.74 2.81 24.13
C ALA A 325 -58.93 2.02 25.15
N GLY A 326 -59.24 0.73 25.25
CA GLY A 326 -58.55 -0.18 26.14
C GLY A 326 -57.28 -0.59 25.43
N LYS A 327 -56.79 -1.81 25.63
CA LYS A 327 -55.44 -2.07 25.16
C LYS A 327 -55.39 -2.24 23.64
N ASN A 328 -54.78 -1.24 23.02
CA ASN A 328 -54.29 -1.22 21.65
C ASN A 328 -53.18 -0.17 21.68
N GLN A 329 -52.13 -0.36 20.89
CA GLN A 329 -51.05 0.62 20.89
C GLN A 329 -51.12 1.48 19.63
N VAL A 330 -50.92 2.78 19.80
CA VAL A 330 -50.95 3.69 18.66
C VAL A 330 -49.59 4.38 18.48
N LEU A 331 -49.09 4.37 17.25
CA LEU A 331 -47.84 5.04 16.92
C LEU A 331 -48.11 6.19 15.96
N VAL A 332 -47.79 7.41 16.41
CA VAL A 332 -48.06 8.59 15.59
C VAL A 332 -46.76 9.17 15.04
N PHE A 333 -46.76 9.46 13.74
CA PHE A 333 -45.58 10.00 13.07
C PHE A 333 -45.79 11.46 12.67
N VAL A 334 -44.87 12.27 13.14
CA VAL A 334 -44.88 13.71 12.91
C VAL A 334 -43.55 14.10 12.28
N HIS A 335 -43.54 15.24 11.60
CA HIS A 335 -42.43 15.58 10.71
C HIS A 335 -41.34 16.45 11.35
N SER A 336 -41.51 16.76 12.62
CA SER A 336 -40.52 17.60 13.31
C SER A 336 -40.30 17.14 14.74
N ARG A 337 -39.08 17.33 15.24
CA ARG A 337 -38.74 17.01 16.62
C ARG A 337 -39.57 17.85 17.60
N LYS A 338 -40.09 18.97 17.10
CA LYS A 338 -40.98 19.83 17.86
C LYS A 338 -42.41 19.30 17.88
N GLU A 339 -42.81 18.67 16.77
CA GLU A 339 -44.21 18.37 16.51
C GLU A 339 -44.75 17.20 17.33
N THR A 340 -43.85 16.42 17.93
CA THR A 340 -44.27 15.37 18.85
C THR A 340 -45.04 16.01 19.99
N GLY A 341 -44.38 16.96 20.65
CA GLY A 341 -44.95 17.75 21.72
C GLY A 341 -46.20 18.50 21.31
N LYS A 342 -46.15 19.19 20.17
CA LYS A 342 -47.30 20.00 19.72
C LYS A 342 -48.52 19.15 19.36
N THR A 343 -48.30 17.94 18.85
CA THR A 343 -49.42 17.07 18.48
C THR A 343 -50.01 16.38 19.71
N ALA A 344 -49.15 15.90 20.61
CA ALA A 344 -49.62 15.38 21.90
C ALA A 344 -50.32 16.50 22.70
N ARG A 345 -49.89 17.74 22.44
CA ARG A 345 -50.48 18.93 23.03
C ARG A 345 -51.87 19.19 22.49
N ALA A 346 -52.02 19.14 21.16
CA ALA A 346 -53.32 19.44 20.54
C ALA A 346 -54.33 18.35 20.84
N ILE A 347 -53.86 17.11 20.98
CA ILE A 347 -54.80 16.05 21.35
C ILE A 347 -55.16 16.16 22.83
N ARG A 348 -54.17 16.40 23.70
CA ARG A 348 -54.46 16.51 25.14
C ARG A 348 -55.34 17.73 25.37
N ASP A 349 -55.29 18.68 24.43
CA ASP A 349 -56.13 19.86 24.47
C ASP A 349 -57.54 19.57 23.96
N MET A 350 -57.70 18.79 22.90
CA MET A 350 -59.06 18.44 22.46
C MET A 350 -59.61 17.12 23.01
N CYS A 351 -58.76 16.25 23.55
CA CYS A 351 -59.25 15.00 24.11
C CYS A 351 -59.74 15.18 25.54
N LEU A 352 -58.98 15.95 26.32
CA LEU A 352 -59.31 16.14 27.73
C LEU A 352 -60.12 17.42 28.03
N GLU A 353 -60.36 18.24 27.01
CA GLU A 353 -61.15 19.46 27.18
C GLU A 353 -62.65 19.21 27.14
N LYS A 354 -63.11 18.29 26.28
CA LYS A 354 -64.54 18.04 26.23
C LYS A 354 -64.83 16.80 27.06
N ASP A 355 -65.37 17.04 28.26
CA ASP A 355 -65.73 16.00 29.23
C ASP A 355 -64.70 14.87 29.35
N THR A 356 -63.40 15.23 29.27
CA THR A 356 -62.30 14.26 29.30
C THR A 356 -62.57 13.01 28.46
N LEU A 357 -62.64 13.19 27.14
CA LEU A 357 -62.91 12.10 26.21
C LEU A 357 -61.87 10.99 26.29
N GLY A 358 -62.35 9.76 26.35
CA GLY A 358 -61.50 8.58 26.33
C GLY A 358 -60.41 8.60 27.39
N LEU A 359 -60.65 9.35 28.47
CA LEU A 359 -59.66 9.49 29.53
C LEU A 359 -59.29 8.13 30.10
N PHE A 360 -58.06 8.00 30.57
CA PHE A 360 -57.52 6.74 31.04
C PHE A 360 -57.58 5.69 29.92
N LEU A 361 -56.73 5.87 28.91
CA LEU A 361 -56.52 4.85 27.88
C LEU A 361 -56.07 3.57 28.57
N ARG A 362 -55.26 3.74 29.61
CA ARG A 362 -54.95 2.66 30.51
C ARG A 362 -56.10 2.50 31.50
N GLU A 363 -56.73 1.32 31.50
CA GLU A 363 -57.89 1.07 32.35
C GLU A 363 -57.37 0.68 33.74
N GLY A 364 -56.06 0.78 33.87
CA GLY A 364 -55.36 0.47 35.09
C GLY A 364 -55.34 1.66 36.03
N SER A 365 -56.35 2.53 35.96
CA SER A 365 -56.42 3.71 36.81
C SER A 365 -56.39 3.33 38.29
N ALA A 366 -56.54 2.04 38.56
CA ALA A 366 -56.29 1.42 39.85
C ALA A 366 -54.83 0.93 39.97
N SER A 367 -53.99 1.39 39.04
CA SER A 367 -52.56 1.04 38.93
C SER A 367 -52.24 -0.41 38.55
N THR A 368 -52.49 -0.76 37.29
CA THR A 368 -51.98 -2.01 36.73
C THR A 368 -50.52 -1.85 36.28
N GLU A 369 -50.35 -1.19 35.13
CA GLU A 369 -49.04 -0.86 34.61
C GLU A 369 -48.68 0.58 34.95
N VAL A 370 -49.59 1.24 35.68
CA VAL A 370 -49.39 2.62 36.09
C VAL A 370 -48.23 2.74 37.07
N LEU A 371 -48.05 1.74 37.93
CA LEU A 371 -46.97 1.77 38.91
C LEU A 371 -45.60 1.54 38.24
N ARG A 372 -45.58 0.88 37.09
CA ARG A 372 -44.32 0.70 36.37
C ARG A 372 -43.97 1.97 35.58
N THR A 373 -44.98 2.63 35.02
CA THR A 373 -44.76 3.88 34.28
C THR A 373 -44.66 5.12 35.19
N GLU A 374 -45.22 5.02 36.40
CA GLU A 374 -45.09 6.12 37.37
C GLU A 374 -43.73 6.07 38.06
N ALA A 375 -43.16 4.87 38.12
CA ALA A 375 -41.82 4.70 38.69
C ALA A 375 -40.75 5.14 37.70
N GLU A 376 -41.09 5.15 36.42
CA GLU A 376 -40.14 5.52 35.36
C GLU A 376 -40.19 7.01 35.02
N GLN A 377 -41.15 7.71 35.60
CA GLN A 377 -41.36 9.14 35.33
C GLN A 377 -40.13 10.00 35.55
N CYS A 378 -39.19 9.54 36.37
CA CYS A 378 -38.09 10.42 36.73
C CYS A 378 -37.15 10.46 35.53
N LYS A 379 -37.11 11.65 34.92
CA LYS A 379 -36.62 11.87 33.56
C LYS A 379 -36.95 13.30 33.19
N ASN A 380 -36.54 13.73 32.00
CA ASN A 380 -36.68 15.13 31.65
C ASN A 380 -37.68 15.42 30.52
N LEU A 381 -37.74 16.70 30.16
CA LEU A 381 -38.57 17.23 29.08
C LEU A 381 -40.05 16.91 29.24
N GLU A 382 -40.70 16.62 28.10
CA GLU A 382 -42.13 16.36 28.09
C GLU A 382 -42.42 14.90 28.39
N LEU A 383 -41.35 14.14 28.60
CA LEU A 383 -41.48 12.72 28.91
C LEU A 383 -42.14 12.55 30.26
N LYS A 384 -41.64 13.27 31.27
CA LYS A 384 -42.17 13.21 32.62
C LYS A 384 -43.66 13.58 32.69
N ASP A 385 -44.06 14.52 31.84
CA ASP A 385 -45.46 14.97 31.77
C ASP A 385 -46.40 13.87 31.24
N LEU A 386 -46.04 13.29 30.10
CA LEU A 386 -46.91 12.34 29.43
C LEU A 386 -46.84 10.91 29.99
N LEU A 387 -45.72 10.55 30.61
CA LEU A 387 -45.44 9.17 31.06
C LEU A 387 -46.38 8.51 32.09
N PRO A 388 -46.94 9.28 33.06
CA PRO A 388 -47.88 8.61 33.98
C PRO A 388 -49.15 8.10 33.29
N TYR A 389 -49.56 8.77 32.22
CA TYR A 389 -50.61 8.24 31.35
C TYR A 389 -49.95 7.36 30.31
N GLY A 390 -50.72 6.86 29.36
CA GLY A 390 -50.20 5.91 28.39
C GLY A 390 -49.34 6.51 27.30
N PHE A 391 -48.93 7.76 27.50
CA PHE A 391 -48.30 8.56 26.46
C PHE A 391 -46.78 8.61 26.57
N ALA A 392 -46.09 8.67 25.43
CA ALA A 392 -44.66 8.96 25.42
C ALA A 392 -44.18 9.56 24.09
N ILE A 393 -42.90 9.92 24.06
CA ILE A 393 -42.31 10.60 22.91
C ILE A 393 -40.94 10.01 22.56
N HIS A 394 -40.68 9.90 21.26
CA HIS A 394 -39.39 9.41 20.78
C HIS A 394 -38.94 10.24 19.58
N HIS A 395 -37.81 10.93 19.68
CA HIS A 395 -37.44 11.80 18.56
C HIS A 395 -35.94 12.05 18.38
N ALA A 396 -35.64 12.79 17.32
CA ALA A 396 -34.27 13.06 16.88
C ALA A 396 -33.71 14.31 17.58
N GLY A 397 -34.48 14.83 18.52
CA GLY A 397 -34.06 15.98 19.32
C GLY A 397 -33.13 15.56 20.44
N MET A 398 -32.56 14.36 20.32
CA MET A 398 -31.49 13.86 21.19
C MET A 398 -31.88 13.74 22.66
N THR A 399 -32.73 12.79 22.98
CA THR A 399 -33.04 12.49 24.38
C THR A 399 -32.19 11.34 24.93
N ARG A 400 -31.39 10.73 24.07
CA ARG A 400 -30.43 9.69 24.45
C ARG A 400 -31.02 8.50 25.21
N VAL A 401 -30.58 8.29 26.44
CA VAL A 401 -31.01 7.12 27.25
C VAL A 401 -32.54 6.99 27.41
N ASP A 402 -33.20 8.14 27.54
CA ASP A 402 -34.65 8.22 27.64
C ASP A 402 -35.33 7.61 26.41
N ARG A 403 -34.70 7.75 25.25
CA ARG A 403 -35.19 7.11 24.03
C ARG A 403 -35.24 5.59 24.19
N THR A 404 -34.15 5.03 24.69
CA THR A 404 -34.05 3.59 24.89
C THR A 404 -35.09 3.11 25.90
N LEU A 405 -35.29 3.87 26.98
CA LEU A 405 -36.29 3.43 27.95
C LEU A 405 -37.72 3.57 27.40
N VAL A 406 -37.98 4.61 26.61
CA VAL A 406 -39.27 4.73 25.94
C VAL A 406 -39.51 3.53 25.04
N GLU A 407 -38.47 3.13 24.31
CA GLU A 407 -38.51 1.94 23.48
C GLU A 407 -38.90 0.69 24.28
N ASP A 408 -38.16 0.44 25.35
CA ASP A 408 -38.42 -0.72 26.20
C ASP A 408 -39.84 -0.71 26.77
N LEU A 409 -40.30 0.46 27.21
CA LEU A 409 -41.62 0.58 27.83
C LEU A 409 -42.75 0.41 26.81
N PHE A 410 -42.51 0.80 25.56
CA PHE A 410 -43.51 0.58 24.53
C PHE A 410 -43.50 -0.88 24.08
N ALA A 411 -42.35 -1.52 24.17
CA ALA A 411 -42.22 -2.93 23.78
C ALA A 411 -42.96 -3.88 24.73
N ASP A 412 -43.00 -3.52 26.01
CA ASP A 412 -43.68 -4.34 27.02
C ASP A 412 -45.17 -4.01 27.09
N LYS A 413 -45.61 -3.13 26.18
CA LYS A 413 -47.02 -2.72 26.11
C LYS A 413 -47.46 -1.99 27.38
N HIS A 414 -46.62 -1.07 27.83
CA HIS A 414 -47.00 -0.15 28.88
C HIS A 414 -47.44 1.15 28.25
N ILE A 415 -46.53 1.80 27.54
CA ILE A 415 -46.87 2.98 26.75
C ILE A 415 -47.98 2.63 25.75
N GLN A 416 -49.06 3.39 25.79
CA GLN A 416 -50.19 3.16 24.90
C GLN A 416 -50.07 4.00 23.64
N VAL A 417 -50.09 5.32 23.81
CA VAL A 417 -49.92 6.23 22.67
C VAL A 417 -48.49 6.79 22.66
N LEU A 418 -47.79 6.56 21.55
CA LEU A 418 -46.41 7.02 21.41
C LEU A 418 -46.25 7.88 20.15
N VAL A 419 -45.79 9.12 20.32
CA VAL A 419 -45.53 9.96 19.16
C VAL A 419 -44.04 10.01 18.89
N SER A 420 -43.68 9.92 17.62
CA SER A 420 -42.28 9.83 17.24
C SER A 420 -41.99 10.35 15.84
N THR A 421 -40.71 10.27 15.48
CA THR A 421 -40.23 10.73 14.20
C THR A 421 -39.80 9.51 13.41
N ALA A 422 -39.79 9.64 12.08
CA ALA A 422 -39.57 8.50 11.18
C ALA A 422 -38.31 7.71 11.54
N THR A 423 -37.35 8.40 12.13
CA THR A 423 -36.09 7.82 12.56
C THR A 423 -36.32 6.60 13.45
N LEU A 424 -37.47 6.55 14.10
CA LEU A 424 -37.84 5.37 14.88
C LEU A 424 -38.21 4.21 13.96
N ALA A 425 -38.99 4.51 12.92
CA ALA A 425 -39.41 3.49 11.97
C ALA A 425 -38.21 2.85 11.30
N TRP A 426 -37.21 3.67 10.98
CA TRP A 426 -35.98 3.13 10.38
C TRP A 426 -35.00 2.52 11.39
N GLY A 427 -34.91 3.11 12.56
CA GLY A 427 -33.85 2.78 13.51
C GLY A 427 -33.97 1.47 14.27
N VAL A 428 -35.14 1.23 14.85
CA VAL A 428 -35.34 0.06 15.68
C VAL A 428 -36.71 -0.52 15.35
N ASN A 429 -36.88 -1.81 15.57
CA ASN A 429 -38.14 -2.43 15.20
C ASN A 429 -39.10 -2.45 16.38
N LEU A 430 -40.10 -1.57 16.31
CA LEU A 430 -41.19 -1.58 17.28
C LEU A 430 -42.52 -1.25 16.57
N PRO A 431 -43.16 -2.27 16.01
CA PRO A 431 -44.45 -2.07 15.35
C PRO A 431 -45.56 -1.76 16.34
N ALA A 432 -46.56 -0.99 15.93
CA ALA A 432 -47.77 -0.85 16.75
C ALA A 432 -48.95 -1.57 16.10
N HIS A 433 -50.08 -1.57 16.77
CA HIS A 433 -51.32 -2.10 16.20
C HIS A 433 -51.83 -1.14 15.13
N THR A 434 -51.83 0.15 15.47
CA THR A 434 -52.30 1.17 14.53
C THR A 434 -51.27 2.29 14.41
N VAL A 435 -51.07 2.77 13.18
CA VAL A 435 -50.07 3.79 12.90
C VAL A 435 -50.64 4.97 12.12
N ILE A 436 -50.56 6.16 12.71
CA ILE A 436 -51.10 7.37 12.09
C ILE A 436 -50.00 8.34 11.66
N ILE A 437 -49.96 8.68 10.37
CA ILE A 437 -49.00 9.65 9.84
C ILE A 437 -49.68 11.00 9.59
N LYS A 438 -49.16 12.05 10.23
CA LYS A 438 -49.80 13.36 10.17
C LYS A 438 -49.21 14.30 9.12
N GLY A 439 -49.97 14.57 8.06
CA GLY A 439 -49.74 15.71 7.17
C GLY A 439 -48.88 15.59 5.91
N THR A 440 -47.96 14.63 5.89
CA THR A 440 -47.06 14.38 4.74
C THR A 440 -46.34 15.59 4.15
N GLN A 441 -46.03 16.58 4.99
CA GLN A 441 -45.29 17.77 4.55
C GLN A 441 -44.00 17.90 5.36
N VAL A 442 -42.87 18.02 4.66
CA VAL A 442 -41.59 18.07 5.37
C VAL A 442 -40.70 19.18 4.81
N TYR A 443 -39.82 19.72 5.64
CA TYR A 443 -38.91 20.77 5.19
C TYR A 443 -37.62 20.18 4.59
N SER A 444 -37.41 20.50 3.32
CA SER A 444 -36.22 20.09 2.59
C SER A 444 -35.28 21.27 2.42
N PRO A 445 -34.16 21.23 3.18
CA PRO A 445 -33.06 22.20 3.15
C PRO A 445 -32.42 22.34 1.77
N GLU A 446 -32.21 21.21 1.08
CA GLU A 446 -31.54 21.24 -0.21
C GLU A 446 -32.45 21.80 -1.31
N LYS A 447 -33.75 21.52 -1.21
CA LYS A 447 -34.71 22.17 -2.09
C LYS A 447 -35.00 23.57 -1.56
N GLY A 448 -34.72 23.78 -0.28
CA GLY A 448 -34.92 25.06 0.35
C GLY A 448 -36.39 25.33 0.60
N ARG A 449 -37.23 24.32 0.36
CA ARG A 449 -38.67 24.50 0.42
C ARG A 449 -39.31 23.50 1.36
N TRP A 450 -40.64 23.52 1.41
CA TRP A 450 -41.40 22.43 1.99
C TRP A 450 -41.90 21.56 0.85
N THR A 451 -41.69 20.25 0.97
CA THR A 451 -42.17 19.34 -0.08
C THR A 451 -42.83 18.09 0.47
N GLU A 452 -43.32 17.27 -0.45
CA GLU A 452 -44.01 16.04 -0.12
C GLU A 452 -43.03 14.94 0.24
N LEU A 453 -43.31 14.28 1.36
CA LEU A 453 -42.40 13.31 1.97
C LEU A 453 -41.98 12.18 1.02
N GLY A 454 -40.76 11.69 1.22
CA GLY A 454 -40.21 10.64 0.38
C GLY A 454 -40.93 9.30 0.50
N ALA A 455 -41.11 8.65 -0.64
CA ALA A 455 -41.84 7.38 -0.70
C ALA A 455 -41.28 6.33 0.25
N LEU A 456 -39.95 6.30 0.39
CA LEU A 456 -39.30 5.31 1.26
C LEU A 456 -39.72 5.46 2.72
N ASP A 457 -39.84 6.71 3.16
CA ASP A 457 -40.26 7.01 4.53
C ASP A 457 -41.68 6.52 4.77
N ILE A 458 -42.61 6.87 3.87
CA ILE A 458 -43.99 6.41 3.98
C ILE A 458 -44.02 4.88 4.07
N LEU A 459 -43.33 4.22 3.15
CA LEU A 459 -43.29 2.76 3.14
C LEU A 459 -42.80 2.17 4.46
N GLN A 460 -41.66 2.64 4.94
CA GLN A 460 -41.09 2.11 6.18
C GLN A 460 -42.00 2.38 7.38
N MET A 461 -42.72 3.50 7.33
CA MET A 461 -43.59 3.90 8.45
C MET A 461 -44.88 3.07 8.50
N LEU A 462 -45.70 3.13 7.44
CA LEU A 462 -46.88 2.26 7.38
C LEU A 462 -46.50 0.78 7.52
N GLY A 463 -45.24 0.46 7.23
CA GLY A 463 -44.73 -0.89 7.40
C GLY A 463 -44.60 -1.31 8.84
N ARG A 464 -44.86 -0.39 9.76
CA ARG A 464 -44.83 -0.69 11.18
C ARG A 464 -46.21 -1.01 11.74
N ALA A 465 -47.23 -0.93 10.89
CA ALA A 465 -48.58 -1.20 11.34
C ALA A 465 -48.81 -2.70 11.54
N GLY A 466 -49.32 -3.06 12.71
CA GLY A 466 -49.62 -4.43 13.08
C GLY A 466 -48.41 -5.13 13.68
N ARG A 467 -48.65 -5.97 14.68
CA ARG A 467 -47.54 -6.62 15.39
C ARG A 467 -47.52 -8.10 15.08
N PRO A 468 -46.38 -8.59 14.56
CA PRO A 468 -46.29 -9.93 13.97
C PRO A 468 -46.82 -11.06 14.86
N GLN A 469 -46.43 -11.10 16.13
CA GLN A 469 -46.99 -12.13 17.00
C GLN A 469 -48.20 -11.70 17.83
N TYR A 470 -48.41 -10.39 17.97
CA TYR A 470 -49.47 -9.90 18.87
C TYR A 470 -50.77 -9.42 18.20
N ASP A 471 -50.84 -9.42 16.87
CA ASP A 471 -52.01 -8.86 16.18
C ASP A 471 -52.47 -9.67 14.97
N THR A 472 -53.78 -9.92 14.90
CA THR A 472 -54.36 -10.58 13.73
C THR A 472 -54.57 -9.55 12.61
N LYS A 473 -54.84 -8.31 13.00
CA LYS A 473 -55.04 -7.24 12.03
C LYS A 473 -54.32 -5.95 12.42
N GLY A 474 -53.65 -5.33 11.46
CA GLY A 474 -53.06 -4.02 11.67
C GLY A 474 -53.93 -2.93 11.07
N GLU A 475 -53.66 -1.70 11.46
CA GLU A 475 -54.41 -0.55 10.95
C GLU A 475 -53.47 0.62 10.74
N GLY A 476 -53.70 1.40 9.69
CA GLY A 476 -52.90 2.61 9.52
C GLY A 476 -53.64 3.72 8.81
N ILE A 477 -53.27 4.96 9.12
CA ILE A 477 -53.99 6.13 8.65
C ILE A 477 -53.01 7.16 8.13
N LEU A 478 -53.23 7.62 6.91
CA LEU A 478 -52.34 8.59 6.29
C LEU A 478 -53.07 9.88 6.03
N ILE A 479 -52.72 10.92 6.79
CA ILE A 479 -53.36 12.22 6.63
C ILE A 479 -52.51 13.11 5.73
N THR A 480 -53.13 13.72 4.74
CA THR A 480 -52.39 14.52 3.76
C THR A 480 -53.29 15.59 3.15
N SER A 481 -52.76 16.38 2.23
CA SER A 481 -53.60 17.31 1.49
C SER A 481 -54.25 16.58 0.31
N HIS A 482 -55.46 17.00 -0.04
CA HIS A 482 -56.24 16.31 -1.08
C HIS A 482 -55.61 16.38 -2.46
N GLY A 483 -55.26 17.59 -2.89
CA GLY A 483 -54.80 17.84 -4.24
C GLY A 483 -53.53 17.12 -4.68
N GLU A 484 -53.65 16.40 -5.80
CA GLU A 484 -52.53 15.78 -6.51
C GLU A 484 -51.77 14.79 -5.62
N LEU A 485 -52.41 14.35 -4.54
CA LEU A 485 -51.84 13.38 -3.61
C LEU A 485 -52.40 11.94 -3.71
N GLN A 486 -53.16 11.66 -4.77
CA GLN A 486 -53.55 10.30 -5.14
C GLN A 486 -52.31 9.40 -5.24
N TYR A 487 -51.16 10.05 -5.32
CA TYR A 487 -49.84 9.45 -5.30
C TYR A 487 -49.63 8.39 -4.20
N TYR A 488 -50.16 8.64 -3.01
CA TYR A 488 -49.90 7.75 -1.86
C TYR A 488 -50.68 6.45 -1.94
N LEU A 489 -51.90 6.54 -2.45
CA LEU A 489 -52.69 5.36 -2.72
C LEU A 489 -51.96 4.48 -3.74
N SER A 490 -51.39 5.13 -4.74
CA SER A 490 -50.56 4.44 -5.72
C SER A 490 -49.40 3.75 -5.02
N LEU A 491 -48.73 4.48 -4.14
CA LEU A 491 -47.52 3.99 -3.48
C LEU A 491 -47.74 2.78 -2.58
N LEU A 492 -48.76 2.81 -1.72
CA LEU A 492 -48.93 1.75 -0.74
C LEU A 492 -49.69 0.54 -1.27
N ASN A 493 -50.34 0.72 -2.42
CA ASN A 493 -51.09 -0.33 -3.11
C ASN A 493 -50.37 -0.99 -4.30
N GLN A 494 -49.07 -0.76 -4.40
CA GLN A 494 -48.17 -1.32 -5.44
C GLN A 494 -48.35 -0.76 -6.85
N GLN A 495 -48.92 0.43 -6.99
CA GLN A 495 -49.08 1.04 -8.30
C GLN A 495 -48.11 2.17 -8.70
N LEU A 496 -47.18 2.55 -7.81
CA LEU A 496 -46.28 3.68 -8.13
C LEU A 496 -44.98 3.21 -8.78
N PRO A 497 -44.82 3.51 -10.08
CA PRO A 497 -43.73 2.94 -10.89
C PRO A 497 -42.33 3.45 -10.52
N ILE A 498 -41.37 2.55 -10.51
CA ILE A 498 -39.97 2.89 -10.27
C ILE A 498 -39.30 3.33 -11.56
N GLU A 499 -38.80 4.56 -11.58
CA GLU A 499 -38.16 5.09 -12.77
C GLU A 499 -36.69 5.42 -12.51
N SER A 500 -36.05 6.04 -13.48
CA SER A 500 -34.64 6.39 -13.38
C SER A 500 -34.46 7.91 -13.31
N GLN A 501 -33.77 8.36 -12.27
CA GLN A 501 -33.50 9.77 -12.09
C GLN A 501 -32.12 10.11 -12.63
N MET A 502 -31.48 9.12 -13.23
CA MET A 502 -30.09 9.21 -13.69
C MET A 502 -29.77 10.45 -14.52
N VAL A 503 -30.78 10.98 -15.21
CA VAL A 503 -30.57 12.16 -16.05
C VAL A 503 -30.30 13.42 -15.23
N SER A 504 -30.86 13.49 -14.03
CA SER A 504 -30.60 14.62 -13.12
C SER A 504 -29.12 14.71 -12.80
N LYS A 505 -28.57 13.59 -12.33
CA LYS A 505 -27.22 13.50 -11.80
C LYS A 505 -26.16 13.05 -12.80
N LEU A 506 -26.52 12.91 -14.07
CA LEU A 506 -25.60 12.31 -15.06
C LEU A 506 -24.17 12.90 -15.14
N PRO A 507 -24.01 14.24 -15.17
CA PRO A 507 -22.63 14.75 -15.26
C PRO A 507 -21.71 14.37 -14.09
N ASP A 508 -22.21 14.41 -12.87
CA ASP A 508 -21.36 14.04 -11.74
C ASP A 508 -21.02 12.56 -11.81
N MET A 509 -21.99 11.75 -12.20
CA MET A 509 -21.79 10.30 -12.29
C MET A 509 -20.76 9.94 -13.35
N LEU A 510 -20.92 10.53 -14.53
CA LEU A 510 -19.98 10.39 -15.63
C LEU A 510 -18.59 10.83 -15.20
N ASN A 511 -18.47 11.99 -14.56
CA ASN A 511 -17.16 12.44 -14.08
C ASN A 511 -16.52 11.44 -13.12
N ALA A 512 -17.33 10.86 -12.24
CA ALA A 512 -16.82 9.87 -11.30
C ALA A 512 -16.24 8.73 -12.09
N GLU A 513 -16.97 8.29 -13.11
CA GLU A 513 -16.52 7.17 -13.89
C GLU A 513 -15.24 7.51 -14.68
N ILE A 514 -15.12 8.75 -15.14
CA ILE A 514 -13.91 9.21 -15.80
C ILE A 514 -12.69 9.21 -14.87
N VAL A 515 -12.87 9.70 -13.64
CA VAL A 515 -11.75 9.77 -12.69
C VAL A 515 -11.22 8.37 -12.32
N LEU A 516 -12.10 7.38 -12.28
CA LEU A 516 -11.71 6.01 -11.96
C LEU A 516 -10.97 5.36 -13.12
N GLY A 517 -11.14 5.93 -14.30
CA GLY A 517 -10.52 5.42 -15.52
C GLY A 517 -11.41 4.43 -16.24
N ASN A 518 -12.64 4.27 -15.77
CA ASN A 518 -13.56 3.30 -16.37
C ASN A 518 -14.19 3.81 -17.67
N VAL A 519 -14.16 5.12 -17.90
CA VAL A 519 -14.52 5.64 -19.22
C VAL A 519 -13.48 6.67 -19.67
N GLN A 520 -12.79 6.36 -20.77
CA GLN A 520 -11.74 7.21 -21.29
C GLN A 520 -12.19 8.10 -22.44
N ASN A 521 -13.42 7.92 -22.88
CA ASN A 521 -13.98 8.69 -23.98
C ASN A 521 -15.48 8.46 -24.15
N ALA A 522 -16.08 9.15 -25.11
CA ALA A 522 -17.52 9.09 -25.35
C ALA A 522 -18.04 7.68 -25.53
N LYS A 523 -17.36 6.88 -26.36
CA LYS A 523 -17.79 5.52 -26.64
C LYS A 523 -17.90 4.68 -25.36
N ASP A 524 -16.80 4.61 -24.61
CA ASP A 524 -16.80 3.99 -23.28
C ASP A 524 -17.95 4.49 -22.41
N ALA A 525 -18.25 5.79 -22.50
CA ALA A 525 -19.31 6.37 -21.69
C ALA A 525 -20.66 5.80 -22.07
N VAL A 526 -20.91 5.73 -23.38
CA VAL A 526 -22.13 5.13 -23.92
C VAL A 526 -22.30 3.68 -23.44
N ASN A 527 -21.22 2.91 -23.52
CA ASN A 527 -21.31 1.55 -23.02
C ASN A 527 -21.58 1.52 -21.51
N TRP A 528 -21.01 2.49 -20.78
CA TRP A 528 -21.26 2.60 -19.35
C TRP A 528 -22.74 2.85 -19.09
N LEU A 529 -23.31 3.82 -19.80
CA LEU A 529 -24.75 4.09 -19.72
C LEU A 529 -25.57 2.83 -19.96
N GLY A 530 -25.05 1.95 -20.83
CA GLY A 530 -25.68 0.66 -21.05
C GLY A 530 -25.96 -0.17 -19.80
N TYR A 531 -25.13 0.01 -18.76
CA TYR A 531 -25.28 -0.75 -17.52
C TYR A 531 -26.28 -0.11 -16.55
N ALA A 532 -26.65 1.13 -16.83
CA ALA A 532 -27.52 1.88 -15.92
C ALA A 532 -28.98 1.46 -16.06
N TYR A 533 -29.72 1.62 -14.97
CA TYR A 533 -31.16 1.37 -14.94
C TYR A 533 -31.90 2.26 -15.95
N LEU A 534 -31.34 3.46 -16.17
CA LEU A 534 -31.83 4.38 -17.18
C LEU A 534 -31.97 3.74 -18.55
N TYR A 535 -31.03 2.85 -18.89
CA TYR A 535 -31.03 2.20 -20.20
C TYR A 535 -32.26 1.31 -20.41
N ILE A 536 -32.45 0.35 -19.51
CA ILE A 536 -33.61 -0.52 -19.55
C ILE A 536 -34.90 0.27 -19.55
N ARG A 537 -34.96 1.27 -18.67
CA ARG A 537 -36.17 2.08 -18.57
C ARG A 537 -36.45 2.83 -19.87
N MET A 538 -35.43 3.44 -20.45
CA MET A 538 -35.57 4.13 -21.72
C MET A 538 -36.03 3.18 -22.82
N LEU A 539 -35.52 1.95 -22.80
CA LEU A 539 -35.93 0.95 -23.77
C LEU A 539 -37.42 0.66 -23.65
N ARG A 540 -37.84 0.26 -22.45
CA ARG A 540 -39.20 -0.26 -22.30
C ARG A 540 -40.28 0.80 -22.06
N SER A 541 -39.88 2.05 -21.84
CA SER A 541 -40.83 3.16 -21.75
C SER A 541 -40.31 4.41 -22.44
N PRO A 542 -40.10 4.33 -23.77
CA PRO A 542 -39.39 5.37 -24.53
C PRO A 542 -40.10 6.73 -24.53
N THR A 543 -41.43 6.70 -24.45
CA THR A 543 -42.21 7.92 -24.52
C THR A 543 -42.09 8.73 -23.23
N LEU A 544 -42.10 8.03 -22.10
CA LEU A 544 -41.93 8.65 -20.78
C LEU A 544 -40.60 9.40 -20.70
N TYR A 545 -39.58 8.84 -21.32
CA TYR A 545 -38.24 9.41 -21.31
C TYR A 545 -37.97 10.29 -22.52
N GLY A 546 -39.02 10.53 -23.32
CA GLY A 546 -38.94 11.45 -24.43
C GLY A 546 -38.25 10.91 -25.66
N ILE A 547 -38.56 9.67 -26.03
CA ILE A 547 -38.03 9.07 -27.25
C ILE A 547 -39.17 8.63 -28.17
N SER A 548 -39.14 9.11 -29.42
CA SER A 548 -40.18 8.76 -30.40
C SER A 548 -40.08 7.30 -30.83
N HIS A 549 -41.23 6.66 -31.00
CA HIS A 549 -41.29 5.26 -31.44
C HIS A 549 -40.55 5.05 -32.77
N ASP A 550 -40.50 6.10 -33.59
CA ASP A 550 -39.78 6.05 -34.86
C ASP A 550 -38.26 5.95 -34.62
N ASP A 551 -37.76 6.88 -33.80
CA ASP A 551 -36.36 6.87 -33.41
C ASP A 551 -35.97 5.55 -32.76
N LEU A 552 -36.83 5.07 -31.86
CA LEU A 552 -36.59 3.80 -31.17
C LEU A 552 -36.55 2.64 -32.17
N LYS A 553 -37.41 2.71 -33.19
CA LYS A 553 -37.46 1.66 -34.21
C LYS A 553 -36.18 1.62 -35.05
N GLY A 554 -35.74 2.78 -35.52
CA GLY A 554 -34.52 2.85 -36.31
C GLY A 554 -33.26 2.56 -35.51
N ASP A 555 -33.37 2.70 -34.19
CA ASP A 555 -32.23 2.57 -33.29
C ASP A 555 -32.62 1.86 -32.01
N PRO A 556 -32.81 0.53 -32.08
CA PRO A 556 -33.32 -0.26 -30.95
C PRO A 556 -32.42 -0.24 -29.72
N LEU A 557 -31.12 -0.03 -29.90
CA LEU A 557 -30.17 -0.06 -28.80
C LEU A 557 -29.89 1.34 -28.24
N LEU A 558 -30.55 2.32 -28.84
CA LEU A 558 -30.51 3.69 -28.38
C LEU A 558 -29.10 4.28 -28.40
N ASP A 559 -28.36 3.93 -29.45
CA ASP A 559 -27.02 4.51 -29.67
C ASP A 559 -27.05 6.04 -29.72
N GLN A 560 -28.04 6.60 -30.40
CA GLN A 560 -28.10 8.04 -30.60
C GLN A 560 -28.38 8.80 -29.30
N ARG A 561 -29.37 8.35 -28.54
CA ARG A 561 -29.72 9.00 -27.27
C ARG A 561 -28.56 8.91 -26.27
N ARG A 562 -27.94 7.73 -26.17
CA ARG A 562 -26.86 7.56 -25.22
C ARG A 562 -25.66 8.44 -25.62
N LEU A 563 -25.37 8.47 -26.91
CA LEU A 563 -24.28 9.31 -27.39
C LEU A 563 -24.57 10.79 -27.11
N ASP A 564 -25.81 11.19 -27.32
CA ASP A 564 -26.22 12.58 -27.12
C ASP A 564 -26.15 13.01 -25.64
N LEU A 565 -26.71 12.20 -24.75
CA LEU A 565 -26.63 12.42 -23.31
C LEU A 565 -25.17 12.57 -22.89
N VAL A 566 -24.35 11.58 -23.25
CA VAL A 566 -22.94 11.63 -22.94
C VAL A 566 -22.31 12.92 -23.45
N HIS A 567 -22.63 13.29 -24.68
CA HIS A 567 -22.10 14.51 -25.28
C HIS A 567 -22.44 15.76 -24.45
N THR A 568 -23.69 15.86 -24.03
CA THR A 568 -24.15 17.00 -23.23
C THR A 568 -23.42 17.09 -21.88
N ALA A 569 -23.48 16.00 -21.11
CA ALA A 569 -22.77 15.93 -19.84
C ALA A 569 -21.29 16.25 -20.00
N ALA A 570 -20.70 15.73 -21.05
CA ALA A 570 -19.29 15.96 -21.35
C ALA A 570 -19.04 17.45 -21.54
N LEU A 571 -19.92 18.11 -22.27
CA LEU A 571 -19.74 19.54 -22.52
C LEU A 571 -19.89 20.34 -21.23
N MET A 572 -20.75 19.87 -20.33
CA MET A 572 -20.93 20.51 -19.04
C MET A 572 -19.67 20.39 -18.17
N LEU A 573 -19.08 19.20 -18.14
CA LEU A 573 -17.86 18.98 -17.37
C LEU A 573 -16.69 19.74 -17.97
N ASP A 574 -16.70 19.89 -19.29
CA ASP A 574 -15.62 20.56 -20.00
C ASP A 574 -15.71 22.06 -19.76
N LYS A 575 -16.94 22.57 -19.71
CA LYS A 575 -17.16 23.98 -19.39
C LYS A 575 -16.56 24.30 -18.04
N ASN A 576 -16.91 23.50 -17.04
CA ASN A 576 -16.50 23.73 -15.67
C ASN A 576 -15.10 23.19 -15.37
N ASN A 577 -14.43 22.70 -16.41
CA ASN A 577 -13.02 22.27 -16.36
C ASN A 577 -12.72 21.09 -15.44
N LEU A 578 -13.70 20.20 -15.28
CA LEU A 578 -13.45 18.91 -14.63
C LEU A 578 -12.83 17.95 -15.63
N VAL A 579 -13.09 18.20 -16.91
CA VAL A 579 -12.66 17.31 -17.97
C VAL A 579 -12.26 18.12 -19.20
N LYS A 580 -11.11 17.79 -19.79
CA LYS A 580 -10.81 18.27 -21.11
C LYS A 580 -11.42 17.33 -22.14
N TYR A 581 -12.30 17.86 -22.98
CA TYR A 581 -13.03 17.04 -23.94
C TYR A 581 -13.06 17.69 -25.31
N ASP A 582 -12.51 17.00 -26.31
CA ASP A 582 -12.59 17.47 -27.69
C ASP A 582 -13.60 16.66 -28.48
N LYS A 583 -14.50 17.36 -29.16
CA LYS A 583 -15.57 16.73 -29.92
C LYS A 583 -15.06 15.80 -31.03
N LYS A 584 -13.82 16.00 -31.45
CA LYS A 584 -13.31 15.28 -32.59
C LYS A 584 -13.09 13.82 -32.21
N THR A 585 -12.05 13.57 -31.44
CA THR A 585 -11.72 12.21 -31.05
C THR A 585 -12.78 11.66 -30.11
N GLY A 586 -13.29 12.55 -29.26
CA GLY A 586 -14.26 12.15 -28.25
C GLY A 586 -13.56 11.63 -27.02
N ASN A 587 -12.25 11.88 -26.92
CA ASN A 587 -11.46 11.48 -25.75
C ASN A 587 -11.71 12.39 -24.54
N PHE A 588 -11.55 11.79 -23.36
CA PHE A 588 -11.65 12.52 -22.11
C PHE A 588 -10.27 12.61 -21.46
N GLN A 589 -9.94 13.79 -20.97
CA GLN A 589 -8.77 13.96 -20.12
C GLN A 589 -9.23 14.43 -18.74
N VAL A 590 -8.95 13.63 -17.73
CA VAL A 590 -9.18 14.01 -16.33
C VAL A 590 -8.36 15.24 -15.97
N THR A 591 -8.94 16.17 -15.23
CA THR A 591 -8.19 17.29 -14.68
C THR A 591 -8.13 17.10 -13.18
N GLU A 592 -7.44 18.00 -12.48
CA GLU A 592 -7.33 17.87 -11.03
C GLU A 592 -8.62 18.27 -10.35
N LEU A 593 -9.27 19.29 -10.90
CA LEU A 593 -10.55 19.72 -10.37
C LEU A 593 -11.56 18.59 -10.41
N GLY A 594 -11.55 17.82 -11.51
CA GLY A 594 -12.46 16.70 -11.66
C GLY A 594 -12.15 15.58 -10.69
N ARG A 595 -10.86 15.37 -10.48
CA ARG A 595 -10.40 14.30 -9.60
C ARG A 595 -10.88 14.58 -8.17
N ILE A 596 -10.60 15.81 -7.72
CA ILE A 596 -11.02 16.27 -6.39
C ILE A 596 -12.55 16.26 -6.29
N ALA A 597 -13.22 16.70 -7.35
CA ALA A 597 -14.67 16.74 -7.41
C ALA A 597 -15.32 15.36 -7.23
N SER A 598 -14.74 14.35 -7.84
CA SER A 598 -15.27 13.01 -7.66
C SER A 598 -14.94 12.53 -6.26
N HIS A 599 -13.68 12.73 -5.85
CA HIS A 599 -13.20 12.28 -4.55
C HIS A 599 -13.93 12.86 -3.33
N TYR A 600 -14.19 14.16 -3.35
CA TYR A 600 -14.85 14.81 -2.21
C TYR A 600 -16.35 14.99 -2.41
N TYR A 601 -16.87 14.45 -3.50
CA TYR A 601 -18.31 14.35 -3.74
C TYR A 601 -18.96 15.71 -3.86
N ILE A 602 -18.33 16.61 -4.60
CA ILE A 602 -18.90 17.94 -4.79
C ILE A 602 -19.33 18.07 -6.24
N THR A 603 -20.47 18.73 -6.46
CA THR A 603 -21.06 18.87 -7.79
C THR A 603 -20.19 19.80 -8.65
N ASN A 604 -20.28 19.69 -9.96
CA ASN A 604 -19.30 20.32 -10.84
C ASN A 604 -19.38 21.85 -10.95
N ASP A 605 -20.58 22.41 -10.80
CA ASP A 605 -20.72 23.88 -10.79
C ASP A 605 -19.95 24.49 -9.62
N THR A 606 -20.02 23.83 -8.47
CA THR A 606 -19.25 24.23 -7.30
C THR A 606 -17.77 24.31 -7.62
N VAL A 607 -17.26 23.23 -8.22
CA VAL A 607 -15.87 23.16 -8.63
C VAL A 607 -15.49 24.35 -9.50
N GLN A 608 -16.34 24.66 -10.49
CA GLN A 608 -16.08 25.83 -11.33
C GLN A 608 -16.02 27.12 -10.49
N THR A 609 -16.89 27.22 -9.50
CA THR A 609 -16.96 28.43 -8.68
C THR A 609 -15.68 28.62 -7.88
N TYR A 610 -15.28 27.57 -7.16
CA TYR A 610 -14.00 27.55 -6.46
C TYR A 610 -12.86 27.91 -7.41
N ASN A 611 -12.89 27.37 -8.62
CA ASN A 611 -11.84 27.66 -9.59
C ASN A 611 -11.79 29.14 -9.93
N GLN A 612 -12.96 29.77 -10.04
CA GLN A 612 -13.03 31.20 -10.32
C GLN A 612 -12.56 32.09 -9.18
N LEU A 613 -13.07 31.84 -7.98
CA LEU A 613 -12.86 32.77 -6.88
C LEU A 613 -11.64 32.50 -6.00
N LEU A 614 -11.02 31.33 -6.14
CA LEU A 614 -9.88 30.98 -5.28
C LEU A 614 -8.60 31.62 -5.80
N LYS A 615 -7.88 32.28 -4.91
CA LYS A 615 -6.60 32.91 -5.22
C LYS A 615 -5.71 32.86 -3.97
N PRO A 616 -4.38 32.99 -4.15
CA PRO A 616 -3.45 32.92 -3.00
C PRO A 616 -3.68 33.98 -1.92
N THR A 617 -4.12 35.16 -2.34
CA THR A 617 -4.28 36.28 -1.42
C THR A 617 -5.69 36.33 -0.82
N LEU A 618 -6.48 35.29 -1.08
CA LEU A 618 -7.84 35.21 -0.56
C LEU A 618 -7.85 35.35 0.96
N SER A 619 -8.64 36.29 1.46
CA SER A 619 -8.74 36.55 2.90
C SER A 619 -9.68 35.53 3.55
N GLU A 620 -9.85 35.60 4.87
CA GLU A 620 -10.70 34.61 5.52
C GLU A 620 -12.18 34.93 5.30
N ILE A 621 -12.49 36.22 5.29
CA ILE A 621 -13.84 36.67 5.00
C ILE A 621 -14.23 36.13 3.61
N GLU A 622 -13.36 36.38 2.65
CA GLU A 622 -13.56 35.92 1.29
C GLU A 622 -13.69 34.39 1.22
N LEU A 623 -12.90 33.67 2.02
CA LEU A 623 -12.99 32.22 2.08
C LEU A 623 -14.38 31.77 2.50
N PHE A 624 -14.90 32.34 3.58
CA PHE A 624 -16.24 32.01 4.04
C PHE A 624 -17.28 32.31 2.97
N ARG A 625 -17.08 33.39 2.24
CA ARG A 625 -18.05 33.71 1.19
C ARG A 625 -18.00 32.69 0.04
N VAL A 626 -16.79 32.35 -0.39
CA VAL A 626 -16.60 31.32 -1.42
C VAL A 626 -17.34 30.08 -1.00
N PHE A 627 -17.08 29.62 0.21
CA PHE A 627 -17.84 28.51 0.75
C PHE A 627 -19.36 28.73 0.62
N SER A 628 -19.81 29.96 0.85
CA SER A 628 -21.25 30.26 0.72
C SER A 628 -21.81 30.09 -0.70
N LEU A 629 -20.97 30.27 -1.71
CA LEU A 629 -21.46 30.19 -3.10
C LEU A 629 -21.49 28.77 -3.67
N SER A 630 -21.13 27.79 -2.85
CA SER A 630 -21.13 26.41 -3.25
C SER A 630 -22.53 26.02 -3.71
N SER A 631 -22.59 25.32 -4.83
CA SER A 631 -23.87 25.08 -5.50
C SER A 631 -24.73 24.07 -4.77
N GLU A 632 -24.15 23.38 -3.79
CA GLU A 632 -24.91 22.50 -2.93
C GLU A 632 -25.99 23.29 -2.20
N PHE A 633 -25.73 24.60 -2.06
CA PHE A 633 -26.61 25.52 -1.36
C PHE A 633 -27.52 26.38 -2.25
N LYS A 634 -27.50 26.16 -3.56
CA LYS A 634 -28.14 27.08 -4.51
C LYS A 634 -29.64 27.32 -4.26
N ASN A 635 -30.31 26.39 -3.60
CA ASN A 635 -31.73 26.55 -3.34
C ASN A 635 -32.06 27.19 -1.99
N ILE A 636 -31.05 27.38 -1.15
CA ILE A 636 -31.24 28.06 0.13
C ILE A 636 -31.67 29.50 -0.12
N THR A 637 -32.67 29.96 0.61
CA THR A 637 -33.04 31.38 0.58
C THR A 637 -33.26 31.89 1.99
N VAL A 638 -33.24 33.21 2.16
CA VAL A 638 -33.51 33.76 3.47
C VAL A 638 -35.00 34.12 3.59
N ARG A 639 -35.69 33.39 4.46
CA ARG A 639 -37.08 33.64 4.75
C ARG A 639 -37.24 34.80 5.72
N GLU A 640 -38.40 35.45 5.68
CA GLU A 640 -38.68 36.60 6.55
C GLU A 640 -38.62 36.23 8.04
N GLU A 641 -39.28 35.15 8.39
CA GLU A 641 -39.41 34.73 9.78
C GLU A 641 -38.09 34.39 10.45
N GLU A 642 -37.06 34.09 9.66
CA GLU A 642 -35.74 33.84 10.25
C GLU A 642 -34.83 35.07 10.26
N LYS A 643 -35.23 36.13 9.55
CA LYS A 643 -34.37 37.30 9.34
C LYS A 643 -33.81 37.80 10.65
N LEU A 644 -34.73 38.05 11.58
CA LEU A 644 -34.40 38.54 12.91
C LEU A 644 -33.29 37.69 13.54
N GLU A 645 -33.52 36.37 13.60
CA GLU A 645 -32.56 35.48 14.26
C GLU A 645 -31.20 35.58 13.58
N LEU A 646 -31.21 35.67 12.25
CA LEU A 646 -29.96 35.78 11.52
C LEU A 646 -29.15 36.96 12.03
N GLN A 647 -29.81 38.11 12.17
CA GLN A 647 -29.13 39.32 12.61
C GLN A 647 -28.50 39.09 13.99
N LYS A 648 -29.25 38.44 14.87
CA LYS A 648 -28.75 38.15 16.20
C LYS A 648 -27.47 37.34 16.04
N LEU A 649 -27.57 36.28 15.25
CA LEU A 649 -26.43 35.41 14.99
C LEU A 649 -25.28 36.22 14.44
N LEU A 650 -25.57 37.10 13.47
CA LEU A 650 -24.50 37.85 12.82
C LEU A 650 -23.70 38.66 13.84
N GLU A 651 -24.36 39.11 14.90
CA GLU A 651 -23.68 39.97 15.87
C GLU A 651 -22.72 39.15 16.72
N ARG A 652 -23.04 37.87 16.89
CA ARG A 652 -22.25 36.99 17.73
C ARG A 652 -21.13 36.21 17.02
N VAL A 653 -21.12 36.22 15.70
CA VAL A 653 -20.08 35.47 14.97
C VAL A 653 -18.92 36.40 14.60
N PRO A 654 -17.68 35.89 14.73
CA PRO A 654 -16.40 36.61 14.63
C PRO A 654 -15.97 37.08 13.24
N ILE A 655 -16.29 36.35 12.19
CA ILE A 655 -15.74 36.72 10.89
C ILE A 655 -16.67 37.68 10.21
N PRO A 656 -16.16 38.88 9.90
CA PRO A 656 -16.99 39.88 9.22
C PRO A 656 -17.61 39.27 7.98
N VAL A 657 -18.92 39.41 7.86
CA VAL A 657 -19.60 39.02 6.65
C VAL A 657 -19.77 40.31 5.88
N LYS A 658 -19.01 40.46 4.79
CA LYS A 658 -18.90 41.73 4.11
C LYS A 658 -20.22 42.06 3.47
N GLU A 659 -20.23 43.17 2.73
CA GLU A 659 -21.41 43.99 2.58
C GLU A 659 -22.60 43.24 2.01
N SER A 660 -22.42 41.95 1.70
CA SER A 660 -23.57 41.09 1.45
C SER A 660 -24.52 41.24 2.63
N ILE A 661 -25.74 41.68 2.32
CA ILE A 661 -26.81 41.90 3.29
C ILE A 661 -27.45 40.54 3.43
N GLU A 662 -28.68 40.39 3.94
CA GLU A 662 -29.11 39.02 4.03
C GLU A 662 -29.68 38.57 2.68
N GLU A 663 -28.72 37.99 1.94
CA GLU A 663 -28.85 37.11 0.79
C GLU A 663 -28.72 35.69 1.27
N PRO A 664 -29.16 34.71 0.47
CA PRO A 664 -28.84 33.31 0.81
C PRO A 664 -27.38 33.10 1.18
N SER A 665 -26.49 33.72 0.40
CA SER A 665 -25.05 33.65 0.62
C SER A 665 -24.67 33.99 2.06
N ALA A 666 -25.08 35.18 2.51
CA ALA A 666 -24.75 35.61 3.84
C ALA A 666 -25.34 34.67 4.87
N LYS A 667 -26.56 34.19 4.62
CA LYS A 667 -27.24 33.33 5.58
C LYS A 667 -26.43 32.07 5.81
N ILE A 668 -25.92 31.51 4.70
CA ILE A 668 -25.11 30.29 4.73
C ILE A 668 -23.84 30.53 5.52
N ASN A 669 -23.16 31.62 5.16
CA ASN A 669 -21.95 32.05 5.86
C ASN A 669 -22.17 32.08 7.38
N VAL A 670 -23.19 32.83 7.80
CA VAL A 670 -23.48 33.02 9.22
C VAL A 670 -23.90 31.72 9.91
N LEU A 671 -24.60 30.85 9.20
CA LEU A 671 -24.97 29.55 9.78
C LEU A 671 -23.75 28.71 10.09
N LEU A 672 -22.79 28.68 9.16
CA LEU A 672 -21.56 27.94 9.39
C LEU A 672 -20.80 28.52 10.59
N GLN A 673 -20.64 29.84 10.60
CA GLN A 673 -19.98 30.50 11.74
C GLN A 673 -20.67 30.17 13.06
N ALA A 674 -22.00 30.29 13.06
CA ALA A 674 -22.83 29.97 14.21
C ALA A 674 -22.59 28.55 14.69
N PHE A 675 -22.26 27.67 13.76
CA PHE A 675 -22.01 26.27 14.10
C PHE A 675 -20.67 26.12 14.79
N ILE A 676 -19.66 26.82 14.28
CA ILE A 676 -18.33 26.77 14.88
C ILE A 676 -18.34 27.47 16.26
N SER A 677 -19.25 28.42 16.44
CA SER A 677 -19.34 29.14 17.70
C SER A 677 -20.19 28.42 18.72
N GLN A 678 -20.86 27.35 18.28
CA GLN A 678 -21.72 26.51 19.13
C GLN A 678 -22.86 27.32 19.77
N LEU A 679 -23.30 28.37 19.07
CA LEU A 679 -24.48 29.14 19.43
C LEU A 679 -25.74 28.29 19.38
N LYS A 680 -26.67 28.53 20.30
CA LYS A 680 -27.97 27.88 20.27
C LYS A 680 -28.91 28.62 19.31
N LEU A 681 -29.73 27.86 18.60
CA LEU A 681 -30.73 28.42 17.70
C LEU A 681 -32.13 28.05 18.13
N GLU A 682 -33.11 28.82 17.68
CA GLU A 682 -34.51 28.56 18.01
C GLU A 682 -35.31 28.16 16.77
N GLY A 683 -35.37 29.06 15.78
CA GLY A 683 -36.12 28.81 14.56
C GLY A 683 -35.75 27.50 13.87
N PHE A 684 -36.74 26.65 13.63
CA PHE A 684 -36.48 25.26 13.27
C PHE A 684 -35.98 25.06 11.84
N ALA A 685 -36.50 25.86 10.93
CA ALA A 685 -36.03 25.84 9.54
C ALA A 685 -34.56 26.26 9.51
N LEU A 686 -34.21 27.22 10.38
CA LEU A 686 -32.84 27.69 10.49
C LEU A 686 -31.92 26.60 11.04
N MET A 687 -32.45 25.80 11.96
CA MET A 687 -31.70 24.68 12.52
C MET A 687 -31.46 23.61 11.46
N ALA A 688 -32.50 23.28 10.71
CA ALA A 688 -32.38 22.34 9.59
C ALA A 688 -31.32 22.81 8.60
N ASP A 689 -31.47 24.06 8.13
CA ASP A 689 -30.49 24.63 7.20
C ASP A 689 -29.08 24.53 7.78
N MET A 690 -28.94 24.75 9.08
CA MET A 690 -27.62 24.71 9.69
C MET A 690 -27.04 23.29 9.61
N VAL A 691 -27.83 22.31 10.02
CA VAL A 691 -27.38 20.91 9.97
C VAL A 691 -26.95 20.56 8.55
N TYR A 692 -27.72 21.03 7.57
CA TYR A 692 -27.42 20.77 6.18
C TYR A 692 -26.12 21.44 5.70
N VAL A 693 -25.87 22.69 6.09
CA VAL A 693 -24.63 23.32 5.61
C VAL A 693 -23.40 22.76 6.34
N THR A 694 -23.60 22.30 7.58
CA THR A 694 -22.47 21.83 8.35
C THR A 694 -22.10 20.38 8.03
N GLN A 695 -23.08 19.57 7.63
CA GLN A 695 -22.79 18.24 7.10
C GLN A 695 -21.91 18.31 5.85
N SER A 696 -22.21 19.28 4.99
CA SER A 696 -21.46 19.47 3.74
C SER A 696 -20.10 20.13 3.98
N ALA A 697 -20.07 21.00 4.98
CA ALA A 697 -18.99 21.95 5.20
C ALA A 697 -17.61 21.30 5.23
N GLY A 698 -17.47 20.18 5.94
CA GLY A 698 -16.20 19.49 6.02
C GLY A 698 -15.71 18.96 4.69
N ARG A 699 -16.61 18.33 3.94
CA ARG A 699 -16.26 17.81 2.63
C ARG A 699 -15.84 18.92 1.68
N LEU A 700 -16.66 19.96 1.59
CA LEU A 700 -16.33 21.10 0.72
C LEU A 700 -15.01 21.77 1.10
N MET A 701 -14.77 21.90 2.40
CA MET A 701 -13.60 22.64 2.83
C MET A 701 -12.36 21.79 2.62
N ARG A 702 -12.45 20.50 2.92
CA ARG A 702 -11.36 19.56 2.67
C ARG A 702 -11.01 19.54 1.17
N ALA A 703 -12.05 19.64 0.34
CA ALA A 703 -11.86 19.87 -1.08
C ALA A 703 -11.02 21.11 -1.40
N ILE A 704 -11.46 22.26 -0.91
CA ILE A 704 -10.72 23.52 -1.13
C ILE A 704 -9.27 23.41 -0.67
N PHE A 705 -9.10 22.77 0.48
CA PHE A 705 -7.78 22.52 1.03
C PHE A 705 -6.93 21.76 0.05
N GLU A 706 -7.49 20.70 -0.54
CA GLU A 706 -6.73 19.89 -1.51
C GLU A 706 -6.34 20.69 -2.75
N ILE A 707 -7.31 21.41 -3.30
CA ILE A 707 -7.02 22.28 -4.44
C ILE A 707 -5.83 23.21 -4.18
N VAL A 708 -5.93 24.02 -3.11
CA VAL A 708 -4.91 25.04 -2.86
C VAL A 708 -3.60 24.42 -2.38
N LEU A 709 -3.69 23.31 -1.66
CA LEU A 709 -2.49 22.61 -1.20
C LEU A 709 -1.68 22.17 -2.39
N ASN A 710 -2.35 21.60 -3.38
CA ASN A 710 -1.60 21.11 -4.54
C ASN A 710 -1.24 22.23 -5.51
N ARG A 711 -1.85 23.39 -5.36
CA ARG A 711 -1.35 24.55 -6.11
C ARG A 711 -0.19 25.25 -5.37
N GLY A 712 0.12 24.77 -4.16
CA GLY A 712 1.21 25.33 -3.37
C GLY A 712 0.97 26.70 -2.73
N TRP A 713 -0.29 27.06 -2.48
CA TRP A 713 -0.59 28.38 -1.93
C TRP A 713 -0.60 28.35 -0.41
N ALA A 714 0.42 28.94 0.20
CA ALA A 714 0.74 28.70 1.61
C ALA A 714 -0.25 29.35 2.56
N GLN A 715 -0.55 30.62 2.32
CA GLN A 715 -1.49 31.32 3.18
C GLN A 715 -2.84 30.66 3.11
N LEU A 716 -3.30 30.38 1.89
CA LEU A 716 -4.64 29.86 1.73
C LEU A 716 -4.71 28.41 2.19
N THR A 717 -3.61 27.67 2.03
CA THR A 717 -3.53 26.30 2.54
C THR A 717 -3.70 26.32 4.04
N ASP A 718 -2.95 27.20 4.69
CA ASP A 718 -3.04 27.38 6.14
C ASP A 718 -4.47 27.75 6.59
N LYS A 719 -5.06 28.74 5.92
CA LYS A 719 -6.40 29.16 6.28
C LYS A 719 -7.35 27.98 6.16
N THR A 720 -7.40 27.38 4.97
CA THR A 720 -8.32 26.29 4.66
C THR A 720 -8.16 25.08 5.58
N LEU A 721 -6.92 24.66 5.80
CA LEU A 721 -6.67 23.56 6.72
C LEU A 721 -7.24 23.91 8.09
N ASN A 722 -6.99 25.14 8.54
CA ASN A 722 -7.47 25.56 9.85
C ASN A 722 -9.00 25.52 9.91
N LEU A 723 -9.64 26.05 8.88
CA LEU A 723 -11.09 26.05 8.79
C LEU A 723 -11.65 24.61 8.79
N CYS A 724 -10.92 23.68 8.20
CA CYS A 724 -11.28 22.27 8.30
C CYS A 724 -11.28 21.82 9.74
N LYS A 725 -10.17 22.09 10.42
CA LYS A 725 -10.02 21.68 11.81
C LYS A 725 -11.06 22.35 12.72
N MET A 726 -11.48 23.56 12.38
CA MET A 726 -12.47 24.29 13.18
C MET A 726 -13.88 23.71 12.99
N ILE A 727 -14.27 23.48 11.74
CA ILE A 727 -15.52 22.80 11.46
C ILE A 727 -15.53 21.42 12.12
N ASP A 728 -14.37 20.77 12.21
CA ASP A 728 -14.31 19.45 12.81
C ASP A 728 -14.44 19.51 14.34
N LYS A 729 -13.61 20.33 14.96
CA LYS A 729 -13.54 20.38 16.41
C LYS A 729 -14.53 21.38 17.00
N ARG A 730 -15.22 22.12 16.14
CA ARG A 730 -16.23 23.10 16.58
C ARG A 730 -15.66 24.13 17.54
N MET A 731 -14.57 24.77 17.13
CA MET A 731 -13.97 25.86 17.88
C MET A 731 -13.12 26.74 16.98
N TRP A 732 -12.93 28.00 17.37
CA TRP A 732 -12.05 28.90 16.64
C TRP A 732 -10.59 28.75 17.06
N GLN A 733 -9.67 29.14 16.18
CA GLN A 733 -8.25 29.19 16.53
C GLN A 733 -8.03 30.04 17.78
N SER A 734 -8.83 31.09 17.91
CA SER A 734 -8.73 32.02 19.03
C SER A 734 -8.82 31.30 20.37
N MET A 735 -9.72 30.33 20.46
CA MET A 735 -9.98 29.65 21.71
C MET A 735 -8.82 28.74 22.14
N CYS A 736 -8.99 28.06 23.27
CA CYS A 736 -7.91 27.29 23.85
C CYS A 736 -7.91 25.87 23.32
N PRO A 737 -6.74 25.40 22.85
CA PRO A 737 -6.51 24.06 22.30
C PRO A 737 -7.05 22.96 23.20
N LEU A 738 -6.98 23.16 24.51
CA LEU A 738 -7.46 22.18 25.48
C LEU A 738 -8.92 21.79 25.25
N ARG A 739 -9.70 22.69 24.64
CA ARG A 739 -11.09 22.42 24.29
C ARG A 739 -11.23 21.14 23.47
N GLN A 740 -10.20 20.81 22.71
CA GLN A 740 -10.25 19.64 21.82
C GLN A 740 -10.30 18.34 22.62
N PHE A 741 -9.99 18.41 23.90
CA PHE A 741 -10.24 17.29 24.78
C PHE A 741 -11.67 17.41 25.30
N ARG A 742 -12.51 16.45 24.95
CA ARG A 742 -13.94 16.56 25.22
C ARG A 742 -14.30 16.25 26.68
N LYS A 743 -13.38 15.61 27.40
CA LYS A 743 -13.65 15.18 28.76
C LYS A 743 -13.36 16.29 29.78
N LEU A 744 -12.90 17.44 29.29
CA LEU A 744 -12.53 18.56 30.16
C LEU A 744 -13.70 19.54 30.35
N PRO A 745 -14.00 19.90 31.61
CA PRO A 745 -15.04 20.88 31.97
C PRO A 745 -14.87 22.22 31.26
N GLU A 746 -15.96 22.71 30.67
CA GLU A 746 -15.89 23.86 29.77
C GLU A 746 -15.64 25.17 30.48
N GLU A 747 -16.09 25.29 31.73
CA GLU A 747 -15.88 26.51 32.50
C GLU A 747 -14.44 26.61 33.01
N VAL A 748 -13.80 25.46 33.18
CA VAL A 748 -12.37 25.43 33.48
C VAL A 748 -11.62 26.07 32.32
N VAL A 749 -11.93 25.59 31.12
CA VAL A 749 -11.31 26.09 29.90
C VAL A 749 -11.61 27.57 29.67
N LYS A 750 -12.87 27.96 29.87
CA LYS A 750 -13.25 29.37 29.71
C LYS A 750 -12.51 30.21 30.75
N LYS A 751 -12.23 29.61 31.89
CA LYS A 751 -11.46 30.29 32.92
C LYS A 751 -10.04 30.49 32.43
N ILE A 752 -9.49 29.47 31.76
CA ILE A 752 -8.14 29.54 31.22
C ILE A 752 -8.04 30.60 30.13
N GLU A 753 -9.09 30.71 29.32
CA GLU A 753 -9.13 31.68 28.23
C GLU A 753 -9.28 33.09 28.77
N LYS A 754 -10.11 33.23 29.80
CA LYS A 754 -10.32 34.51 30.47
C LYS A 754 -8.99 35.02 31.01
N LYS A 755 -8.20 34.10 31.57
CA LYS A 755 -6.80 34.38 31.84
C LYS A 755 -6.11 34.61 30.50
N ASN A 756 -5.39 35.72 30.37
CA ASN A 756 -4.74 36.00 29.10
C ASN A 756 -3.27 35.64 29.15
N PHE A 757 -2.91 34.57 28.45
CA PHE A 757 -1.55 34.02 28.45
C PHE A 757 -1.49 32.81 27.52
N PRO A 758 -0.34 32.59 26.87
CA PRO A 758 -0.17 31.52 25.88
C PRO A 758 -0.28 30.11 26.42
N PHE A 759 -0.86 29.22 25.61
CA PHE A 759 -1.00 27.82 25.96
C PHE A 759 0.36 27.18 26.18
N GLU A 760 1.33 27.60 25.36
CA GLU A 760 2.71 27.09 25.39
C GLU A 760 3.31 27.09 26.80
N ARG A 761 3.07 28.16 27.55
CA ARG A 761 3.62 28.30 28.88
C ARG A 761 3.23 27.14 29.80
N LEU A 762 2.06 26.56 29.57
CA LEU A 762 1.59 25.46 30.43
C LEU A 762 2.56 24.29 30.44
N TYR A 763 3.42 24.23 29.43
CA TYR A 763 4.42 23.16 29.36
C TYR A 763 5.44 23.26 30.50
N ASP A 764 5.80 24.49 30.86
CA ASP A 764 6.87 24.73 31.82
C ASP A 764 6.37 24.91 33.27
N LEU A 765 5.07 24.71 33.47
CA LEU A 765 4.48 24.83 34.82
C LEU A 765 4.17 23.47 35.43
N ASN A 766 4.46 23.34 36.72
CA ASN A 766 4.07 22.19 37.51
C ASN A 766 2.56 22.29 37.78
N HIS A 767 1.91 21.17 38.07
CA HIS A 767 0.46 21.16 38.25
C HIS A 767 0.01 22.13 39.35
N ASN A 768 0.87 22.35 40.33
CA ASN A 768 0.60 23.32 41.38
C ASN A 768 0.39 24.72 40.82
N GLU A 769 1.35 25.21 40.04
CA GLU A 769 1.25 26.54 39.44
C GLU A 769 0.10 26.61 38.44
N ILE A 770 -0.27 25.46 37.87
CA ILE A 770 -1.40 25.39 36.95
C ILE A 770 -2.71 25.65 37.69
N GLY A 771 -2.98 24.86 38.73
CA GLY A 771 -4.16 25.07 39.54
C GLY A 771 -4.16 26.43 40.23
N GLU A 772 -2.96 26.95 40.47
CA GLU A 772 -2.77 28.25 41.10
C GLU A 772 -3.16 29.39 40.18
N LEU A 773 -2.72 29.31 38.94
CA LEU A 773 -2.95 30.37 37.96
C LEU A 773 -4.41 30.45 37.56
N ILE A 774 -5.08 29.30 37.63
CA ILE A 774 -6.45 29.20 37.19
C ILE A 774 -7.45 29.34 38.35
N ARG A 775 -6.91 29.48 39.57
CA ARG A 775 -7.71 29.65 40.78
C ARG A 775 -8.64 28.44 40.97
N MET A 776 -8.23 27.31 40.42
CA MET A 776 -9.03 26.09 40.49
C MET A 776 -8.11 24.90 40.66
N PRO A 777 -7.49 24.78 41.85
CA PRO A 777 -6.44 23.79 42.13
C PRO A 777 -6.86 22.34 41.94
N LYS A 778 -8.14 22.05 42.18
CA LYS A 778 -8.67 20.69 42.02
C LYS A 778 -8.39 20.09 40.65
N MET A 779 -8.42 20.94 39.62
CA MET A 779 -8.19 20.49 38.25
C MET A 779 -6.70 20.48 37.87
N GLY A 780 -5.88 21.12 38.70
CA GLY A 780 -4.49 21.39 38.39
C GLY A 780 -3.69 20.21 37.85
N LYS A 781 -3.96 19.02 38.39
CA LYS A 781 -3.28 17.82 37.93
C LYS A 781 -3.82 17.33 36.58
N THR A 782 -5.14 17.23 36.48
CA THR A 782 -5.75 16.68 35.27
C THR A 782 -5.37 17.50 34.05
N ILE A 783 -5.52 18.82 34.14
CA ILE A 783 -5.05 19.72 33.09
C ILE A 783 -3.62 19.40 32.70
N HIS A 784 -2.75 19.27 33.70
CA HIS A 784 -1.35 18.94 33.46
C HIS A 784 -1.26 17.71 32.56
N LYS A 785 -1.97 16.64 32.96
CA LYS A 785 -2.00 15.42 32.17
C LYS A 785 -2.32 15.73 30.71
N TYR A 786 -3.40 16.47 30.51
CA TYR A 786 -3.87 16.75 29.16
C TYR A 786 -2.88 17.62 28.40
N VAL A 787 -2.19 18.52 29.12
CA VAL A 787 -1.21 19.36 28.46
C VAL A 787 -0.13 18.49 27.84
N HIS A 788 0.18 17.38 28.51
CA HIS A 788 1.22 16.51 28.01
C HIS A 788 0.67 15.36 27.17
N LEU A 789 -0.63 15.38 26.95
CA LEU A 789 -1.25 14.45 26.01
C LEU A 789 -1.35 15.06 24.63
N PHE A 790 -1.11 16.36 24.57
CA PHE A 790 -1.22 17.14 23.36
C PHE A 790 -0.06 16.82 22.43
N PRO A 791 -0.34 16.38 21.19
CA PRO A 791 0.70 16.02 20.21
C PRO A 791 1.72 17.13 20.01
N LYS A 792 2.99 16.76 20.08
CA LYS A 792 4.09 17.71 19.96
C LYS A 792 5.28 17.04 19.26
N LEU A 793 5.89 17.75 18.31
CA LEU A 793 7.00 17.19 17.55
C LEU A 793 8.22 18.09 17.60
N GLU A 794 9.40 17.49 17.67
CA GLU A 794 10.66 18.21 17.54
C GLU A 794 11.22 17.98 16.14
N LEU A 795 11.90 18.98 15.60
CA LEU A 795 12.38 18.91 14.23
C LEU A 795 13.87 19.19 14.10
N SER A 796 14.58 18.23 13.50
CA SER A 796 15.99 18.40 13.19
C SER A 796 16.20 18.27 11.67
N VAL A 797 17.06 19.13 11.13
CA VAL A 797 17.31 19.14 9.70
C VAL A 797 18.80 18.99 9.38
N HIS A 798 19.09 18.17 8.38
CA HIS A 798 20.43 18.07 7.83
C HIS A 798 20.37 18.37 6.35
N LEU A 799 21.03 19.42 5.88
CA LEU A 799 20.92 19.75 4.46
C LEU A 799 22.26 19.57 3.72
N GLN A 800 22.18 18.82 2.60
CA GLN A 800 23.27 18.62 1.65
C GLN A 800 22.89 19.18 0.27
N PRO A 801 23.68 20.11 -0.27
CA PRO A 801 23.40 20.52 -1.66
C PRO A 801 23.66 19.40 -2.68
N ILE A 802 22.88 19.39 -3.76
CA ILE A 802 22.98 18.39 -4.81
C ILE A 802 23.44 19.04 -6.12
N THR A 803 22.67 20.01 -6.61
CA THR A 803 23.16 20.89 -7.66
C THR A 803 22.78 22.33 -7.33
N ARG A 804 23.19 23.26 -8.18
CA ARG A 804 22.92 24.67 -7.95
C ARG A 804 21.43 24.99 -7.90
N SER A 805 20.63 24.13 -8.51
CA SER A 805 19.18 24.28 -8.48
C SER A 805 18.50 23.49 -7.37
N THR A 806 19.24 22.60 -6.70
CA THR A 806 18.58 21.59 -5.89
C THR A 806 19.35 21.21 -4.63
N LEU A 807 18.63 21.11 -3.53
CA LEU A 807 19.18 20.74 -2.23
C LEU A 807 18.55 19.46 -1.72
N LYS A 808 19.33 18.69 -0.95
CA LYS A 808 18.79 17.49 -0.31
C LYS A 808 18.55 17.75 1.17
N VAL A 809 17.31 17.52 1.60
CA VAL A 809 16.96 17.70 3.00
C VAL A 809 16.65 16.38 3.69
N GLU A 810 17.38 16.13 4.79
CA GLU A 810 17.05 15.08 5.73
C GLU A 810 16.37 15.68 6.95
N LEU A 811 15.07 15.44 7.07
CA LEU A 811 14.28 15.95 8.17
C LEU A 811 14.05 14.87 9.21
N THR A 812 14.61 15.06 10.41
CA THR A 812 14.33 14.13 11.50
C THR A 812 13.16 14.58 12.33
N ILE A 813 12.13 13.75 12.41
CA ILE A 813 10.97 14.06 13.22
C ILE A 813 11.00 13.21 14.48
N THR A 814 11.00 13.91 15.62
CA THR A 814 11.02 13.29 16.95
C THR A 814 9.78 13.66 17.77
N PRO A 815 8.91 12.69 18.03
CA PRO A 815 7.73 12.94 18.88
C PRO A 815 8.08 13.27 20.31
N ASP A 816 7.60 14.40 20.83
CA ASP A 816 7.69 14.66 22.25
C ASP A 816 6.31 14.85 22.88
N PHE A 817 5.79 13.78 23.46
CA PHE A 817 4.50 13.76 24.19
C PHE A 817 4.15 12.32 24.54
N GLN A 818 3.21 12.14 25.47
CA GLN A 818 2.78 10.81 25.86
C GLN A 818 1.66 10.34 24.95
N TRP A 819 1.71 9.09 24.53
CA TRP A 819 0.65 8.56 23.69
C TRP A 819 -0.46 7.98 24.55
N ASP A 820 -1.71 8.21 24.12
CA ASP A 820 -2.87 7.66 24.79
C ASP A 820 -3.82 7.10 23.72
N GLU A 821 -4.05 5.80 23.75
CA GLU A 821 -4.85 5.14 22.72
C GLU A 821 -6.23 5.78 22.58
N LYS A 822 -6.79 6.18 23.72
CA LYS A 822 -8.08 6.84 23.73
C LYS A 822 -8.01 8.15 22.97
N VAL A 823 -7.06 9.01 23.33
CA VAL A 823 -6.93 10.32 22.71
C VAL A 823 -6.40 10.31 21.27
N HIS A 824 -5.26 9.65 21.04
CA HIS A 824 -4.59 9.73 19.74
C HIS A 824 -4.95 8.62 18.75
N GLY A 825 -5.63 7.59 19.23
CA GLY A 825 -5.99 6.48 18.37
C GLY A 825 -4.76 5.67 17.98
N SER A 826 -4.80 5.03 16.82
CA SER A 826 -3.68 4.21 16.40
C SER A 826 -2.58 5.03 15.72
N SER A 827 -2.91 6.25 15.30
CA SER A 827 -1.97 7.07 14.53
C SER A 827 -2.29 8.56 14.59
N GLU A 828 -1.30 9.36 14.20
CA GLU A 828 -1.48 10.80 14.07
C GLU A 828 -0.85 11.33 12.79
N ALA A 829 -1.64 12.02 11.98
CA ALA A 829 -1.19 12.50 10.68
C ALA A 829 -0.71 13.95 10.71
N PHE A 830 0.32 14.23 9.92
CA PHE A 830 0.89 15.56 9.82
C PHE A 830 1.19 15.93 8.37
N TRP A 831 1.27 17.23 8.10
CA TRP A 831 1.73 17.73 6.82
C TRP A 831 3.10 18.37 6.98
N ILE A 832 4.07 17.86 6.23
CA ILE A 832 5.37 18.49 6.10
C ILE A 832 5.28 19.49 4.96
N LEU A 833 5.46 20.76 5.30
CA LEU A 833 5.37 21.84 4.34
C LEU A 833 6.70 22.56 4.29
N VAL A 834 7.34 22.55 3.13
CA VAL A 834 8.53 23.36 2.92
C VAL A 834 8.14 24.57 2.10
N GLU A 835 8.20 25.72 2.77
CA GLU A 835 7.77 27.00 2.22
C GLU A 835 8.94 27.98 2.06
N ASP A 836 8.79 28.92 1.13
CA ASP A 836 9.83 29.92 0.87
C ASP A 836 9.93 30.99 1.97
N VAL A 837 10.83 31.95 1.77
CA VAL A 837 11.21 32.89 2.81
C VAL A 837 10.03 33.78 3.25
N ASP A 838 9.08 34.00 2.36
CA ASP A 838 7.92 34.83 2.66
C ASP A 838 6.72 34.04 3.18
N SER A 839 6.87 32.72 3.22
CA SER A 839 5.78 31.80 3.52
C SER A 839 4.57 32.03 2.60
N GLU A 840 4.83 32.46 1.37
CA GLU A 840 3.78 32.59 0.36
C GLU A 840 3.66 31.39 -0.59
N VAL A 841 4.65 30.50 -0.58
CA VAL A 841 4.68 29.42 -1.57
C VAL A 841 5.08 28.08 -0.94
N ILE A 842 4.36 27.02 -1.27
CA ILE A 842 4.77 25.71 -0.83
C ILE A 842 5.63 25.08 -1.91
N LEU A 843 6.92 24.98 -1.61
CA LEU A 843 7.89 24.45 -2.55
C LEU A 843 7.87 22.94 -2.55
N HIS A 844 7.62 22.35 -1.39
CA HIS A 844 7.40 20.90 -1.35
C HIS A 844 6.48 20.54 -0.22
N HIS A 845 5.60 19.58 -0.41
CA HIS A 845 4.79 19.14 0.70
C HIS A 845 4.65 17.64 0.68
N GLU A 846 4.47 17.05 1.85
CA GLU A 846 4.11 15.66 1.90
C GLU A 846 3.49 15.23 3.23
N TYR A 847 2.82 14.10 3.17
CA TYR A 847 2.04 13.59 4.27
C TYR A 847 2.91 12.68 5.12
N PHE A 848 2.90 12.89 6.42
CA PHE A 848 3.69 12.08 7.33
C PHE A 848 2.78 11.44 8.34
N LEU A 849 2.85 10.12 8.47
CA LEU A 849 1.96 9.42 9.39
C LEU A 849 2.73 8.79 10.55
N LEU A 850 2.50 9.31 11.75
CA LEU A 850 3.17 8.77 12.94
C LEU A 850 2.30 7.70 13.59
N LYS A 851 2.71 6.45 13.47
CA LYS A 851 1.97 5.33 14.03
C LYS A 851 2.31 5.13 15.50
N ALA A 852 1.34 4.64 16.27
CA ALA A 852 1.49 4.51 17.72
C ALA A 852 2.48 3.41 18.14
N LYS A 853 2.54 2.32 17.36
CA LYS A 853 3.43 1.20 17.69
C LYS A 853 4.88 1.64 17.50
N TYR A 854 5.10 2.43 16.47
CA TYR A 854 6.42 2.94 16.14
C TYR A 854 6.64 4.33 16.72
N ALA A 855 5.70 4.78 17.54
CA ALA A 855 5.95 5.98 18.33
C ALA A 855 7.29 5.77 19.08
N GLN A 856 8.01 6.88 19.21
CA GLN A 856 9.21 7.00 19.99
C GLN A 856 10.42 6.57 19.19
N ASP A 857 10.23 5.97 18.03
CA ASP A 857 11.34 5.83 17.09
C ASP A 857 11.49 7.15 16.37
N GLU A 858 12.71 7.60 16.11
CA GLU A 858 12.88 8.83 15.34
C GLU A 858 12.67 8.53 13.85
N HIS A 859 12.07 9.48 13.14
CA HIS A 859 11.68 9.25 11.75
C HIS A 859 12.46 10.12 10.77
N LEU A 860 13.15 9.49 9.82
CA LEU A 860 13.93 10.25 8.87
C LEU A 860 13.17 10.39 7.55
N ILE A 861 12.90 11.63 7.16
CA ILE A 861 12.20 11.90 5.91
C ILE A 861 13.12 12.64 4.96
N THR A 862 13.42 12.03 3.82
CA THR A 862 14.37 12.59 2.87
C THR A 862 13.68 13.09 1.62
N PHE A 863 14.08 14.27 1.13
CA PHE A 863 13.54 14.75 -0.14
C PHE A 863 14.42 15.86 -0.72
N PHE A 864 14.10 16.31 -1.92
CA PHE A 864 14.87 17.39 -2.53
C PHE A 864 14.01 18.62 -2.62
N VAL A 865 14.63 19.79 -2.51
CA VAL A 865 13.92 21.06 -2.67
C VAL A 865 14.65 21.97 -3.64
N PRO A 866 13.90 22.70 -4.47
CA PRO A 866 14.46 23.66 -5.42
C PRO A 866 14.92 24.97 -4.78
N VAL A 867 16.00 25.53 -5.33
CA VAL A 867 16.52 26.83 -4.93
C VAL A 867 16.89 27.64 -6.17
N PHE A 868 16.98 28.96 -6.03
CA PHE A 868 17.24 29.84 -7.18
C PHE A 868 18.37 30.82 -6.83
N GLU A 869 19.33 30.96 -7.73
CA GLU A 869 20.67 31.48 -7.41
C GLU A 869 20.73 32.82 -6.67
N PRO A 870 19.80 33.74 -6.96
CA PRO A 870 19.68 34.82 -5.95
C PRO A 870 19.16 34.24 -4.63
N LEU A 871 20.00 33.45 -3.96
CA LEU A 871 19.60 32.65 -2.80
C LEU A 871 19.06 33.49 -1.66
N PRO A 872 17.90 33.09 -1.12
CA PRO A 872 17.29 33.77 0.02
C PRO A 872 18.06 33.46 1.29
N PRO A 873 17.70 34.10 2.42
CA PRO A 873 18.36 33.77 3.70
C PRO A 873 18.03 32.37 4.18
N GLN A 874 16.79 31.97 3.97
CA GLN A 874 16.31 30.72 4.56
C GLN A 874 15.05 30.17 3.88
N TYR A 875 14.78 28.89 4.11
CA TYR A 875 13.44 28.36 3.88
C TYR A 875 12.78 28.08 5.22
N PHE A 876 11.53 27.64 5.21
CA PHE A 876 10.89 27.21 6.43
C PHE A 876 10.31 25.82 6.26
N ILE A 877 10.44 25.00 7.28
CA ILE A 877 9.76 23.72 7.31
C ILE A 877 8.73 23.74 8.45
N ARG A 878 7.44 23.71 8.08
CA ARG A 878 6.38 23.56 9.07
C ARG A 878 5.90 22.12 9.06
N VAL A 879 5.66 21.56 10.23
CA VAL A 879 5.00 20.27 10.32
C VAL A 879 3.73 20.51 11.12
N VAL A 880 2.60 20.34 10.44
CA VAL A 880 1.30 20.77 10.97
C VAL A 880 0.40 19.57 11.19
N SER A 881 -0.36 19.53 12.27
CA SER A 881 -1.26 18.40 12.43
C SER A 881 -2.34 18.45 11.35
N ASP A 882 -2.76 17.27 10.89
CA ASP A 882 -3.84 17.18 9.92
C ASP A 882 -5.19 17.33 10.62
N ARG A 883 -5.18 17.08 11.92
CA ARG A 883 -6.39 17.09 12.74
C ARG A 883 -6.43 18.21 13.78
N TRP A 884 -5.43 18.24 14.66
CA TRP A 884 -5.40 19.11 15.84
C TRP A 884 -5.18 20.61 15.61
N LEU A 885 -6.10 21.41 16.14
CA LEU A 885 -5.98 22.86 16.10
C LEU A 885 -4.84 23.37 16.99
N SER A 886 -4.11 24.36 16.49
CA SER A 886 -2.92 24.91 17.16
C SER A 886 -1.85 23.85 17.45
N CYS A 887 -1.64 22.92 16.51
CA CYS A 887 -0.57 21.93 16.63
C CYS A 887 0.40 22.00 15.46
N GLU A 888 1.57 22.54 15.70
CA GLU A 888 2.48 22.86 14.61
C GLU A 888 3.91 22.99 15.11
N THR A 889 4.90 22.78 14.25
CA THR A 889 6.28 23.12 14.59
C THR A 889 7.03 23.65 13.38
N GLN A 890 7.71 24.78 13.54
CA GLN A 890 8.37 25.44 12.42
C GLN A 890 9.87 25.50 12.67
N LEU A 891 10.62 25.07 11.66
CA LEU A 891 12.07 25.06 11.68
C LEU A 891 12.62 25.95 10.56
N PRO A 892 13.36 27.00 10.92
CA PRO A 892 14.08 27.71 9.86
C PRO A 892 15.19 26.85 9.28
N VAL A 893 15.35 26.88 7.96
CA VAL A 893 16.44 26.19 7.31
C VAL A 893 17.34 27.26 6.72
N SER A 894 18.53 27.42 7.30
CA SER A 894 19.37 28.57 7.01
C SER A 894 20.30 28.32 5.84
N PHE A 895 20.33 29.28 4.92
CA PHE A 895 21.21 29.21 3.76
C PHE A 895 22.48 30.06 3.88
N ARG A 896 22.62 30.75 5.01
CA ARG A 896 23.68 31.76 5.20
C ARG A 896 25.10 31.26 4.91
N HIS A 897 25.40 30.04 5.38
CA HIS A 897 26.73 29.44 5.17
C HIS A 897 26.76 28.44 4.00
N LEU A 898 25.66 28.35 3.26
CA LEU A 898 25.53 27.35 2.22
C LEU A 898 26.43 27.62 1.01
N ILE A 899 27.25 26.64 0.65
CA ILE A 899 28.02 26.74 -0.58
C ILE A 899 27.41 25.84 -1.67
N LEU A 900 26.83 26.46 -2.69
CA LEU A 900 26.30 25.73 -3.83
C LEU A 900 27.45 25.08 -4.57
N PRO A 901 27.21 23.90 -5.15
CA PRO A 901 28.33 23.25 -5.84
C PRO A 901 28.63 23.98 -7.14
N GLU A 902 29.70 23.58 -7.82
CA GLU A 902 30.11 24.30 -9.01
C GLU A 902 29.17 23.95 -10.15
N LYS A 903 28.72 24.97 -10.87
CA LYS A 903 27.90 24.76 -12.06
C LYS A 903 28.65 23.80 -12.95
N TYR A 904 27.97 22.78 -13.43
CA TYR A 904 28.66 21.76 -14.20
C TYR A 904 28.77 22.17 -15.66
N PRO A 905 29.88 21.77 -16.32
CA PRO A 905 30.24 22.12 -17.69
C PRO A 905 29.31 21.50 -18.74
N PRO A 906 29.28 22.08 -19.95
CA PRO A 906 28.49 21.55 -21.07
C PRO A 906 28.88 20.13 -21.46
N PRO A 907 27.96 19.39 -22.08
CA PRO A 907 28.24 18.06 -22.60
C PRO A 907 29.12 18.12 -23.83
N THR A 908 29.80 17.04 -24.18
CA THR A 908 30.56 17.02 -25.42
C THR A 908 29.57 17.09 -26.58
N GLU A 909 29.82 18.03 -27.48
CA GLU A 909 28.98 18.21 -28.65
C GLU A 909 29.01 16.94 -29.51
N LEU A 910 27.83 16.46 -29.91
CA LEU A 910 27.77 15.31 -30.78
C LEU A 910 27.94 15.74 -32.23
N LEU A 911 28.99 15.24 -32.85
CA LEU A 911 29.28 15.56 -34.25
C LEU A 911 28.46 14.64 -35.14
N ASP A 912 27.94 15.14 -36.25
CA ASP A 912 27.38 14.18 -37.19
C ASP A 912 28.49 13.82 -38.17
N LEU A 913 29.07 12.66 -37.91
CA LEU A 913 30.04 12.05 -38.78
C LEU A 913 29.29 11.22 -39.81
N GLN A 914 29.91 10.95 -40.94
CA GLN A 914 29.40 9.89 -41.79
C GLN A 914 29.38 8.62 -40.92
N PRO A 915 28.26 7.90 -40.93
CA PRO A 915 28.05 6.75 -40.05
C PRO A 915 29.04 5.64 -40.36
N LEU A 916 30.23 5.78 -39.79
CA LEU A 916 31.40 4.97 -40.10
C LEU A 916 31.12 3.46 -40.15
N PRO A 917 31.51 2.81 -41.26
CA PRO A 917 31.18 1.42 -41.60
C PRO A 917 32.02 0.38 -40.85
N VAL A 918 31.48 -0.83 -40.74
CA VAL A 918 32.13 -1.91 -40.01
C VAL A 918 33.51 -2.20 -40.59
N SER A 919 33.69 -1.88 -41.87
CA SER A 919 34.96 -2.09 -42.57
C SER A 919 36.08 -1.24 -41.99
N ALA A 920 35.73 -0.18 -41.25
CA ALA A 920 36.72 0.73 -40.68
C ALA A 920 37.56 0.03 -39.61
N LEU A 921 36.99 -1.02 -39.04
CA LEU A 921 37.72 -1.98 -38.24
C LEU A 921 38.60 -2.73 -39.23
N ARG A 922 39.93 -2.77 -39.08
CA ARG A 922 40.62 -3.54 -40.10
C ARG A 922 41.00 -4.91 -39.56
N ASN A 923 40.04 -5.82 -39.76
CA ASN A 923 40.21 -7.24 -39.61
C ASN A 923 38.97 -7.81 -40.30
N SER A 924 39.07 -8.94 -40.97
CA SER A 924 37.86 -9.58 -41.47
C SER A 924 37.22 -10.45 -40.37
N ALA A 925 38.07 -11.03 -39.54
CA ALA A 925 37.64 -11.88 -38.43
C ALA A 925 36.88 -11.07 -37.39
N PHE A 926 37.33 -9.84 -37.19
CA PHE A 926 36.63 -8.92 -36.30
C PHE A 926 35.30 -8.49 -36.91
N GLU A 927 35.35 -8.12 -38.19
CA GLU A 927 34.15 -7.63 -38.89
C GLU A 927 33.04 -8.69 -38.96
N SER A 928 33.42 -9.97 -38.91
CA SER A 928 32.41 -11.04 -38.96
C SER A 928 31.54 -11.10 -37.70
N LEU A 929 31.92 -10.36 -36.66
CA LEU A 929 31.17 -10.32 -35.41
C LEU A 929 30.08 -9.26 -35.47
N TYR A 930 30.12 -8.45 -36.53
CA TYR A 930 29.34 -7.22 -36.62
C TYR A 930 28.48 -7.17 -37.89
N GLN A 931 29.13 -7.35 -39.04
CA GLN A 931 28.52 -7.17 -40.37
C GLN A 931 27.13 -7.80 -40.51
N ASP A 932 26.91 -8.94 -39.85
CA ASP A 932 25.62 -9.61 -39.89
C ASP A 932 24.54 -8.77 -39.19
N LYS A 933 24.90 -8.17 -38.05
CA LYS A 933 23.94 -7.39 -37.26
C LYS A 933 23.69 -5.99 -37.81
N PHE A 934 24.75 -5.25 -38.15
CA PHE A 934 24.58 -3.89 -38.65
C PHE A 934 25.64 -3.50 -39.68
N PRO A 935 25.25 -2.66 -40.66
CA PRO A 935 26.18 -2.06 -41.63
C PRO A 935 27.12 -1.00 -41.04
N PHE A 936 26.61 -0.22 -40.08
CA PHE A 936 27.36 0.93 -39.58
C PHE A 936 27.18 1.15 -38.07
N PHE A 937 28.17 1.79 -37.46
CA PHE A 937 28.11 2.15 -36.03
C PHE A 937 27.30 3.44 -35.85
N ASN A 938 26.63 3.57 -34.71
CA ASN A 938 25.81 4.76 -34.44
C ASN A 938 26.70 6.00 -34.20
N PRO A 939 26.09 7.22 -34.23
CA PRO A 939 26.87 8.46 -34.07
C PRO A 939 27.83 8.47 -32.88
N ILE A 940 27.39 7.96 -31.74
CA ILE A 940 28.26 7.86 -30.56
C ILE A 940 29.43 6.91 -30.82
N GLN A 941 29.13 5.76 -31.41
CA GLN A 941 30.15 4.74 -31.66
C GLN A 941 31.16 5.14 -32.71
N THR A 942 30.74 5.92 -33.70
CA THR A 942 31.68 6.40 -34.70
C THR A 942 32.50 7.56 -34.12
N GLN A 943 31.82 8.44 -33.37
CA GLN A 943 32.48 9.58 -32.74
C GLN A 943 33.60 9.16 -31.78
N VAL A 944 33.39 8.08 -31.05
CA VAL A 944 34.41 7.58 -30.14
C VAL A 944 35.38 6.63 -30.81
N PHE A 945 35.01 6.12 -31.99
CA PHE A 945 35.69 4.99 -32.62
C PHE A 945 37.19 5.16 -32.75
N ASN A 946 37.59 6.31 -33.28
CA ASN A 946 39.00 6.60 -33.49
C ASN A 946 39.76 6.52 -32.18
N THR A 947 39.28 7.28 -31.19
CA THR A 947 39.99 7.47 -29.93
C THR A 947 40.19 6.17 -29.16
N VAL A 948 39.16 5.33 -29.10
CA VAL A 948 39.28 4.08 -28.35
C VAL A 948 39.97 2.97 -29.15
N TYR A 949 39.67 2.86 -30.45
CA TYR A 949 40.24 1.78 -31.25
C TYR A 949 41.68 2.07 -31.72
N ASN A 950 41.93 3.31 -32.16
CA ASN A 950 43.26 3.70 -32.64
C ASN A 950 44.28 4.05 -31.54
N SER A 951 43.86 4.73 -30.47
CA SER A 951 44.82 5.13 -29.44
C SER A 951 44.93 4.10 -28.30
N ASP A 952 45.92 4.27 -27.44
CA ASP A 952 46.04 3.48 -26.20
C ASP A 952 45.67 4.23 -24.92
N ASP A 953 45.31 5.51 -25.03
CA ASP A 953 45.11 6.34 -23.83
C ASP A 953 43.75 6.10 -23.16
N ASN A 954 43.67 6.38 -21.86
CA ASN A 954 42.45 6.18 -21.09
C ASN A 954 41.27 7.00 -21.62
N VAL A 955 40.06 6.43 -21.56
CA VAL A 955 38.90 7.06 -22.17
C VAL A 955 37.62 6.89 -21.35
N PHE A 956 36.85 7.97 -21.22
CA PHE A 956 35.56 7.95 -20.54
C PHE A 956 34.42 8.18 -21.53
N VAL A 957 33.41 7.31 -21.51
CA VAL A 957 32.26 7.48 -22.38
C VAL A 957 30.98 7.62 -21.56
N GLY A 958 30.39 8.81 -21.53
CA GLY A 958 29.08 8.96 -20.94
C GLY A 958 28.01 8.89 -22.00
N ALA A 959 26.85 8.34 -21.66
CA ALA A 959 25.76 8.11 -22.61
C ALA A 959 24.59 7.41 -21.95
N PRO A 960 23.36 7.79 -22.31
CA PRO A 960 22.14 7.16 -21.80
C PRO A 960 22.13 5.65 -22.02
N THR A 961 21.71 4.89 -21.01
CA THR A 961 21.64 3.44 -21.10
C THR A 961 20.86 3.04 -22.34
N GLY A 962 21.43 2.12 -23.13
CA GLY A 962 20.85 1.70 -24.39
C GLY A 962 21.42 2.45 -25.58
N SER A 963 22.53 3.16 -25.35
CA SER A 963 23.21 3.88 -26.42
C SER A 963 24.22 2.97 -27.07
N GLY A 964 24.36 1.76 -26.51
CA GLY A 964 25.35 0.82 -26.97
C GLY A 964 26.76 1.25 -26.59
N LYS A 965 26.98 1.45 -25.30
CA LYS A 965 28.30 1.79 -24.79
C LYS A 965 29.18 0.53 -24.73
N THR A 966 28.55 -0.62 -24.88
CA THR A 966 29.25 -1.89 -24.68
C THR A 966 30.31 -2.16 -25.74
N ILE A 967 30.01 -1.83 -26.99
CA ILE A 967 30.92 -2.17 -28.07
C ILE A 967 32.03 -1.12 -28.24
N CYS A 968 31.98 -0.05 -27.44
CA CYS A 968 33.12 0.88 -27.34
C CYS A 968 34.17 0.21 -26.46
N ALA A 969 33.71 -0.37 -25.36
CA ALA A 969 34.54 -1.24 -24.55
C ALA A 969 35.11 -2.35 -25.43
N GLU A 970 34.25 -2.92 -26.28
CA GLU A 970 34.69 -3.96 -27.19
C GLU A 970 35.73 -3.46 -28.18
N PHE A 971 35.58 -2.24 -28.68
CA PHE A 971 36.63 -1.62 -29.50
C PHE A 971 37.96 -1.71 -28.75
N ALA A 972 37.95 -1.23 -27.52
CA ALA A 972 39.16 -1.27 -26.70
C ALA A 972 39.73 -2.68 -26.59
N ILE A 973 38.86 -3.67 -26.45
CA ILE A 973 39.31 -5.04 -26.29
C ILE A 973 39.91 -5.62 -27.57
N LEU A 974 39.27 -5.32 -28.71
CA LEU A 974 39.78 -5.73 -30.01
C LEU A 974 41.16 -5.11 -30.24
N ARG A 975 41.34 -3.85 -29.87
CA ARG A 975 42.67 -3.24 -30.01
C ARG A 975 43.68 -3.92 -29.07
N MET A 976 43.24 -4.26 -27.86
CA MET A 976 44.15 -4.96 -26.94
C MET A 976 44.62 -6.30 -27.50
N LEU A 977 43.72 -6.99 -28.20
CA LEU A 977 44.04 -8.28 -28.81
C LEU A 977 44.87 -8.14 -30.10
N LEU A 978 44.62 -7.04 -30.82
CA LEU A 978 45.42 -6.66 -31.97
C LEU A 978 46.89 -6.44 -31.57
N GLN A 979 47.11 -5.69 -30.50
CA GLN A 979 48.47 -5.38 -30.04
C GLN A 979 49.22 -6.62 -29.56
N SER A 980 48.64 -7.34 -28.60
CA SER A 980 49.25 -8.55 -28.06
C SER A 980 48.22 -9.65 -27.86
N SER A 981 48.48 -10.81 -28.44
CA SER A 981 47.53 -11.93 -28.42
C SER A 981 47.33 -12.51 -27.03
N GLU A 982 48.34 -12.36 -26.17
CA GLU A 982 48.29 -12.90 -24.82
C GLU A 982 47.79 -11.86 -23.81
N GLY A 983 47.35 -10.73 -24.33
CA GLY A 983 46.90 -9.60 -23.52
C GLY A 983 45.82 -9.96 -22.51
N ARG A 984 45.80 -9.22 -21.41
CA ARG A 984 44.88 -9.52 -20.33
C ARG A 984 44.03 -8.31 -19.99
N CYS A 985 42.72 -8.52 -19.91
CA CYS A 985 41.80 -7.43 -19.66
C CYS A 985 40.82 -7.78 -18.54
N VAL A 986 40.62 -6.85 -17.62
CA VAL A 986 39.67 -7.03 -16.54
C VAL A 986 38.52 -6.07 -16.72
N TYR A 987 37.31 -6.60 -16.63
CA TYR A 987 36.09 -5.82 -16.80
C TYR A 987 35.22 -5.96 -15.56
N ILE A 988 34.89 -4.82 -14.99
CA ILE A 988 34.14 -4.77 -13.74
C ILE A 988 32.75 -4.20 -13.98
N THR A 989 31.74 -4.92 -13.50
CA THR A 989 30.39 -4.34 -13.42
C THR A 989 29.86 -4.41 -12.00
N PRO A 990 29.15 -3.36 -11.58
CA PRO A 990 28.61 -3.23 -10.22
C PRO A 990 27.66 -4.36 -9.85
N MET A 991 26.96 -4.90 -10.84
CA MET A 991 25.93 -5.92 -10.60
C MET A 991 26.37 -7.30 -11.11
N GLU A 992 26.14 -8.32 -10.31
CA GLU A 992 26.50 -9.68 -10.70
C GLU A 992 25.65 -10.16 -11.89
N ALA A 993 24.40 -9.73 -11.92
CA ALA A 993 23.51 -10.04 -13.02
C ALA A 993 24.09 -9.57 -14.36
N LEU A 994 24.36 -8.28 -14.43
CA LEU A 994 25.02 -7.69 -15.60
C LEU A 994 26.29 -8.45 -15.95
N ALA A 995 27.05 -8.81 -14.92
CA ALA A 995 28.31 -9.54 -15.10
C ALA A 995 28.08 -10.83 -15.87
N GLU A 996 27.06 -11.59 -15.46
CA GLU A 996 26.73 -12.86 -16.10
C GLU A 996 26.22 -12.68 -17.54
N GLN A 997 25.40 -11.66 -17.77
CA GLN A 997 24.95 -11.37 -19.14
C GLN A 997 26.16 -11.08 -20.04
N VAL A 998 27.03 -10.20 -19.57
CA VAL A 998 28.25 -9.86 -20.28
C VAL A 998 29.12 -11.10 -20.48
N TYR A 999 29.04 -12.04 -19.53
CA TYR A 999 29.83 -13.26 -19.62
C TYR A 999 29.33 -14.17 -20.74
N MET A 1000 28.01 -14.31 -20.86
CA MET A 1000 27.45 -15.05 -21.98
C MET A 1000 27.79 -14.40 -23.32
N ASP A 1001 27.40 -13.13 -23.44
CA ASP A 1001 27.62 -12.35 -24.65
C ASP A 1001 29.07 -12.41 -25.13
N TRP A 1002 30.01 -12.17 -24.22
CA TRP A 1002 31.41 -12.11 -24.60
C TRP A 1002 32.09 -13.48 -24.66
N TYR A 1003 31.54 -14.48 -23.98
CA TYR A 1003 32.04 -15.84 -24.16
C TYR A 1003 31.78 -16.20 -25.62
N GLU A 1004 30.54 -16.01 -26.06
CA GLU A 1004 30.20 -16.26 -27.46
C GLU A 1004 31.02 -15.40 -28.42
N LYS A 1005 31.14 -14.11 -28.14
CA LYS A 1005 31.77 -13.17 -29.07
C LYS A 1005 33.28 -13.32 -29.14
N PHE A 1006 33.88 -13.88 -28.09
CA PHE A 1006 35.33 -13.92 -27.98
C PHE A 1006 35.88 -15.33 -27.88
N GLN A 1007 35.45 -16.08 -26.87
CA GLN A 1007 35.87 -17.47 -26.70
C GLN A 1007 35.40 -18.42 -27.82
N ASP A 1008 34.18 -18.21 -28.33
CA ASP A 1008 33.69 -19.08 -29.39
C ASP A 1008 34.24 -18.68 -30.77
N ARG A 1009 33.88 -17.50 -31.24
CA ARG A 1009 34.26 -17.08 -32.60
C ARG A 1009 35.73 -16.70 -32.69
N LEU A 1010 36.15 -15.66 -31.98
CA LEU A 1010 37.56 -15.24 -31.98
C LEU A 1010 38.45 -16.21 -31.20
N ASN A 1011 37.83 -17.18 -30.53
CA ASN A 1011 38.53 -18.22 -29.79
C ASN A 1011 39.62 -17.74 -28.83
N LYS A 1012 39.23 -16.85 -27.92
CA LYS A 1012 40.06 -16.46 -26.79
C LYS A 1012 39.53 -17.09 -25.50
N LYS A 1013 40.14 -16.79 -24.37
CA LYS A 1013 39.60 -17.27 -23.11
C LYS A 1013 38.80 -16.18 -22.41
N VAL A 1014 37.60 -16.55 -21.97
CA VAL A 1014 36.69 -15.63 -21.28
C VAL A 1014 36.27 -16.26 -19.96
N VAL A 1015 36.59 -15.60 -18.85
CA VAL A 1015 36.29 -16.16 -17.54
C VAL A 1015 35.40 -15.25 -16.68
N LEU A 1016 34.81 -15.83 -15.64
CA LEU A 1016 33.91 -15.11 -14.75
C LEU A 1016 34.28 -15.39 -13.31
N LEU A 1017 34.69 -14.35 -12.58
CA LEU A 1017 35.18 -14.52 -11.23
C LEU A 1017 34.07 -14.95 -10.29
N THR A 1018 34.39 -15.81 -9.34
CA THR A 1018 33.42 -16.33 -8.38
C THR A 1018 33.79 -15.99 -6.94
N GLY A 1019 33.00 -16.48 -5.99
CA GLY A 1019 33.23 -16.20 -4.59
C GLY A 1019 34.59 -16.63 -4.03
N GLU A 1020 35.04 -17.83 -4.41
CA GLU A 1020 36.23 -18.42 -3.82
C GLU A 1020 37.53 -17.87 -4.43
N THR A 1021 38.58 -17.80 -3.61
CA THR A 1021 39.82 -17.11 -3.95
C THR A 1021 40.79 -17.85 -4.87
N SER A 1022 41.04 -19.12 -4.58
CA SER A 1022 42.03 -19.91 -5.31
C SER A 1022 41.69 -20.09 -6.79
N THR A 1023 40.49 -20.62 -7.04
CA THR A 1023 39.97 -20.80 -8.40
C THR A 1023 39.90 -19.48 -9.15
N ASP A 1024 39.58 -18.41 -8.44
CA ASP A 1024 39.55 -17.08 -9.04
C ASP A 1024 40.95 -16.64 -9.46
N LEU A 1025 41.94 -16.94 -8.62
CA LEU A 1025 43.32 -16.62 -8.93
C LEU A 1025 43.70 -17.35 -10.21
N LYS A 1026 43.33 -18.63 -10.29
CA LYS A 1026 43.52 -19.43 -11.49
C LYS A 1026 42.90 -18.77 -12.74
N LEU A 1027 41.65 -18.33 -12.59
CA LEU A 1027 40.94 -17.70 -13.70
C LEU A 1027 41.64 -16.41 -14.12
N LEU A 1028 42.21 -15.71 -13.15
CA LEU A 1028 42.98 -14.50 -13.40
C LEU A 1028 44.23 -14.86 -14.21
N GLY A 1029 44.81 -16.01 -13.90
CA GLY A 1029 45.94 -16.52 -14.65
C GLY A 1029 45.66 -16.84 -16.12
N LYS A 1030 44.65 -17.66 -16.35
CA LYS A 1030 44.36 -18.13 -17.72
C LYS A 1030 43.58 -17.12 -18.60
N GLY A 1031 42.85 -16.20 -17.98
CA GLY A 1031 41.92 -15.34 -18.70
C GLY A 1031 42.47 -14.23 -19.58
N ASN A 1032 41.97 -14.16 -20.81
CA ASN A 1032 42.17 -13.00 -21.67
C ASN A 1032 41.18 -11.90 -21.33
N ILE A 1033 39.95 -12.32 -21.02
CA ILE A 1033 38.87 -11.41 -20.63
C ILE A 1033 38.26 -11.87 -19.31
N ILE A 1034 38.44 -11.07 -18.27
CA ILE A 1034 37.99 -11.40 -16.93
C ILE A 1034 36.75 -10.60 -16.54
N ILE A 1035 35.64 -11.27 -16.27
CA ILE A 1035 34.44 -10.57 -15.84
C ILE A 1035 34.36 -10.64 -14.33
N SER A 1036 34.13 -9.50 -13.69
CA SER A 1036 33.99 -9.48 -12.23
C SER A 1036 33.14 -8.35 -11.68
N THR A 1037 32.59 -8.59 -10.49
CA THR A 1037 31.96 -7.56 -9.69
C THR A 1037 33.01 -6.91 -8.79
N PRO A 1038 32.75 -5.68 -8.31
CA PRO A 1038 33.79 -4.96 -7.56
C PRO A 1038 34.32 -5.70 -6.35
N GLU A 1039 33.46 -6.32 -5.55
CA GLU A 1039 33.89 -7.00 -4.33
C GLU A 1039 34.92 -8.11 -4.58
N LYS A 1040 34.65 -8.92 -5.60
CA LYS A 1040 35.52 -10.02 -5.97
C LYS A 1040 36.88 -9.49 -6.39
N TRP A 1041 36.87 -8.53 -7.29
CA TRP A 1041 38.09 -7.89 -7.75
C TRP A 1041 38.83 -7.20 -6.60
N ASP A 1042 38.07 -6.80 -5.58
CA ASP A 1042 38.64 -6.11 -4.42
C ASP A 1042 39.44 -7.08 -3.58
N ILE A 1043 38.78 -8.16 -3.17
CA ILE A 1043 39.43 -9.19 -2.34
C ILE A 1043 40.57 -9.85 -3.13
N LEU A 1044 40.52 -9.76 -4.45
CA LEU A 1044 41.65 -10.20 -5.26
C LEU A 1044 42.80 -9.20 -5.21
N SER A 1045 42.55 -7.98 -5.66
CA SER A 1045 43.62 -7.02 -5.92
C SER A 1045 44.13 -6.31 -4.65
N ARG A 1046 43.57 -6.64 -3.50
CA ARG A 1046 44.12 -6.12 -2.25
C ARG A 1046 45.57 -6.57 -2.06
N ARG A 1047 45.86 -7.76 -2.57
CA ARG A 1047 47.17 -8.39 -2.43
C ARG A 1047 48.06 -8.12 -3.65
N TRP A 1048 47.66 -7.17 -4.48
CA TRP A 1048 48.33 -6.87 -5.76
C TRP A 1048 49.85 -6.81 -5.68
N LYS A 1049 50.38 -6.35 -4.55
CA LYS A 1049 51.82 -6.37 -4.33
C LYS A 1049 52.36 -7.78 -4.46
N GLN A 1050 51.59 -8.74 -3.94
CA GLN A 1050 51.97 -10.14 -3.92
C GLN A 1050 51.41 -10.93 -5.12
N ARG A 1051 50.60 -10.30 -5.95
CA ARG A 1051 50.02 -10.97 -7.12
C ARG A 1051 50.33 -10.24 -8.43
N LYS A 1052 51.15 -10.90 -9.26
CA LYS A 1052 51.69 -10.28 -10.46
C LYS A 1052 50.64 -10.08 -11.54
N ASN A 1053 49.71 -11.02 -11.63
CA ASN A 1053 48.64 -10.97 -12.63
C ASN A 1053 47.74 -9.75 -12.48
N VAL A 1054 47.60 -9.24 -11.26
CA VAL A 1054 46.86 -8.00 -11.05
C VAL A 1054 47.69 -6.83 -11.59
N GLN A 1055 48.99 -6.86 -11.30
CA GLN A 1055 49.91 -5.82 -11.76
C GLN A 1055 49.93 -5.71 -13.27
N ASN A 1056 49.98 -6.83 -13.98
CA ASN A 1056 49.93 -6.73 -15.43
C ASN A 1056 48.55 -7.10 -15.98
N ILE A 1057 47.85 -6.06 -16.43
CA ILE A 1057 46.68 -6.21 -17.26
C ILE A 1057 46.77 -5.05 -18.24
N ASN A 1058 46.54 -5.33 -19.52
CA ASN A 1058 46.68 -4.28 -20.51
C ASN A 1058 45.50 -3.32 -20.45
N LEU A 1059 44.34 -3.88 -20.09
CA LEU A 1059 43.10 -3.12 -20.15
C LEU A 1059 42.25 -3.34 -18.92
N PHE A 1060 41.80 -2.23 -18.34
CA PHE A 1060 40.87 -2.22 -17.23
C PHE A 1060 39.64 -1.46 -17.68
N VAL A 1061 38.52 -2.17 -17.81
CA VAL A 1061 37.26 -1.53 -18.14
C VAL A 1061 36.33 -1.52 -16.94
N VAL A 1062 35.74 -0.37 -16.66
CA VAL A 1062 34.72 -0.26 -15.63
C VAL A 1062 33.45 0.17 -16.30
N ASP A 1063 32.39 -0.60 -16.09
CA ASP A 1063 31.10 -0.25 -16.67
C ASP A 1063 30.18 0.32 -15.59
N GLU A 1064 29.29 1.23 -16.00
CA GLU A 1064 28.33 1.82 -15.09
C GLU A 1064 29.01 2.52 -13.91
N VAL A 1065 30.00 3.36 -14.19
CA VAL A 1065 30.80 3.98 -13.13
C VAL A 1065 30.01 5.00 -12.32
N HIS A 1066 28.88 5.44 -12.84
CA HIS A 1066 28.03 6.39 -12.10
C HIS A 1066 27.46 5.69 -10.87
N LEU A 1067 27.47 4.36 -10.88
CA LEU A 1067 27.06 3.57 -9.72
C LEU A 1067 28.01 3.78 -8.54
N ILE A 1068 29.08 4.55 -8.77
CA ILE A 1068 29.97 4.97 -7.70
C ILE A 1068 29.18 5.81 -6.70
N GLY A 1069 28.15 6.49 -7.19
CA GLY A 1069 27.35 7.37 -6.37
C GLY A 1069 26.28 6.63 -5.60
N GLY A 1070 26.15 5.33 -5.87
CA GLY A 1070 25.11 4.54 -5.27
C GLY A 1070 25.59 3.69 -4.13
N GLU A 1071 24.68 2.90 -3.58
CA GLU A 1071 25.03 1.92 -2.58
C GLU A 1071 26.06 0.97 -3.18
N ASN A 1072 27.03 0.56 -2.37
CA ASN A 1072 28.15 -0.29 -2.82
C ASN A 1072 29.11 0.46 -3.76
N GLY A 1073 28.77 1.70 -4.11
CA GLY A 1073 29.67 2.56 -4.86
C GLY A 1073 31.10 2.66 -4.31
N PRO A 1074 31.27 2.79 -2.99
CA PRO A 1074 32.63 2.83 -2.46
C PRO A 1074 33.55 1.71 -2.91
N VAL A 1075 33.14 0.45 -2.93
CA VAL A 1075 34.07 -0.60 -3.39
C VAL A 1075 34.52 -0.34 -4.83
N LEU A 1076 33.58 0.10 -5.67
CA LEU A 1076 33.89 0.48 -7.03
C LEU A 1076 35.00 1.52 -7.05
N GLU A 1077 34.76 2.59 -6.28
CA GLU A 1077 35.71 3.70 -6.19
C GLU A 1077 37.08 3.21 -5.75
N VAL A 1078 37.10 2.35 -4.74
CA VAL A 1078 38.34 1.85 -4.16
C VAL A 1078 39.13 1.08 -5.20
N ILE A 1079 38.50 0.11 -5.85
CA ILE A 1079 39.24 -0.72 -6.80
C ILE A 1079 39.69 0.08 -8.02
N CYS A 1080 38.88 1.03 -8.49
CA CYS A 1080 39.37 1.89 -9.57
C CYS A 1080 40.58 2.72 -9.15
N SER A 1081 40.52 3.30 -7.95
CA SER A 1081 41.62 4.15 -7.50
C SER A 1081 42.90 3.35 -7.29
N ARG A 1082 42.77 2.18 -6.67
CA ARG A 1082 43.86 1.21 -6.57
C ARG A 1082 44.46 0.89 -7.94
N MET A 1083 43.61 0.70 -8.95
CA MET A 1083 44.10 0.40 -10.30
C MET A 1083 44.90 1.58 -10.89
N ARG A 1084 44.49 2.81 -10.59
CA ARG A 1084 45.27 3.97 -11.04
C ARG A 1084 46.62 4.09 -10.30
N TYR A 1085 46.61 3.76 -9.01
CA TYR A 1085 47.82 3.80 -8.19
C TYR A 1085 48.84 2.76 -8.68
N ILE A 1086 48.35 1.55 -8.92
CA ILE A 1086 49.17 0.49 -9.52
C ILE A 1086 49.71 0.94 -10.87
N SER A 1087 48.83 1.50 -11.69
CA SER A 1087 49.23 1.94 -13.02
C SER A 1087 50.39 2.93 -12.95
N SER A 1088 50.34 3.85 -12.00
CA SER A 1088 51.42 4.83 -11.88
C SER A 1088 52.68 4.25 -11.19
N GLN A 1089 52.52 3.16 -10.45
CA GLN A 1089 53.67 2.56 -9.77
C GLN A 1089 54.53 1.60 -10.61
N ILE A 1090 53.96 0.95 -11.62
CA ILE A 1090 54.75 0.01 -12.44
C ILE A 1090 55.30 0.58 -13.75
N GLU A 1091 54.93 1.82 -14.06
CA GLU A 1091 55.34 2.54 -15.29
C GLU A 1091 55.22 1.69 -16.56
N ARG A 1092 54.30 0.73 -16.54
CA ARG A 1092 53.68 0.21 -17.75
C ARG A 1092 52.20 0.54 -17.61
N PRO A 1093 51.73 1.56 -18.36
CA PRO A 1093 50.37 2.07 -18.15
C PRO A 1093 49.30 1.00 -18.32
N ILE A 1094 48.35 0.99 -17.39
CA ILE A 1094 47.18 0.16 -17.50
C ILE A 1094 46.07 0.97 -18.14
N ARG A 1095 45.71 0.63 -19.37
CA ARG A 1095 44.68 1.40 -20.07
C ARG A 1095 43.38 1.34 -19.26
N ILE A 1096 42.69 2.46 -19.17
CA ILE A 1096 41.45 2.48 -18.40
C ILE A 1096 40.30 3.05 -19.22
N VAL A 1097 39.30 2.21 -19.43
CA VAL A 1097 38.10 2.56 -20.16
C VAL A 1097 36.90 2.61 -19.21
N ALA A 1098 36.34 3.79 -19.02
CA ALA A 1098 35.20 3.92 -18.11
C ALA A 1098 33.94 4.27 -18.88
N LEU A 1099 32.88 3.51 -18.65
CA LEU A 1099 31.61 3.80 -19.29
C LEU A 1099 30.60 4.25 -18.25
N SER A 1100 29.72 5.17 -18.64
CA SER A 1100 28.77 5.73 -17.70
C SER A 1100 27.55 6.30 -18.38
N SER A 1101 26.50 6.51 -17.57
CA SER A 1101 25.38 7.33 -17.99
C SER A 1101 25.85 8.77 -18.08
N SER A 1102 25.09 9.61 -18.78
CA SER A 1102 25.45 11.01 -18.89
C SER A 1102 25.67 11.57 -17.49
N LEU A 1103 26.86 12.15 -17.29
CA LEU A 1103 27.18 12.80 -16.03
C LEU A 1103 26.97 14.31 -16.18
N SER A 1104 26.51 14.94 -15.11
CA SER A 1104 26.53 16.39 -15.10
C SER A 1104 28.00 16.79 -14.99
N ASN A 1105 28.74 16.09 -14.13
CA ASN A 1105 30.17 16.31 -14.03
C ASN A 1105 30.97 15.10 -14.51
N ALA A 1106 31.44 15.14 -15.75
CA ALA A 1106 32.27 14.06 -16.27
C ALA A 1106 33.73 14.32 -15.90
N LYS A 1107 34.07 15.59 -15.91
CA LYS A 1107 35.43 16.06 -15.72
C LYS A 1107 36.09 15.46 -14.49
N ASP A 1108 35.45 15.59 -13.34
CA ASP A 1108 35.97 15.06 -12.08
C ASP A 1108 36.34 13.59 -12.22
N VAL A 1109 35.45 12.83 -12.82
CA VAL A 1109 35.68 11.39 -13.03
C VAL A 1109 36.83 11.15 -14.01
N ALA A 1110 36.91 12.01 -15.03
CA ALA A 1110 37.95 11.91 -16.04
C ALA A 1110 39.34 12.10 -15.43
N HIS A 1111 39.54 13.24 -14.77
CA HIS A 1111 40.80 13.54 -14.08
C HIS A 1111 41.10 12.43 -13.08
N TRP A 1112 40.05 11.92 -12.44
CA TRP A 1112 40.24 10.86 -11.45
C TRP A 1112 40.85 9.63 -12.11
N LEU A 1113 40.32 9.25 -13.27
CA LEU A 1113 40.76 8.06 -13.98
C LEU A 1113 41.77 8.33 -15.10
N GLY A 1114 42.15 9.59 -15.28
CA GLY A 1114 43.25 9.94 -16.16
C GLY A 1114 42.91 10.22 -17.60
N CYS A 1115 41.64 10.50 -17.85
CA CYS A 1115 41.20 10.87 -19.19
C CYS A 1115 41.48 12.35 -19.48
N SER A 1116 41.91 12.63 -20.71
CA SER A 1116 42.00 14.00 -21.20
C SER A 1116 40.61 14.52 -21.52
N ALA A 1117 40.49 15.84 -21.65
CA ALA A 1117 39.20 16.44 -22.01
C ALA A 1117 38.74 15.96 -23.37
N THR A 1118 39.71 15.70 -24.26
CA THR A 1118 39.43 15.24 -25.62
C THR A 1118 39.10 13.74 -25.64
N SER A 1119 39.66 12.98 -24.71
CA SER A 1119 39.37 11.56 -24.59
C SER A 1119 38.09 11.33 -23.76
N THR A 1120 37.45 12.43 -23.38
CA THR A 1120 36.24 12.38 -22.58
C THR A 1120 34.99 12.66 -23.42
N PHE A 1121 34.12 11.68 -23.56
CA PHE A 1121 32.88 11.89 -24.29
C PHE A 1121 31.68 11.75 -23.37
N ASN A 1122 31.10 12.89 -23.01
CA ASN A 1122 29.96 12.90 -22.12
C ASN A 1122 28.79 13.54 -22.84
N PHE A 1123 27.80 12.72 -23.19
CA PHE A 1123 26.75 13.13 -24.10
C PHE A 1123 25.44 13.41 -23.37
N HIS A 1124 24.76 14.47 -23.77
CA HIS A 1124 23.45 14.78 -23.21
C HIS A 1124 22.48 13.64 -23.54
N PRO A 1125 21.56 13.35 -22.61
CA PRO A 1125 20.53 12.31 -22.78
C PRO A 1125 19.64 12.44 -24.02
N ASN A 1126 19.61 13.61 -24.65
CA ASN A 1126 18.80 13.80 -25.85
C ASN A 1126 19.53 13.39 -27.13
N VAL A 1127 20.77 12.97 -27.02
CA VAL A 1127 21.51 12.49 -28.18
C VAL A 1127 21.40 10.97 -28.29
N ARG A 1128 20.70 10.37 -27.33
CA ARG A 1128 20.49 8.93 -27.28
C ARG A 1128 19.98 8.43 -28.62
N PRO A 1129 20.64 7.40 -29.17
CA PRO A 1129 20.41 6.90 -30.53
C PRO A 1129 18.94 6.69 -30.82
N VAL A 1130 18.22 6.06 -29.90
CA VAL A 1130 16.78 5.95 -30.00
C VAL A 1130 16.13 7.02 -29.15
N PRO A 1131 15.54 8.04 -29.80
CA PRO A 1131 14.92 9.16 -29.08
C PRO A 1131 13.95 8.69 -27.99
N LEU A 1132 14.03 9.33 -26.83
CA LEU A 1132 13.17 8.96 -25.72
C LEU A 1132 11.97 9.90 -25.65
N GLU A 1133 10.77 9.33 -25.55
CA GLU A 1133 9.60 10.12 -25.27
C GLU A 1133 9.18 9.84 -23.83
N LEU A 1134 9.43 10.79 -22.95
CA LEU A 1134 9.18 10.56 -21.53
C LEU A 1134 7.88 11.24 -21.11
N HIS A 1135 7.07 10.50 -20.37
CA HIS A 1135 5.81 11.00 -19.86
C HIS A 1135 5.77 10.69 -18.38
N ILE A 1136 5.40 11.67 -17.57
CA ILE A 1136 5.40 11.47 -16.13
C ILE A 1136 4.03 11.81 -15.57
N GLN A 1137 3.48 10.88 -14.79
CA GLN A 1137 2.10 10.96 -14.35
C GLN A 1137 2.01 10.98 -12.83
N GLY A 1138 1.64 12.13 -12.27
CA GLY A 1138 1.56 12.26 -10.84
C GLY A 1138 0.26 11.74 -10.29
N PHE A 1139 0.34 11.09 -9.14
CA PHE A 1139 -0.84 10.71 -8.41
C PHE A 1139 -0.78 11.30 -7.01
N ASN A 1140 -1.77 12.10 -6.61
CA ASN A 1140 -1.67 12.55 -5.23
C ASN A 1140 -2.37 11.53 -4.36
N ILE A 1141 -1.59 10.60 -3.83
CA ILE A 1141 -2.03 9.63 -2.81
C ILE A 1141 -0.85 9.32 -1.87
N SER A 1142 -1.03 9.44 -0.56
CA SER A 1142 0.07 9.19 0.36
C SER A 1142 0.21 7.70 0.66
N HIS A 1143 -0.93 7.00 0.79
CA HIS A 1143 -0.86 5.60 1.15
C HIS A 1143 -0.43 4.82 -0.08
N THR A 1144 0.69 4.10 0.06
CA THR A 1144 1.31 3.44 -1.06
C THR A 1144 0.37 2.42 -1.69
N GLN A 1145 -0.09 1.45 -0.90
CA GLN A 1145 -0.96 0.38 -1.41
C GLN A 1145 -2.11 0.93 -2.25
N THR A 1146 -2.78 1.94 -1.70
CA THR A 1146 -3.85 2.64 -2.39
C THR A 1146 -3.38 3.17 -3.75
N ARG A 1147 -2.21 3.82 -3.75
CA ARG A 1147 -1.66 4.46 -4.94
C ARG A 1147 -1.38 3.41 -6.02
N LEU A 1148 -0.73 2.34 -5.59
CA LEU A 1148 -0.49 1.16 -6.40
C LEU A 1148 -1.76 0.66 -7.06
N LEU A 1149 -2.84 0.58 -6.29
CA LEU A 1149 -4.11 0.08 -6.82
C LEU A 1149 -4.77 1.06 -7.78
N SER A 1150 -4.55 2.35 -7.58
CA SER A 1150 -5.15 3.35 -8.47
C SER A 1150 -4.31 3.52 -9.73
N MET A 1151 -3.12 2.93 -9.72
CA MET A 1151 -2.25 2.96 -10.89
C MET A 1151 -2.58 1.86 -11.89
N ALA A 1152 -3.37 0.87 -11.45
CA ALA A 1152 -3.61 -0.33 -12.24
C ALA A 1152 -4.20 -0.01 -13.61
N LYS A 1153 -5.36 0.64 -13.63
CA LYS A 1153 -6.02 0.99 -14.89
C LYS A 1153 -5.23 1.98 -15.78
N PRO A 1154 -4.61 3.00 -15.16
CA PRO A 1154 -3.76 3.88 -15.99
C PRO A 1154 -2.62 3.14 -16.70
N VAL A 1155 -2.17 2.02 -16.15
CA VAL A 1155 -1.14 1.21 -16.78
C VAL A 1155 -1.64 0.61 -18.10
N TYR A 1156 -2.83 0.01 -18.03
CA TYR A 1156 -3.48 -0.52 -19.22
C TYR A 1156 -3.68 0.58 -20.24
N HIS A 1157 -4.23 1.71 -19.82
CA HIS A 1157 -4.44 2.83 -20.74
C HIS A 1157 -3.13 3.30 -21.35
N ALA A 1158 -2.04 3.13 -20.62
CA ALA A 1158 -0.73 3.54 -21.11
C ALA A 1158 -0.29 2.59 -22.22
N ILE A 1159 -0.50 1.30 -21.99
CA ILE A 1159 -0.23 0.29 -23.00
C ILE A 1159 -1.01 0.60 -24.27
N THR A 1160 -2.32 0.81 -24.14
CA THR A 1160 -3.18 0.96 -25.31
C THR A 1160 -3.03 2.32 -25.99
N LYS A 1161 -2.48 3.30 -25.30
CA LYS A 1161 -2.23 4.58 -25.95
C LYS A 1161 -0.87 4.57 -26.63
N HIS A 1162 0.20 4.42 -25.85
CA HIS A 1162 1.55 4.60 -26.38
C HIS A 1162 2.17 3.40 -27.09
N SER A 1163 1.77 2.18 -26.75
CA SER A 1163 2.30 1.04 -27.48
C SER A 1163 1.30 -0.10 -27.74
N PRO A 1164 0.21 0.18 -28.47
CA PRO A 1164 -0.83 -0.85 -28.62
C PRO A 1164 -0.37 -2.17 -29.27
N LYS A 1165 0.36 -2.10 -30.38
CA LYS A 1165 0.87 -3.32 -31.02
C LYS A 1165 2.30 -3.74 -30.64
N LYS A 1166 3.08 -2.81 -30.09
CA LYS A 1166 4.50 -3.06 -29.82
C LYS A 1166 4.80 -3.55 -28.38
N PRO A 1167 5.98 -4.16 -28.16
CA PRO A 1167 6.34 -4.71 -26.84
C PRO A 1167 6.30 -3.71 -25.67
N VAL A 1168 5.97 -4.23 -24.49
CA VAL A 1168 5.79 -3.44 -23.28
C VAL A 1168 6.41 -4.13 -22.06
N ILE A 1169 7.33 -3.43 -21.39
CA ILE A 1169 7.81 -3.87 -20.09
C ILE A 1169 7.15 -3.03 -19.00
N VAL A 1170 6.67 -3.67 -17.94
CA VAL A 1170 6.15 -2.94 -16.80
C VAL A 1170 6.87 -3.35 -15.53
N PHE A 1171 7.61 -2.40 -14.94
CA PHE A 1171 8.33 -2.64 -13.70
C PHE A 1171 7.44 -2.32 -12.50
N VAL A 1172 7.37 -3.25 -11.54
CA VAL A 1172 6.58 -3.03 -10.33
C VAL A 1172 7.43 -3.21 -9.06
N PRO A 1173 6.96 -2.71 -7.92
CA PRO A 1173 7.79 -2.72 -6.69
C PRO A 1173 8.18 -4.10 -6.13
N SER A 1174 7.27 -5.07 -6.13
CA SER A 1174 7.54 -6.34 -5.45
C SER A 1174 7.20 -7.58 -6.30
N ARG A 1175 7.62 -8.75 -5.84
CA ARG A 1175 7.28 -10.03 -6.48
C ARG A 1175 5.78 -10.15 -6.69
N LYS A 1176 5.04 -9.99 -5.60
CA LYS A 1176 3.59 -10.14 -5.62
C LYS A 1176 2.93 -9.24 -6.65
N GLN A 1177 3.42 -8.02 -6.75
CA GLN A 1177 2.85 -7.05 -7.68
C GLN A 1177 3.08 -7.42 -9.16
N THR A 1178 4.08 -8.24 -9.46
CA THR A 1178 4.29 -8.70 -10.84
C THR A 1178 3.08 -9.52 -11.28
N ARG A 1179 2.84 -10.61 -10.56
CA ARG A 1179 1.69 -11.48 -10.77
C ARG A 1179 0.39 -10.68 -10.78
N LEU A 1180 0.21 -9.82 -9.78
CA LEU A 1180 -1.04 -9.06 -9.67
C LEU A 1180 -1.29 -8.12 -10.84
N THR A 1181 -0.25 -7.43 -11.29
CA THR A 1181 -0.41 -6.45 -12.36
C THR A 1181 -0.57 -7.15 -13.70
N ALA A 1182 0.14 -8.26 -13.86
CA ALA A 1182 -0.06 -9.16 -14.99
C ALA A 1182 -1.53 -9.53 -15.11
N ILE A 1183 -2.09 -10.06 -14.02
CA ILE A 1183 -3.50 -10.44 -14.01
C ILE A 1183 -4.44 -9.25 -14.24
N ASP A 1184 -4.09 -8.07 -13.73
CA ASP A 1184 -4.92 -6.88 -13.98
C ASP A 1184 -4.97 -6.51 -15.46
N ILE A 1185 -3.79 -6.45 -16.07
CA ILE A 1185 -3.66 -6.18 -17.50
C ILE A 1185 -4.45 -7.19 -18.31
N LEU A 1186 -4.26 -8.47 -17.98
CA LEU A 1186 -5.01 -9.56 -18.58
C LEU A 1186 -6.50 -9.32 -18.55
N THR A 1187 -7.05 -9.34 -17.34
CA THR A 1187 -8.47 -9.29 -17.15
C THR A 1187 -9.09 -8.04 -17.78
N THR A 1188 -8.43 -6.89 -17.61
CA THR A 1188 -8.91 -5.66 -18.25
C THR A 1188 -8.95 -5.82 -19.76
N CYS A 1189 -7.88 -6.40 -20.31
CA CYS A 1189 -7.79 -6.65 -21.74
C CYS A 1189 -8.97 -7.47 -22.22
N ALA A 1190 -9.15 -8.65 -21.63
CA ALA A 1190 -10.25 -9.54 -22.01
C ALA A 1190 -11.62 -8.91 -21.77
N ALA A 1191 -11.67 -7.93 -20.87
CA ALA A 1191 -12.93 -7.24 -20.56
C ALA A 1191 -13.14 -6.01 -21.44
N ASP A 1192 -12.19 -5.76 -22.35
CA ASP A 1192 -12.41 -4.80 -23.42
C ASP A 1192 -13.00 -5.50 -24.64
N ILE A 1193 -13.34 -6.77 -24.45
CA ILE A 1193 -13.76 -7.71 -25.50
C ILE A 1193 -12.60 -7.90 -26.49
N GLN A 1194 -11.40 -7.59 -26.03
CA GLN A 1194 -10.19 -7.94 -26.75
C GLN A 1194 -9.36 -8.90 -25.91
N ARG A 1195 -9.36 -10.18 -26.27
CA ARG A 1195 -8.62 -11.16 -25.51
C ARG A 1195 -7.52 -11.72 -26.39
N GLN A 1196 -6.34 -11.93 -25.82
CA GLN A 1196 -5.16 -12.38 -26.56
C GLN A 1196 -4.61 -11.30 -27.49
N ARG A 1197 -5.22 -10.12 -27.47
CA ARG A 1197 -4.70 -8.94 -28.17
C ARG A 1197 -3.22 -8.68 -27.84
N PHE A 1198 -2.79 -9.15 -26.67
CA PHE A 1198 -1.38 -9.10 -26.30
C PHE A 1198 -0.65 -10.37 -26.68
N LEU A 1199 -1.38 -11.36 -27.19
CA LEU A 1199 -0.77 -12.61 -27.67
C LEU A 1199 -0.68 -12.64 -29.19
N HIS A 1200 0.55 -12.60 -29.71
CA HIS A 1200 0.76 -12.48 -31.15
C HIS A 1200 1.05 -13.81 -31.87
N CYS A 1201 0.97 -14.92 -31.14
CA CYS A 1201 0.97 -16.23 -31.78
C CYS A 1201 -0.35 -16.91 -31.45
N THR A 1202 -0.49 -18.18 -31.81
CA THR A 1202 -1.66 -18.94 -31.39
C THR A 1202 -1.32 -19.79 -30.16
N GLU A 1203 -2.28 -19.96 -29.25
CA GLU A 1203 -2.08 -20.75 -28.03
C GLU A 1203 -1.48 -22.12 -28.30
N LYS A 1204 -1.99 -22.74 -29.37
CA LYS A 1204 -1.53 -24.04 -29.83
C LYS A 1204 -0.01 -24.04 -29.92
N ASP A 1205 0.55 -23.05 -30.60
CA ASP A 1205 1.99 -22.94 -30.78
C ASP A 1205 2.71 -22.97 -29.44
N LEU A 1206 2.07 -22.36 -28.43
CA LEU A 1206 2.70 -22.17 -27.12
C LEU A 1206 2.69 -23.40 -26.23
N ILE A 1207 1.66 -24.24 -26.32
CA ILE A 1207 1.52 -25.43 -25.45
C ILE A 1207 2.80 -26.29 -25.24
N PRO A 1208 3.57 -26.58 -26.32
CA PRO A 1208 4.77 -27.38 -26.08
C PRO A 1208 5.80 -26.74 -25.15
N TYR A 1209 5.94 -25.41 -25.18
CA TYR A 1209 6.84 -24.73 -24.25
C TYR A 1209 6.27 -24.68 -22.85
N LEU A 1210 4.99 -24.29 -22.76
CA LEU A 1210 4.29 -24.15 -21.49
C LEU A 1210 4.18 -25.46 -20.72
N GLU A 1211 4.37 -26.59 -21.41
CA GLU A 1211 4.42 -27.87 -20.71
C GLU A 1211 5.60 -27.95 -19.76
N LYS A 1212 6.65 -27.18 -20.05
CA LYS A 1212 7.86 -27.17 -19.23
C LYS A 1212 7.74 -26.28 -18.00
N LEU A 1213 6.58 -25.65 -17.83
CA LEU A 1213 6.38 -24.72 -16.72
C LEU A 1213 5.79 -25.40 -15.49
N SER A 1214 6.31 -25.01 -14.32
CA SER A 1214 5.76 -25.43 -13.04
C SER A 1214 4.57 -24.55 -12.64
N ASP A 1215 4.69 -23.26 -12.92
CA ASP A 1215 3.78 -22.25 -12.39
C ASP A 1215 2.47 -22.18 -13.16
N SER A 1216 1.36 -22.43 -12.47
CA SER A 1216 0.02 -22.46 -13.07
C SER A 1216 -0.39 -21.09 -13.61
N THR A 1217 -0.27 -20.09 -12.74
CA THR A 1217 -0.68 -18.72 -13.05
C THR A 1217 0.16 -18.16 -14.20
N LEU A 1218 1.44 -18.52 -14.22
CA LEU A 1218 2.34 -18.05 -15.28
C LEU A 1218 1.94 -18.65 -16.63
N LYS A 1219 1.58 -19.93 -16.61
CA LYS A 1219 1.02 -20.59 -17.79
C LYS A 1219 -0.19 -19.81 -18.27
N GLU A 1220 -1.14 -19.59 -17.36
CA GLU A 1220 -2.41 -18.99 -17.72
C GLU A 1220 -2.26 -17.57 -18.26
N THR A 1221 -1.33 -16.80 -17.69
CA THR A 1221 -1.13 -15.44 -18.17
C THR A 1221 -0.40 -15.44 -19.51
N LEU A 1222 0.62 -16.29 -19.63
CA LEU A 1222 1.36 -16.39 -20.88
C LEU A 1222 0.44 -16.75 -22.05
N LEU A 1223 -0.50 -17.65 -21.79
CA LEU A 1223 -1.50 -18.01 -22.79
C LEU A 1223 -2.24 -16.80 -23.34
N ASN A 1224 -2.38 -15.76 -22.54
CA ASN A 1224 -3.06 -14.54 -22.95
C ASN A 1224 -2.11 -13.46 -23.44
N GLY A 1225 -0.82 -13.79 -23.55
CA GLY A 1225 0.15 -12.88 -24.12
C GLY A 1225 0.80 -11.92 -23.14
N VAL A 1226 0.72 -12.25 -21.85
CA VAL A 1226 1.40 -11.46 -20.84
C VAL A 1226 2.19 -12.33 -19.89
N GLY A 1227 3.51 -12.17 -19.89
CA GLY A 1227 4.35 -12.89 -18.96
C GLY A 1227 4.76 -12.02 -17.80
N TYR A 1228 5.37 -12.62 -16.79
CA TYR A 1228 5.93 -11.84 -15.70
C TYR A 1228 7.21 -12.45 -15.14
N LEU A 1229 8.06 -11.59 -14.58
CA LEU A 1229 9.36 -11.99 -14.06
C LEU A 1229 9.54 -11.56 -12.60
N HIS A 1230 9.74 -12.54 -11.72
CA HIS A 1230 10.18 -12.25 -10.36
C HIS A 1230 11.20 -13.29 -9.87
N GLU A 1231 11.86 -13.00 -8.75
CA GLU A 1231 12.99 -13.78 -8.27
C GLU A 1231 12.64 -15.19 -7.81
N GLY A 1232 11.34 -15.49 -7.72
CA GLY A 1232 10.89 -16.81 -7.31
C GLY A 1232 10.92 -17.83 -8.43
N LEU A 1233 10.84 -17.35 -9.67
CA LEU A 1233 10.84 -18.23 -10.83
C LEU A 1233 12.22 -18.85 -11.05
N SER A 1234 12.23 -20.02 -11.68
CA SER A 1234 13.48 -20.71 -12.00
C SER A 1234 14.16 -20.02 -13.18
N PRO A 1235 15.49 -20.13 -13.26
CA PRO A 1235 16.24 -19.53 -14.37
C PRO A 1235 15.73 -20.02 -15.72
N MET A 1236 15.32 -21.28 -15.75
CA MET A 1236 14.69 -21.87 -16.94
C MET A 1236 13.44 -21.09 -17.30
N GLU A 1237 12.52 -20.97 -16.34
CA GLU A 1237 11.29 -20.21 -16.54
C GLU A 1237 11.54 -18.76 -16.96
N ARG A 1238 12.52 -18.12 -16.33
CA ARG A 1238 12.83 -16.73 -16.67
C ARG A 1238 13.35 -16.61 -18.10
N ARG A 1239 14.26 -17.50 -18.48
CA ARG A 1239 14.80 -17.49 -19.83
C ARG A 1239 13.70 -17.78 -20.84
N LEU A 1240 12.74 -18.60 -20.43
CA LEU A 1240 11.61 -18.93 -21.28
C LEU A 1240 10.77 -17.69 -21.55
N VAL A 1241 10.34 -17.02 -20.47
CA VAL A 1241 9.50 -15.82 -20.57
C VAL A 1241 10.21 -14.71 -21.35
N GLU A 1242 11.51 -14.61 -21.15
CA GLU A 1242 12.31 -13.62 -21.88
C GLU A 1242 12.35 -13.96 -23.37
N GLN A 1243 12.52 -15.24 -23.69
CA GLN A 1243 12.62 -15.68 -25.08
C GLN A 1243 11.31 -15.46 -25.83
N LEU A 1244 10.21 -15.84 -25.20
CA LEU A 1244 8.89 -15.57 -25.77
C LEU A 1244 8.72 -14.07 -26.01
N PHE A 1245 9.01 -13.25 -24.99
CA PHE A 1245 8.85 -11.80 -25.11
C PHE A 1245 9.71 -11.18 -26.23
N SER A 1246 10.94 -11.67 -26.38
CA SER A 1246 11.82 -11.17 -27.43
C SER A 1246 11.30 -11.56 -28.80
N SER A 1247 10.77 -12.79 -28.90
CA SER A 1247 10.31 -13.33 -30.19
C SER A 1247 9.06 -12.63 -30.71
N GLY A 1248 8.39 -11.89 -29.83
CA GLY A 1248 7.18 -11.18 -30.18
C GLY A 1248 5.93 -11.96 -29.86
N ALA A 1249 6.10 -13.15 -29.30
CA ALA A 1249 4.96 -14.03 -29.02
C ALA A 1249 4.04 -13.38 -28.01
N ILE A 1250 4.63 -12.93 -26.90
CA ILE A 1250 3.90 -12.15 -25.91
C ILE A 1250 4.33 -10.68 -25.97
N GLN A 1251 3.34 -9.79 -25.98
CA GLN A 1251 3.59 -8.35 -26.14
C GLN A 1251 4.00 -7.67 -24.83
N VAL A 1252 3.52 -8.21 -23.71
CA VAL A 1252 3.67 -7.55 -22.43
C VAL A 1252 4.37 -8.45 -21.40
N VAL A 1253 5.39 -7.92 -20.75
CA VAL A 1253 6.01 -8.61 -19.61
C VAL A 1253 6.08 -7.67 -18.40
N VAL A 1254 5.74 -8.21 -17.23
CA VAL A 1254 5.76 -7.45 -15.99
C VAL A 1254 6.83 -7.96 -15.05
N ALA A 1255 7.87 -7.18 -14.81
CA ALA A 1255 8.94 -7.65 -13.96
C ALA A 1255 9.10 -6.82 -12.67
N SER A 1256 9.59 -7.47 -11.62
CA SER A 1256 9.88 -6.77 -10.37
C SER A 1256 11.10 -5.86 -10.54
N ARG A 1257 11.24 -4.88 -9.65
CA ARG A 1257 12.33 -3.90 -9.76
C ARG A 1257 13.70 -4.51 -9.53
N SER A 1258 13.76 -5.56 -8.72
CA SER A 1258 15.00 -6.28 -8.48
C SER A 1258 15.58 -6.81 -9.77
N LEU A 1259 14.72 -7.12 -10.73
CA LEU A 1259 15.17 -7.82 -11.94
C LEU A 1259 15.55 -6.87 -13.06
N CYS A 1260 15.55 -5.57 -12.78
CA CYS A 1260 15.83 -4.60 -13.83
C CYS A 1260 17.27 -4.67 -14.30
N TRP A 1261 18.17 -5.17 -13.45
CA TRP A 1261 19.56 -5.41 -13.87
C TRP A 1261 19.77 -6.78 -14.55
N GLY A 1262 18.91 -7.73 -14.25
CA GLY A 1262 19.10 -9.09 -14.70
C GLY A 1262 18.24 -9.52 -15.89
N MET A 1263 17.75 -8.56 -16.65
CA MET A 1263 16.91 -8.82 -17.83
C MET A 1263 17.60 -8.49 -19.13
N ASN A 1264 17.84 -9.50 -19.97
CA ASN A 1264 18.31 -9.22 -21.34
C ASN A 1264 17.13 -9.28 -22.27
N VAL A 1265 16.62 -8.10 -22.57
CA VAL A 1265 15.40 -7.93 -23.29
C VAL A 1265 15.15 -6.43 -23.42
N ALA A 1266 14.30 -6.00 -24.33
CA ALA A 1266 14.07 -4.57 -24.54
C ALA A 1266 12.67 -4.35 -25.06
N ALA A 1267 12.12 -3.16 -24.84
CA ALA A 1267 10.74 -2.94 -25.24
C ALA A 1267 10.61 -1.64 -25.99
N HIS A 1268 9.45 -1.43 -26.59
CA HIS A 1268 9.11 -0.16 -27.20
C HIS A 1268 8.62 0.81 -26.12
N LEU A 1269 7.98 0.24 -25.11
CA LEU A 1269 7.41 1.02 -24.02
C LEU A 1269 7.81 0.45 -22.67
N VAL A 1270 8.41 1.28 -21.82
CA VAL A 1270 8.64 0.90 -20.45
C VAL A 1270 7.75 1.72 -19.53
N ILE A 1271 6.98 1.02 -18.69
CA ILE A 1271 6.13 1.66 -17.70
C ILE A 1271 6.67 1.38 -16.31
N ILE A 1272 6.97 2.44 -15.57
CA ILE A 1272 7.42 2.26 -14.20
C ILE A 1272 6.25 2.44 -13.25
N MET A 1273 5.84 1.35 -12.61
CA MET A 1273 4.73 1.40 -11.68
C MET A 1273 5.28 1.62 -10.28
N ASP A 1274 4.91 2.80 -9.80
CA ASP A 1274 5.47 3.52 -8.67
C ASP A 1274 7.00 3.68 -8.69
N THR A 1275 7.52 4.34 -7.66
CA THR A 1275 8.94 4.56 -7.44
C THR A 1275 9.49 4.12 -6.10
N GLN A 1276 8.67 3.45 -5.30
CA GLN A 1276 9.07 3.20 -3.92
C GLN A 1276 8.93 1.73 -3.55
N TYR A 1277 9.76 1.27 -2.62
CA TYR A 1277 9.57 -0.06 -2.07
C TYR A 1277 9.53 -0.01 -0.55
N TYR A 1278 8.98 -1.06 0.05
CA TYR A 1278 8.84 -1.11 1.50
C TYR A 1278 10.11 -1.65 2.16
N ASN A 1279 10.58 -0.89 3.15
CA ASN A 1279 11.65 -1.32 4.03
C ASN A 1279 11.03 -1.66 5.37
N GLY A 1280 11.06 -2.96 5.70
CA GLY A 1280 10.43 -3.46 6.91
C GLY A 1280 11.21 -3.15 8.17
N LYS A 1281 12.51 -2.91 8.02
CA LYS A 1281 13.37 -2.58 9.15
C LYS A 1281 12.98 -1.23 9.76
N ILE A 1282 12.82 -0.23 8.90
CA ILE A 1282 12.51 1.11 9.35
C ILE A 1282 11.00 1.37 9.31
N HIS A 1283 10.25 0.36 8.87
CA HIS A 1283 8.79 0.44 8.73
C HIS A 1283 8.37 1.62 7.87
N ALA A 1284 8.96 1.73 6.68
CA ALA A 1284 8.64 2.86 5.81
C ALA A 1284 8.98 2.59 4.35
N TYR A 1285 8.42 3.39 3.45
CA TYR A 1285 8.72 3.24 2.03
C TYR A 1285 9.89 4.14 1.64
N VAL A 1286 10.80 3.62 0.83
CA VAL A 1286 11.92 4.41 0.34
C VAL A 1286 11.98 4.43 -1.19
N ASP A 1287 12.48 5.55 -1.71
CA ASP A 1287 12.51 5.84 -3.14
C ASP A 1287 13.45 4.94 -3.91
N TYR A 1288 13.10 4.59 -5.15
CA TYR A 1288 13.99 3.87 -6.07
C TYR A 1288 15.30 4.65 -6.21
N PRO A 1289 16.44 3.96 -6.11
CA PRO A 1289 17.65 4.67 -6.49
C PRO A 1289 17.51 5.17 -7.92
N ILE A 1290 17.90 6.41 -8.17
CA ILE A 1290 17.76 7.01 -9.50
C ILE A 1290 18.52 6.17 -10.54
N TYR A 1291 19.45 5.33 -10.07
CA TYR A 1291 20.22 4.45 -10.93
C TYR A 1291 19.35 3.34 -11.50
N ASP A 1292 18.60 2.66 -10.63
CA ASP A 1292 17.65 1.65 -11.04
C ASP A 1292 16.65 2.22 -12.05
N VAL A 1293 16.22 3.46 -11.83
CA VAL A 1293 15.25 4.09 -12.71
C VAL A 1293 15.89 4.40 -14.06
N LEU A 1294 17.14 4.85 -14.04
CA LEU A 1294 17.88 5.10 -15.28
C LEU A 1294 17.96 3.81 -16.11
N GLN A 1295 18.22 2.71 -15.41
CA GLN A 1295 18.31 1.41 -16.04
C GLN A 1295 16.96 1.00 -16.66
N MET A 1296 15.90 1.12 -15.86
CA MET A 1296 14.56 0.78 -16.32
C MET A 1296 14.16 1.56 -17.55
N VAL A 1297 14.44 2.85 -17.55
CA VAL A 1297 14.13 3.66 -18.72
C VAL A 1297 15.02 3.23 -19.89
N GLY A 1298 16.22 2.74 -19.57
CA GLY A 1298 17.13 2.23 -20.59
C GLY A 1298 16.51 1.04 -21.31
N HIS A 1299 15.77 0.23 -20.58
CA HIS A 1299 15.16 -0.95 -21.17
C HIS A 1299 14.14 -0.65 -22.26
N ALA A 1300 13.71 0.59 -22.44
CA ALA A 1300 12.90 0.83 -23.63
C ALA A 1300 13.79 1.46 -24.66
N ASN A 1301 14.45 0.59 -25.42
CA ASN A 1301 15.35 0.97 -26.49
C ASN A 1301 15.38 -0.13 -27.55
N ARG A 1302 15.01 0.20 -28.78
CA ARG A 1302 15.02 -0.79 -29.84
C ARG A 1302 15.49 -0.16 -31.14
N PRO A 1303 16.81 -0.03 -31.29
CA PRO A 1303 17.41 0.63 -32.45
C PRO A 1303 16.93 0.05 -33.78
N LEU A 1304 16.87 -1.28 -33.87
CA LEU A 1304 16.51 -1.92 -35.13
C LEU A 1304 15.03 -1.73 -35.44
N GLN A 1305 14.17 -2.04 -34.47
CA GLN A 1305 12.72 -2.03 -34.71
C GLN A 1305 12.05 -0.65 -34.58
N ASP A 1306 12.54 0.19 -33.68
CA ASP A 1306 11.79 1.40 -33.32
C ASP A 1306 12.46 2.69 -33.73
N ASP A 1307 11.62 3.63 -34.14
CA ASP A 1307 12.07 4.98 -34.45
C ASP A 1307 12.03 5.83 -33.18
N GLU A 1308 11.37 5.31 -32.14
CA GLU A 1308 11.39 5.96 -30.83
C GLU A 1308 11.20 4.98 -29.68
N GLY A 1309 11.84 5.29 -28.55
CA GLY A 1309 11.57 4.60 -27.30
C GLY A 1309 10.53 5.40 -26.54
N ARG A 1310 9.78 4.76 -25.67
CA ARG A 1310 8.74 5.48 -24.94
C ARG A 1310 8.68 5.01 -23.50
N CYS A 1311 8.66 5.98 -22.59
CA CYS A 1311 8.65 5.71 -21.17
C CYS A 1311 7.52 6.45 -20.47
N VAL A 1312 6.80 5.76 -19.60
CA VAL A 1312 5.81 6.41 -18.76
C VAL A 1312 6.10 6.05 -17.31
N ILE A 1313 6.48 7.08 -16.55
CA ILE A 1313 6.79 6.91 -15.14
C ILE A 1313 5.59 7.30 -14.31
N MET A 1314 5.18 6.41 -13.43
CA MET A 1314 4.05 6.67 -12.56
C MET A 1314 4.56 6.81 -11.12
N CYS A 1315 4.26 7.95 -10.51
CA CYS A 1315 4.79 8.29 -9.18
C CYS A 1315 3.84 9.11 -8.34
N GLN A 1316 4.10 9.11 -7.04
CA GLN A 1316 3.43 10.04 -6.14
C GLN A 1316 3.69 11.46 -6.65
N GLY A 1317 2.67 12.31 -6.65
CA GLY A 1317 2.77 13.63 -7.24
C GLY A 1317 3.95 14.47 -6.80
N SER A 1318 4.26 14.41 -5.51
CA SER A 1318 5.34 15.20 -4.94
C SER A 1318 6.67 14.98 -5.65
N LYS A 1319 6.88 13.79 -6.21
CA LYS A 1319 8.14 13.44 -6.84
C LYS A 1319 8.23 13.82 -8.32
N LYS A 1320 7.12 14.29 -8.87
CA LYS A 1320 6.99 14.39 -10.32
C LYS A 1320 8.11 15.18 -10.98
N ASP A 1321 8.25 16.44 -10.56
CA ASP A 1321 9.28 17.35 -11.05
C ASP A 1321 10.66 16.71 -11.05
N PHE A 1322 10.95 15.94 -10.00
CA PHE A 1322 12.24 15.30 -9.83
C PHE A 1322 12.63 14.51 -11.08
N PHE A 1323 11.71 13.66 -11.51
CA PHE A 1323 12.00 12.80 -12.64
C PHE A 1323 12.06 13.57 -13.94
N LYS A 1324 11.36 14.71 -14.00
CA LYS A 1324 11.47 15.56 -15.19
C LYS A 1324 12.89 16.15 -15.28
N LYS A 1325 13.60 16.18 -14.16
CA LYS A 1325 14.90 16.82 -14.10
C LYS A 1325 16.05 15.88 -14.46
N PHE A 1326 16.25 14.86 -13.65
CA PHE A 1326 17.47 14.06 -13.68
C PHE A 1326 17.36 12.89 -14.65
N LEU A 1327 16.26 12.84 -15.38
CA LEU A 1327 16.16 12.00 -16.56
C LEU A 1327 16.57 12.82 -17.79
N TYR A 1328 15.86 13.92 -18.04
CA TYR A 1328 16.21 14.81 -19.14
C TYR A 1328 17.63 15.34 -19.04
N GLU A 1329 18.01 15.85 -17.88
CA GLU A 1329 19.35 16.40 -17.68
C GLU A 1329 20.32 15.31 -17.24
N PRO A 1330 21.63 15.53 -17.44
CA PRO A 1330 22.65 14.58 -16.96
C PRO A 1330 22.70 14.49 -15.44
N LEU A 1331 23.38 13.46 -14.92
CA LEU A 1331 23.25 13.07 -13.52
C LEU A 1331 24.48 13.40 -12.70
N PRO A 1332 24.30 14.24 -11.65
CA PRO A 1332 25.34 14.49 -10.66
C PRO A 1332 25.55 13.31 -9.74
N VAL A 1333 26.82 12.97 -9.49
CA VAL A 1333 27.12 11.88 -8.57
C VAL A 1333 28.13 12.37 -7.53
N GLU A 1334 28.16 11.67 -6.40
CA GLU A 1334 29.06 12.01 -5.32
C GLU A 1334 29.65 10.73 -4.77
N SER A 1335 30.68 10.86 -3.96
CA SER A 1335 31.28 9.69 -3.31
C SER A 1335 30.73 9.53 -1.90
N HIS A 1336 30.36 8.30 -1.57
CA HIS A 1336 30.01 7.94 -0.21
C HIS A 1336 31.10 7.14 0.50
N LEU A 1337 32.28 7.13 -0.10
CA LEU A 1337 33.43 6.44 0.48
C LEU A 1337 33.79 6.92 1.87
N ASP A 1338 33.64 8.22 2.14
CA ASP A 1338 33.98 8.78 3.46
C ASP A 1338 33.19 8.12 4.59
N HIS A 1339 32.07 7.48 4.26
CA HIS A 1339 31.32 6.71 5.24
C HIS A 1339 31.70 5.22 5.24
N CYS A 1340 32.47 4.78 4.24
CA CYS A 1340 32.95 3.40 4.15
C CYS A 1340 34.42 3.14 4.54
N MET A 1341 35.09 4.16 5.05
CA MET A 1341 36.56 4.18 5.19
C MET A 1341 37.28 3.04 5.92
N HIS A 1342 36.65 2.49 6.95
CA HIS A 1342 37.34 1.61 7.88
C HIS A 1342 37.84 0.28 7.31
N ASP A 1343 36.98 -0.45 6.61
CA ASP A 1343 37.37 -1.76 6.07
C ASP A 1343 38.53 -1.66 5.10
N HIS A 1344 38.49 -0.61 4.28
CA HIS A 1344 39.53 -0.39 3.29
C HIS A 1344 40.83 0.09 3.93
N PHE A 1345 40.74 0.98 4.90
CA PHE A 1345 41.95 1.42 5.57
C PHE A 1345 42.61 0.27 6.31
N ASN A 1346 41.81 -0.50 7.04
CA ASN A 1346 42.31 -1.71 7.69
C ASN A 1346 42.97 -2.64 6.68
N ALA A 1347 42.33 -2.79 5.52
CA ALA A 1347 42.88 -3.63 4.46
C ALA A 1347 44.26 -3.16 4.05
N GLU A 1348 44.40 -1.87 3.78
CA GLU A 1348 45.67 -1.35 3.27
C GLU A 1348 46.73 -1.23 4.37
N ILE A 1349 46.30 -1.35 5.62
CA ILE A 1349 47.24 -1.42 6.73
C ILE A 1349 47.80 -2.84 6.84
N VAL A 1350 46.93 -3.82 6.67
CA VAL A 1350 47.36 -5.22 6.67
C VAL A 1350 48.39 -5.50 5.57
N THR A 1351 48.08 -5.05 4.35
CA THR A 1351 48.96 -5.26 3.21
C THR A 1351 50.08 -4.23 3.14
N LYS A 1352 50.09 -3.33 4.13
CA LYS A 1352 51.13 -2.32 4.29
C LYS A 1352 51.24 -1.35 3.12
N THR A 1353 50.10 -1.03 2.51
CA THR A 1353 50.04 0.08 1.57
C THR A 1353 49.96 1.37 2.38
N ILE A 1354 49.39 1.25 3.58
CA ILE A 1354 49.38 2.33 4.55
C ILE A 1354 50.19 1.93 5.78
N GLU A 1355 51.36 2.55 5.94
CA GLU A 1355 52.21 2.30 7.10
C GLU A 1355 52.14 3.38 8.17
N ASN A 1356 51.38 4.45 7.90
CA ASN A 1356 51.39 5.66 8.73
C ASN A 1356 50.36 6.69 8.28
N LYS A 1357 50.07 7.66 9.15
CA LYS A 1357 48.99 8.62 8.92
C LYS A 1357 49.16 9.34 7.58
N GLN A 1358 50.40 9.71 7.27
CA GLN A 1358 50.68 10.37 6.00
C GLN A 1358 50.39 9.47 4.80
N ASP A 1359 50.58 8.16 4.96
CA ASP A 1359 50.25 7.21 3.90
C ASP A 1359 48.76 7.15 3.63
N ALA A 1360 47.96 7.32 4.67
CA ALA A 1360 46.51 7.35 4.53
C ALA A 1360 46.07 8.65 3.84
N VAL A 1361 46.68 9.76 4.24
CA VAL A 1361 46.35 11.01 3.54
C VAL A 1361 46.71 10.90 2.07
N ASP A 1362 47.86 10.32 1.77
CA ASP A 1362 48.28 10.16 0.38
C ASP A 1362 47.34 9.23 -0.38
N TYR A 1363 46.97 8.14 0.28
CA TYR A 1363 45.99 7.20 -0.24
C TYR A 1363 44.73 7.91 -0.70
N LEU A 1364 44.24 8.83 0.14
CA LEU A 1364 43.00 9.52 -0.16
C LEU A 1364 43.06 10.45 -1.37
N THR A 1365 44.23 10.65 -1.94
CA THR A 1365 44.36 11.55 -3.07
C THR A 1365 44.09 10.85 -4.40
N TRP A 1366 43.98 9.53 -4.35
CA TRP A 1366 43.66 8.74 -5.54
C TRP A 1366 42.15 8.53 -5.74
N THR A 1367 41.39 8.89 -4.71
CA THR A 1367 39.94 8.67 -4.69
C THR A 1367 39.15 9.74 -5.44
N PHE A 1368 37.93 9.37 -5.84
CA PHE A 1368 36.98 10.29 -6.43
C PHE A 1368 36.53 11.30 -5.37
N LEU A 1369 36.48 10.80 -4.14
CA LEU A 1369 36.16 11.59 -2.98
C LEU A 1369 36.98 12.88 -2.93
N TYR A 1370 38.29 12.74 -3.16
CA TYR A 1370 39.22 13.86 -3.15
C TYR A 1370 38.84 14.94 -4.16
N ARG A 1371 38.43 14.54 -5.36
CA ARG A 1371 38.01 15.51 -6.37
C ARG A 1371 36.70 16.17 -6.00
N ARG A 1372 35.79 15.39 -5.42
CA ARG A 1372 34.46 15.89 -5.15
C ARG A 1372 34.40 16.85 -3.96
N MET A 1373 35.30 16.67 -3.00
CA MET A 1373 35.21 17.45 -1.77
C MET A 1373 35.35 18.96 -1.97
N THR A 1374 36.17 19.39 -2.93
CA THR A 1374 36.28 20.81 -3.20
C THR A 1374 35.22 21.30 -4.18
N GLN A 1375 34.60 20.36 -4.89
CA GLN A 1375 33.55 20.67 -5.86
C GLN A 1375 32.20 20.90 -5.20
N ASN A 1376 31.92 20.09 -4.19
CA ASN A 1376 30.68 20.19 -3.44
C ASN A 1376 30.95 19.99 -1.95
N PRO A 1377 31.62 20.97 -1.32
CA PRO A 1377 32.08 20.87 0.06
C PRO A 1377 30.97 20.59 1.06
N ASN A 1378 29.85 21.29 0.94
CA ASN A 1378 28.79 21.16 1.92
C ASN A 1378 28.17 19.78 1.92
N TYR A 1379 28.30 19.06 0.81
CA TYR A 1379 27.83 17.68 0.75
C TYR A 1379 28.64 16.81 1.70
N TYR A 1380 29.94 17.04 1.74
CA TYR A 1380 30.82 16.21 2.56
C TYR A 1380 31.03 16.85 3.92
N ASN A 1381 30.30 17.95 4.13
CA ASN A 1381 30.37 18.77 5.33
C ASN A 1381 31.71 19.49 5.48
N LEU A 1382 32.25 19.96 4.37
CA LEU A 1382 33.37 20.89 4.36
C LEU A 1382 32.82 22.30 4.41
N GLN A 1383 33.49 23.17 5.15
CA GLN A 1383 32.97 24.53 5.33
C GLN A 1383 33.61 25.53 4.38
N GLY A 1384 34.42 25.03 3.44
CA GLY A 1384 35.03 25.87 2.43
C GLY A 1384 35.82 25.08 1.41
N ILE A 1385 36.13 25.69 0.27
CA ILE A 1385 36.83 24.97 -0.78
C ILE A 1385 38.34 25.26 -0.81
N SER A 1386 38.83 26.05 0.15
CA SER A 1386 40.25 26.37 0.20
C SER A 1386 41.07 25.11 0.45
N HIS A 1387 42.34 25.12 0.07
CA HIS A 1387 43.17 23.93 0.24
C HIS A 1387 43.38 23.64 1.71
N ARG A 1388 43.31 24.69 2.52
CA ARG A 1388 43.36 24.54 3.97
C ARG A 1388 42.21 23.67 4.47
N HIS A 1389 40.99 24.01 4.04
CA HIS A 1389 39.80 23.24 4.39
C HIS A 1389 39.90 21.78 3.93
N LEU A 1390 40.45 21.57 2.73
CA LEU A 1390 40.61 20.22 2.20
C LEU A 1390 41.57 19.41 3.06
N SER A 1391 42.75 19.95 3.31
CA SER A 1391 43.74 19.23 4.12
C SER A 1391 43.23 18.98 5.54
N ASP A 1392 42.61 19.99 6.13
CA ASP A 1392 42.06 19.89 7.48
C ASP A 1392 41.02 18.77 7.56
N HIS A 1393 40.07 18.78 6.63
CA HIS A 1393 39.00 17.80 6.62
C HIS A 1393 39.54 16.38 6.39
N LEU A 1394 40.45 16.23 5.44
CA LEU A 1394 41.01 14.92 5.16
C LEU A 1394 41.80 14.39 6.36
N SER A 1395 42.56 15.26 7.00
CA SER A 1395 43.31 14.87 8.20
C SER A 1395 42.37 14.46 9.32
N GLU A 1396 41.27 15.20 9.46
CA GLU A 1396 40.24 14.88 10.44
C GLU A 1396 39.66 13.50 10.17
N LEU A 1397 39.44 13.22 8.89
CA LEU A 1397 38.85 11.95 8.44
C LEU A 1397 39.77 10.75 8.68
N VAL A 1398 41.04 10.87 8.30
CA VAL A 1398 41.99 9.78 8.54
C VAL A 1398 42.22 9.60 10.04
N GLU A 1399 42.18 10.70 10.79
CA GLU A 1399 42.43 10.65 12.22
C GLU A 1399 41.30 9.90 12.92
N GLN A 1400 40.08 10.30 12.60
CA GLN A 1400 38.90 9.61 13.14
C GLN A 1400 38.87 8.14 12.74
N THR A 1401 39.05 7.85 11.44
CA THR A 1401 39.00 6.48 10.94
C THR A 1401 40.02 5.58 11.64
N LEU A 1402 41.27 6.03 11.65
CA LEU A 1402 42.33 5.29 12.32
C LEU A 1402 42.01 5.10 13.80
N SER A 1403 41.49 6.15 14.44
CA SER A 1403 41.09 6.07 15.85
C SER A 1403 40.08 4.95 16.10
N ASP A 1404 39.02 4.92 15.30
CA ASP A 1404 37.99 3.90 15.41
C ASP A 1404 38.59 2.51 15.18
N LEU A 1405 39.48 2.40 14.19
CA LEU A 1405 40.12 1.12 13.91
C LEU A 1405 41.02 0.65 15.07
N GLU A 1406 41.59 1.61 15.82
CA GLU A 1406 42.39 1.25 16.98
C GLU A 1406 41.52 0.81 18.16
N GLN A 1407 40.41 1.52 18.37
CA GLN A 1407 39.52 1.21 19.48
C GLN A 1407 38.85 -0.15 19.28
N SER A 1408 38.78 -0.60 18.03
CA SER A 1408 38.18 -1.88 17.70
C SER A 1408 39.19 -3.02 17.73
N LYS A 1409 40.43 -2.70 18.15
CA LYS A 1409 41.52 -3.66 18.26
C LYS A 1409 41.96 -4.23 16.91
N CYS A 1410 41.68 -3.52 15.83
CA CYS A 1410 42.13 -3.93 14.50
C CYS A 1410 43.53 -3.45 14.17
N ILE A 1411 43.91 -2.29 14.69
CA ILE A 1411 45.24 -1.75 14.46
C ILE A 1411 45.85 -1.18 15.73
N SER A 1412 47.16 -0.98 15.69
CA SER A 1412 47.88 -0.28 16.74
C SER A 1412 48.44 1.01 16.18
N ILE A 1413 48.36 2.08 16.97
CA ILE A 1413 48.93 3.37 16.59
C ILE A 1413 50.18 3.66 17.43
N GLU A 1414 51.23 4.11 16.76
CA GLU A 1414 52.51 4.40 17.39
C GLU A 1414 53.09 5.75 16.92
N ASP A 1415 53.48 6.56 17.90
CA ASP A 1415 54.09 7.88 17.70
C ASP A 1415 53.18 8.85 16.96
N GLU A 1416 51.87 8.61 17.03
CA GLU A 1416 50.85 9.49 16.45
C GLU A 1416 50.90 9.54 14.92
N MET A 1417 51.96 8.93 14.35
CA MET A 1417 52.15 8.91 12.90
C MET A 1417 52.01 7.49 12.36
N ASP A 1418 52.88 6.58 12.83
CA ASP A 1418 52.94 5.24 12.24
C ASP A 1418 51.83 4.32 12.75
N VAL A 1419 51.37 3.42 11.88
CA VAL A 1419 50.34 2.43 12.24
C VAL A 1419 50.79 1.02 11.92
N ALA A 1420 50.20 0.04 12.58
CA ALA A 1420 50.49 -1.37 12.28
C ALA A 1420 49.26 -2.28 12.44
N PRO A 1421 49.12 -3.28 11.55
CA PRO A 1421 48.00 -4.23 11.61
C PRO A 1421 48.08 -5.17 12.80
N LEU A 1422 46.94 -5.43 13.43
CA LEU A 1422 46.86 -6.37 14.56
C LEU A 1422 46.15 -7.64 14.15
N ASN A 1423 45.98 -8.53 15.12
CA ASN A 1423 45.39 -9.84 14.89
C ASN A 1423 43.97 -9.77 14.32
N LEU A 1424 43.08 -9.07 15.02
CA LEU A 1424 41.69 -8.91 14.57
C LEU A 1424 41.60 -8.22 13.23
N GLY A 1425 42.47 -7.24 13.00
CA GLY A 1425 42.53 -6.53 11.74
C GLY A 1425 42.90 -7.46 10.60
N MET A 1426 43.89 -8.31 10.85
CA MET A 1426 44.34 -9.28 9.85
C MET A 1426 43.24 -10.30 9.55
N ILE A 1427 42.60 -10.79 10.60
CA ILE A 1427 41.46 -11.70 10.43
C ILE A 1427 40.39 -11.07 9.56
N ALA A 1428 39.96 -9.87 9.91
CA ALA A 1428 38.95 -9.16 9.15
C ALA A 1428 39.34 -8.96 7.70
N ALA A 1429 40.57 -8.52 7.46
CA ALA A 1429 41.01 -8.24 6.09
C ALA A 1429 41.10 -9.53 5.27
N TYR A 1430 41.47 -10.62 5.92
CA TYR A 1430 41.68 -11.88 5.22
C TYR A 1430 40.37 -12.45 4.69
N TYR A 1431 39.36 -12.51 5.54
CA TYR A 1431 38.09 -13.11 5.17
C TYR A 1431 37.15 -12.13 4.47
N TYR A 1432 37.62 -10.89 4.31
CA TYR A 1432 36.80 -9.80 3.80
C TYR A 1432 35.54 -9.62 4.64
N ILE A 1433 35.75 -9.30 5.92
CA ILE A 1433 34.65 -9.12 6.86
C ILE A 1433 34.76 -7.74 7.47
N ASN A 1434 33.62 -7.08 7.68
CA ASN A 1434 33.60 -5.77 8.30
C ASN A 1434 34.20 -5.78 9.70
N TYR A 1435 34.98 -4.76 10.01
CA TYR A 1435 35.76 -4.73 11.26
C TYR A 1435 34.88 -4.78 12.50
N THR A 1436 33.66 -4.30 12.38
CA THR A 1436 32.73 -4.30 13.51
C THR A 1436 32.19 -5.70 13.77
N THR A 1437 32.15 -6.51 12.72
CA THR A 1437 31.73 -7.89 12.89
C THR A 1437 32.73 -8.64 13.75
N ILE A 1438 34.01 -8.51 13.44
CA ILE A 1438 35.04 -9.25 14.17
C ILE A 1438 35.34 -8.60 15.51
N GLU A 1439 35.05 -7.30 15.63
CA GLU A 1439 35.08 -6.64 16.92
C GLU A 1439 34.03 -7.26 17.83
N LEU A 1440 32.82 -7.37 17.29
CA LEU A 1440 31.70 -8.00 18.00
C LEU A 1440 32.01 -9.45 18.36
N PHE A 1441 32.67 -10.14 17.44
CA PHE A 1441 33.08 -11.52 17.70
C PHE A 1441 34.01 -11.54 18.90
N SER A 1442 35.07 -10.74 18.82
CA SER A 1442 36.04 -10.63 19.92
C SER A 1442 35.37 -10.33 21.26
N MET A 1443 34.32 -9.53 21.22
CA MET A 1443 33.60 -9.18 22.46
C MET A 1443 32.78 -10.35 23.01
N SER A 1444 32.02 -11.02 22.14
CA SER A 1444 31.03 -11.99 22.61
C SER A 1444 31.51 -13.44 22.72
N LEU A 1445 32.73 -13.73 22.28
CA LEU A 1445 33.28 -15.09 22.40
C LEU A 1445 34.05 -15.27 23.71
N ASN A 1446 33.89 -16.43 24.34
CA ASN A 1446 34.60 -16.76 25.57
C ASN A 1446 34.95 -18.25 25.64
N ALA A 1447 35.48 -18.68 26.78
CA ALA A 1447 35.93 -20.05 26.94
C ALA A 1447 34.77 -21.06 26.99
N LYS A 1448 33.63 -20.63 27.52
CA LYS A 1448 32.50 -21.54 27.69
C LYS A 1448 31.46 -21.48 26.56
N THR A 1449 31.76 -20.68 25.52
CA THR A 1449 30.86 -20.54 24.37
C THR A 1449 30.59 -21.87 23.68
N LYS A 1450 29.34 -22.09 23.29
CA LYS A 1450 28.93 -23.33 22.64
C LYS A 1450 28.25 -23.09 21.28
N VAL A 1451 27.75 -24.17 20.68
CA VAL A 1451 27.19 -24.14 19.33
C VAL A 1451 26.01 -23.16 19.18
N ARG A 1452 25.04 -23.24 20.09
CA ARG A 1452 23.88 -22.34 20.06
C ARG A 1452 24.32 -20.88 20.12
N GLY A 1453 25.15 -20.58 21.13
CA GLY A 1453 25.72 -19.26 21.27
C GLY A 1453 26.46 -18.83 20.03
N LEU A 1454 27.13 -19.77 19.39
CA LEU A 1454 27.87 -19.50 18.15
C LEU A 1454 26.93 -19.05 17.05
N ILE A 1455 25.81 -19.75 16.91
CA ILE A 1455 24.79 -19.38 15.92
C ILE A 1455 24.27 -17.97 16.20
N GLU A 1456 23.95 -17.70 17.46
CA GLU A 1456 23.49 -16.36 17.85
C GLU A 1456 24.51 -15.29 17.48
N ILE A 1457 25.78 -15.59 17.74
CA ILE A 1457 26.87 -14.64 17.51
C ILE A 1457 27.13 -14.37 16.02
N ILE A 1458 27.11 -15.41 15.19
CA ILE A 1458 27.34 -15.20 13.76
C ILE A 1458 26.12 -14.55 13.13
N SER A 1459 24.96 -14.74 13.75
CA SER A 1459 23.73 -14.15 13.22
C SER A 1459 23.73 -12.63 13.36
N ASN A 1460 24.51 -12.14 14.30
CA ASN A 1460 24.55 -10.71 14.59
C ASN A 1460 25.56 -9.96 13.73
N ALA A 1461 26.16 -10.68 12.78
CA ALA A 1461 27.19 -10.10 11.92
C ALA A 1461 26.66 -8.91 11.14
N ALA A 1462 27.54 -7.97 10.82
CA ALA A 1462 27.12 -6.77 10.09
C ALA A 1462 26.79 -7.09 8.64
N GLU A 1463 27.18 -8.28 8.20
CA GLU A 1463 26.90 -8.72 6.85
C GLU A 1463 25.41 -8.94 6.65
N TYR A 1464 24.73 -9.33 7.72
CA TYR A 1464 23.32 -9.69 7.64
C TYR A 1464 22.41 -8.50 7.89
N GLU A 1465 22.99 -7.32 8.06
CA GLU A 1465 22.22 -6.11 8.30
C GLU A 1465 21.28 -5.79 7.14
N ASN A 1466 21.73 -6.07 5.92
CA ASN A 1466 20.95 -5.74 4.73
C ASN A 1466 20.01 -6.85 4.28
N ILE A 1467 19.91 -7.91 5.08
CA ILE A 1467 18.86 -8.91 4.89
C ILE A 1467 17.50 -8.23 4.99
N PRO A 1468 16.67 -8.36 3.95
CA PRO A 1468 15.45 -7.57 3.87
C PRO A 1468 14.34 -8.04 4.81
N ILE A 1469 13.60 -7.07 5.33
CA ILE A 1469 12.35 -7.35 6.02
C ILE A 1469 11.22 -6.86 5.11
N ARG A 1470 10.39 -7.78 4.63
CA ARG A 1470 9.34 -7.41 3.69
C ARG A 1470 8.02 -7.13 4.41
N HIS A 1471 7.01 -6.77 3.63
CA HIS A 1471 5.72 -6.39 4.18
C HIS A 1471 5.00 -7.58 4.79
N HIS A 1472 4.63 -7.43 6.06
CA HIS A 1472 3.88 -8.45 6.80
C HIS A 1472 4.67 -9.75 6.94
N GLU A 1473 5.98 -9.65 7.04
CA GLU A 1473 6.82 -10.82 7.30
C GLU A 1473 7.00 -11.04 8.79
N ASP A 1474 6.65 -10.03 9.59
CA ASP A 1474 6.78 -10.13 11.03
C ASP A 1474 5.91 -11.24 11.60
N ASN A 1475 4.75 -11.46 10.99
CA ASN A 1475 3.86 -12.54 11.41
C ASN A 1475 4.45 -13.91 11.11
N LEU A 1476 5.08 -14.04 9.95
CA LEU A 1476 5.64 -15.31 9.51
C LEU A 1476 6.89 -15.66 10.33
N LEU A 1477 7.68 -14.64 10.64
CA LEU A 1477 8.86 -14.82 11.49
C LEU A 1477 8.44 -15.12 12.92
N ARG A 1478 7.35 -14.48 13.35
CA ARG A 1478 6.76 -14.75 14.67
C ARG A 1478 6.33 -16.21 14.74
N GLN A 1479 5.79 -16.72 13.65
CA GLN A 1479 5.43 -18.13 13.55
C GLN A 1479 6.67 -19.01 13.64
N LEU A 1480 7.70 -18.65 12.88
CA LEU A 1480 8.94 -19.44 12.85
C LEU A 1480 9.60 -19.53 14.21
N ALA A 1481 9.52 -18.45 14.98
CA ALA A 1481 10.20 -18.33 16.28
C ALA A 1481 9.82 -19.44 17.26
N GLN A 1482 8.58 -19.88 17.21
CA GLN A 1482 8.10 -20.90 18.14
C GLN A 1482 8.30 -22.30 17.60
N LYS A 1483 8.71 -22.39 16.34
CA LYS A 1483 8.86 -23.66 15.65
C LYS A 1483 10.28 -24.21 15.66
N VAL A 1484 11.20 -23.52 16.32
CA VAL A 1484 12.62 -23.86 16.21
C VAL A 1484 13.22 -24.42 17.51
N PRO A 1485 14.23 -25.29 17.38
CA PRO A 1485 14.91 -25.95 18.50
C PRO A 1485 15.41 -24.98 19.57
N HIS A 1486 16.03 -23.89 19.16
CA HIS A 1486 16.52 -22.91 20.12
C HIS A 1486 15.62 -21.68 20.17
N LYS A 1487 14.90 -21.53 21.27
CA LYS A 1487 13.99 -20.40 21.45
C LYS A 1487 14.79 -19.12 21.62
N LEU A 1488 14.38 -18.08 20.90
CA LEU A 1488 15.13 -16.84 20.88
C LEU A 1488 14.66 -15.88 21.97
N ASN A 1489 15.60 -15.14 22.55
CA ASN A 1489 15.31 -14.27 23.69
C ASN A 1489 14.91 -12.84 23.31
N ASN A 1490 13.66 -12.49 23.61
CA ASN A 1490 13.10 -11.18 23.29
C ASN A 1490 13.37 -10.73 21.87
N PRO A 1491 12.86 -11.49 20.88
CA PRO A 1491 13.14 -11.12 19.50
C PRO A 1491 12.30 -9.95 19.00
N LYS A 1492 12.92 -9.04 18.26
CA LYS A 1492 12.21 -8.05 17.47
C LYS A 1492 12.19 -8.57 16.04
N PHE A 1493 11.02 -8.62 15.43
CA PHE A 1493 10.86 -9.35 14.17
C PHE A 1493 11.04 -8.48 12.94
N ASN A 1494 11.35 -7.20 13.16
CA ASN A 1494 11.86 -6.36 12.10
C ASN A 1494 13.39 -6.28 12.18
N ASP A 1495 13.96 -7.04 13.11
CA ASP A 1495 15.42 -7.15 13.22
C ASP A 1495 15.94 -8.22 12.26
N PRO A 1496 16.78 -7.80 11.30
CA PRO A 1496 17.36 -8.73 10.33
C PRO A 1496 18.23 -9.81 10.98
N HIS A 1497 18.86 -9.52 12.10
CA HIS A 1497 19.70 -10.51 12.78
C HIS A 1497 18.86 -11.59 13.45
N VAL A 1498 17.72 -11.19 13.98
CA VAL A 1498 16.75 -12.16 14.51
C VAL A 1498 16.27 -13.06 13.38
N LYS A 1499 15.99 -12.44 12.24
CA LYS A 1499 15.55 -13.17 11.07
C LYS A 1499 16.58 -14.18 10.60
N THR A 1500 17.83 -13.74 10.44
CA THR A 1500 18.90 -14.62 9.98
C THR A 1500 19.17 -15.73 10.98
N ASN A 1501 18.99 -15.42 12.27
CA ASN A 1501 19.08 -16.45 13.30
C ASN A 1501 18.04 -17.56 13.05
N LEU A 1502 16.78 -17.15 12.96
CA LEU A 1502 15.69 -18.10 12.76
C LEU A 1502 15.85 -18.89 11.46
N LEU A 1503 16.27 -18.20 10.40
CA LEU A 1503 16.49 -18.81 9.11
C LEU A 1503 17.65 -19.80 9.16
N LEU A 1504 18.63 -19.53 10.01
CA LEU A 1504 19.75 -20.45 10.19
C LEU A 1504 19.26 -21.71 10.89
N GLN A 1505 18.45 -21.54 11.93
CA GLN A 1505 17.85 -22.69 12.59
C GLN A 1505 16.95 -23.47 11.63
N ALA A 1506 16.34 -22.76 10.69
CA ALA A 1506 15.48 -23.37 9.69
C ALA A 1506 16.28 -24.20 8.70
N HIS A 1507 17.40 -23.65 8.27
CA HIS A 1507 18.29 -24.34 7.34
C HIS A 1507 18.89 -25.58 7.99
N LEU A 1508 19.20 -25.49 9.27
CA LEU A 1508 19.72 -26.66 9.98
C LEU A 1508 18.66 -27.76 10.10
N SER A 1509 17.43 -27.35 10.40
CA SER A 1509 16.35 -28.30 10.64
C SER A 1509 15.68 -28.78 9.35
N ARG A 1510 16.15 -28.27 8.22
CA ARG A 1510 15.59 -28.60 6.91
C ARG A 1510 14.11 -28.25 6.76
N MET A 1511 13.67 -27.19 7.44
CA MET A 1511 12.32 -26.68 7.26
C MET A 1511 12.24 -25.94 5.93
N GLN A 1512 11.33 -26.36 5.06
CA GLN A 1512 11.15 -25.63 3.81
C GLN A 1512 10.17 -24.48 4.02
N LEU A 1513 10.43 -23.37 3.34
CA LEU A 1513 9.68 -22.13 3.56
C LEU A 1513 9.26 -21.51 2.24
N SER A 1514 8.69 -20.31 2.31
CA SER A 1514 8.32 -19.56 1.12
C SER A 1514 9.55 -19.15 0.32
N ALA A 1515 9.36 -18.81 -0.96
CA ALA A 1515 10.46 -18.50 -1.87
C ALA A 1515 11.35 -17.36 -1.35
N GLU A 1516 10.73 -16.31 -0.80
CA GLU A 1516 11.47 -15.17 -0.28
C GLU A 1516 12.46 -15.61 0.81
N LEU A 1517 11.95 -16.33 1.80
CA LEU A 1517 12.78 -16.83 2.89
C LEU A 1517 13.90 -17.74 2.38
N GLN A 1518 13.65 -18.42 1.26
CA GLN A 1518 14.66 -19.30 0.67
C GLN A 1518 15.79 -18.52 0.01
N SER A 1519 15.44 -17.50 -0.76
CA SER A 1519 16.46 -16.63 -1.36
C SER A 1519 17.29 -15.97 -0.25
N ASP A 1520 16.60 -15.51 0.78
CA ASP A 1520 17.25 -14.95 1.97
C ASP A 1520 18.25 -15.93 2.57
N THR A 1521 17.80 -17.18 2.77
CA THR A 1521 18.66 -18.23 3.30
C THR A 1521 19.89 -18.43 2.42
N GLU A 1522 19.70 -18.32 1.10
CA GLU A 1522 20.84 -18.38 0.18
C GLU A 1522 21.86 -17.29 0.51
N GLU A 1523 21.40 -16.04 0.55
CA GLU A 1523 22.33 -14.93 0.79
C GLU A 1523 23.03 -15.06 2.14
N ILE A 1524 22.31 -15.56 3.15
CA ILE A 1524 22.92 -15.82 4.45
C ILE A 1524 24.04 -16.86 4.37
N LEU A 1525 23.70 -18.00 3.79
CA LEU A 1525 24.63 -19.13 3.68
C LEU A 1525 25.85 -18.81 2.83
N SER A 1526 25.75 -17.78 1.99
CA SER A 1526 26.91 -17.36 1.21
C SER A 1526 28.08 -16.97 2.13
N LYS A 1527 27.81 -16.07 3.08
CA LYS A 1527 28.87 -15.56 3.95
C LYS A 1527 28.99 -16.33 5.26
N ALA A 1528 28.05 -17.25 5.50
CA ALA A 1528 28.09 -18.08 6.71
C ALA A 1528 29.45 -18.74 6.95
N ILE A 1529 30.05 -19.29 5.89
CA ILE A 1529 31.30 -20.03 6.02
C ILE A 1529 32.44 -19.13 6.47
N ARG A 1530 32.64 -18.01 5.77
CA ARG A 1530 33.74 -17.11 6.10
C ARG A 1530 33.56 -16.57 7.52
N LEU A 1531 32.31 -16.32 7.92
CA LEU A 1531 32.05 -15.86 9.28
C LEU A 1531 32.50 -16.89 10.31
N ILE A 1532 32.08 -18.15 10.11
CA ILE A 1532 32.45 -19.21 11.04
C ILE A 1532 33.97 -19.43 11.11
N GLN A 1533 34.64 -19.40 9.96
CA GLN A 1533 36.09 -19.55 9.92
C GLN A 1533 36.77 -18.40 10.69
N ALA A 1534 36.23 -17.20 10.57
CA ALA A 1534 36.69 -16.07 11.37
C ALA A 1534 36.53 -16.35 12.86
N CYS A 1535 35.41 -16.98 13.20
CA CYS A 1535 35.18 -17.39 14.59
C CYS A 1535 36.24 -18.37 15.05
N VAL A 1536 36.64 -19.27 14.15
CA VAL A 1536 37.72 -20.20 14.43
C VAL A 1536 39.00 -19.45 14.78
N ASP A 1537 39.43 -18.57 13.88
CA ASP A 1537 40.66 -17.81 14.09
C ASP A 1537 40.64 -17.06 15.42
N VAL A 1538 39.56 -16.32 15.67
CA VAL A 1538 39.44 -15.55 16.91
C VAL A 1538 39.49 -16.45 18.13
N LEU A 1539 38.77 -17.56 18.09
CA LEU A 1539 38.75 -18.49 19.23
C LEU A 1539 40.12 -19.13 19.51
N SER A 1540 40.83 -19.48 18.44
CA SER A 1540 42.14 -20.11 18.57
C SER A 1540 43.20 -19.12 19.06
N SER A 1541 43.12 -17.88 18.58
CA SER A 1541 44.05 -16.83 19.02
C SER A 1541 43.92 -16.50 20.51
N ASN A 1542 42.80 -16.85 21.12
CA ASN A 1542 42.64 -16.71 22.56
C ASN A 1542 42.86 -18.03 23.29
N GLY A 1543 43.21 -19.06 22.52
CA GLY A 1543 43.54 -20.36 23.08
C GLY A 1543 42.40 -21.06 23.80
N TRP A 1544 41.24 -21.13 23.16
CA TRP A 1544 40.09 -21.84 23.75
C TRP A 1544 39.76 -23.10 22.93
N LEU A 1545 39.69 -24.23 23.59
CA LEU A 1545 39.48 -25.50 22.92
C LEU A 1545 38.00 -25.78 22.63
N SER A 1546 37.20 -25.88 23.69
CA SER A 1546 35.78 -26.23 23.58
C SER A 1546 34.96 -25.36 22.60
N PRO A 1547 35.09 -24.02 22.67
CA PRO A 1547 34.35 -23.25 21.66
C PRO A 1547 34.88 -23.51 20.25
N ALA A 1548 36.19 -23.72 20.13
CA ALA A 1548 36.71 -24.14 18.85
C ALA A 1548 36.30 -25.59 18.67
N LEU A 1549 36.53 -26.13 17.47
CA LEU A 1549 36.11 -27.49 17.10
C LEU A 1549 34.58 -27.61 17.15
N ALA A 1550 33.95 -26.75 17.95
CA ALA A 1550 32.51 -26.61 17.99
C ALA A 1550 32.13 -25.66 16.89
N ALA A 1551 32.93 -24.60 16.75
CA ALA A 1551 32.79 -23.71 15.61
C ALA A 1551 32.99 -24.50 14.31
N MET A 1552 33.94 -25.44 14.35
CA MET A 1552 34.24 -26.26 13.18
C MET A 1552 33.09 -27.21 12.88
N GLU A 1553 32.59 -27.87 13.93
CA GLU A 1553 31.41 -28.72 13.79
C GLU A 1553 30.22 -27.92 13.25
N LEU A 1554 30.12 -26.67 13.67
CA LEU A 1554 29.06 -25.78 13.21
C LEU A 1554 29.22 -25.48 11.72
N ALA A 1555 30.46 -25.31 11.28
CA ALA A 1555 30.74 -25.14 9.86
C ALA A 1555 30.25 -26.35 9.10
N GLN A 1556 30.62 -27.53 9.61
CA GLN A 1556 30.23 -28.78 8.98
C GLN A 1556 28.71 -28.88 8.84
N MET A 1557 28.04 -28.80 9.99
CA MET A 1557 26.60 -29.04 10.04
C MET A 1557 25.82 -27.92 9.35
N VAL A 1558 26.50 -26.81 9.06
CA VAL A 1558 25.90 -25.78 8.22
C VAL A 1558 26.03 -26.18 6.75
N THR A 1559 27.19 -26.73 6.38
CA THR A 1559 27.40 -27.13 4.99
C THR A 1559 26.47 -28.26 4.59
N GLN A 1560 26.33 -29.27 5.45
CA GLN A 1560 25.51 -30.44 5.14
C GLN A 1560 24.06 -30.28 5.60
N ALA A 1561 23.76 -29.11 6.15
CA ALA A 1561 22.41 -28.77 6.60
C ALA A 1561 21.84 -29.82 7.54
N MET A 1562 22.49 -29.99 8.68
CA MET A 1562 22.07 -30.95 9.68
C MET A 1562 22.38 -30.38 11.04
N TRP A 1563 21.83 -30.98 12.10
CA TRP A 1563 22.08 -30.45 13.44
C TRP A 1563 23.24 -31.13 14.14
N SER A 1564 23.50 -30.66 15.37
CA SER A 1564 24.60 -31.15 16.19
C SER A 1564 24.52 -32.66 16.41
N LYS A 1565 23.49 -33.10 17.12
CA LYS A 1565 23.27 -34.53 17.28
C LYS A 1565 22.24 -35.01 16.27
N ASP A 1566 22.66 -35.90 15.39
CA ASP A 1566 21.88 -36.31 14.22
C ASP A 1566 22.61 -37.43 13.49
N SER A 1567 21.89 -38.13 12.61
CA SER A 1567 22.51 -39.19 11.84
C SER A 1567 23.56 -38.63 10.90
N TYR A 1568 24.72 -39.26 10.90
CA TYR A 1568 25.79 -38.87 9.98
C TYR A 1568 25.41 -39.27 8.55
N LEU A 1569 24.38 -40.10 8.42
CA LEU A 1569 23.96 -40.62 7.11
C LEU A 1569 23.09 -39.63 6.36
N LYS A 1570 22.73 -38.54 7.01
CA LYS A 1570 21.85 -37.54 6.41
C LYS A 1570 22.55 -36.78 5.28
N GLN A 1571 23.86 -36.91 5.22
CA GLN A 1571 24.65 -36.28 4.17
C GLN A 1571 24.46 -37.00 2.84
N LEU A 1572 24.26 -38.31 2.92
CA LEU A 1572 23.97 -39.13 1.74
C LEU A 1572 22.63 -38.73 1.14
N PRO A 1573 22.59 -38.52 -0.18
CA PRO A 1573 21.39 -38.05 -0.87
C PRO A 1573 20.18 -38.98 -0.72
N HIS A 1574 18.99 -38.39 -0.76
CA HIS A 1574 17.71 -39.09 -0.80
C HIS A 1574 17.32 -39.76 0.53
N PHE A 1575 18.20 -39.71 1.52
CA PHE A 1575 17.86 -40.23 2.85
C PHE A 1575 16.84 -39.35 3.55
N THR A 1576 15.84 -39.99 4.17
CA THR A 1576 14.88 -39.29 5.00
C THR A 1576 14.90 -39.87 6.41
N SER A 1577 14.04 -39.36 7.28
CA SER A 1577 14.00 -39.80 8.67
C SER A 1577 13.49 -41.24 8.80
N GLU A 1578 12.94 -41.78 7.72
CA GLU A 1578 12.47 -43.16 7.68
C GLU A 1578 13.63 -44.15 7.48
N HIS A 1579 14.55 -43.79 6.59
CA HIS A 1579 15.68 -44.66 6.27
C HIS A 1579 16.59 -44.85 7.48
N ILE A 1580 16.87 -43.75 8.17
CA ILE A 1580 17.73 -43.74 9.35
C ILE A 1580 17.26 -44.73 10.42
N LYS A 1581 15.95 -44.88 10.51
CA LYS A 1581 15.33 -45.76 11.50
C LYS A 1581 15.80 -47.21 11.37
N ARG A 1582 15.96 -47.69 10.14
CA ARG A 1582 16.33 -49.09 9.88
C ARG A 1582 17.84 -49.35 9.78
N CYS A 1583 18.63 -48.28 9.78
CA CYS A 1583 20.09 -48.41 9.62
C CYS A 1583 20.80 -48.81 10.92
N THR A 1584 20.36 -48.21 12.03
CA THR A 1584 20.93 -48.52 13.33
C THR A 1584 20.61 -49.96 13.75
N ASP A 1585 19.41 -50.40 13.37
CA ASP A 1585 18.96 -51.76 13.66
C ASP A 1585 19.72 -52.78 12.82
N GLU A 1589 24.88 -46.22 10.51
CA GLU A 1589 25.14 -44.95 11.16
C GLU A 1589 26.33 -44.25 10.54
N SER A 1590 27.32 -45.05 10.11
CA SER A 1590 28.54 -44.52 9.54
C SER A 1590 28.56 -44.67 8.02
N VAL A 1591 29.03 -43.64 7.33
CA VAL A 1591 29.19 -43.68 5.88
C VAL A 1591 30.33 -44.63 5.48
N PHE A 1592 31.21 -44.90 6.44
CA PHE A 1592 32.35 -45.79 6.21
C PHE A 1592 31.91 -47.25 6.19
N ASP A 1593 30.90 -47.57 6.98
CA ASP A 1593 30.39 -48.94 7.06
C ASP A 1593 29.76 -49.37 5.73
N ILE A 1594 29.35 -48.38 4.94
CA ILE A 1594 28.77 -48.63 3.62
C ILE A 1594 29.83 -49.10 2.62
N ASP A 1599 27.77 -54.65 -2.68
CA ASP A 1599 26.76 -54.10 -3.58
C ASP A 1599 25.37 -54.67 -3.29
N GLU A 1600 25.26 -55.98 -3.31
CA GLU A 1600 24.01 -56.67 -2.98
C GLU A 1600 23.52 -56.29 -1.58
N GLU A 1601 24.32 -56.64 -0.57
CA GLU A 1601 24.01 -56.35 0.83
C GLU A 1601 23.74 -54.86 1.06
N ARG A 1602 24.35 -54.01 0.22
CA ARG A 1602 24.25 -52.57 0.35
C ARG A 1602 22.87 -52.06 -0.06
N ASN A 1603 22.54 -52.24 -1.33
CA ASN A 1603 21.29 -51.71 -1.88
C ASN A 1603 20.05 -52.49 -1.46
N ALA A 1604 20.26 -53.67 -0.88
CA ALA A 1604 19.15 -54.51 -0.45
C ALA A 1604 18.68 -54.15 0.96
N LEU A 1605 19.39 -53.21 1.60
CA LEU A 1605 19.01 -52.79 2.95
C LEU A 1605 17.66 -52.07 2.91
N LEU A 1606 17.44 -51.26 1.87
CA LEU A 1606 16.22 -50.47 1.78
C LEU A 1606 15.82 -50.12 0.34
N GLN A 1607 14.80 -49.29 0.21
CA GLN A 1607 14.26 -48.89 -1.10
C GLN A 1607 15.32 -48.21 -1.95
N LEU A 1608 15.40 -48.61 -3.21
CA LEU A 1608 16.50 -48.16 -4.05
C LEU A 1608 16.13 -47.95 -5.51
N THR A 1609 16.67 -46.87 -6.08
CA THR A 1609 16.61 -46.64 -7.51
C THR A 1609 18.03 -46.43 -8.01
N ASP A 1610 18.30 -46.75 -9.27
CA ASP A 1610 19.67 -46.79 -9.77
C ASP A 1610 20.26 -45.41 -10.11
N SER A 1611 19.44 -44.36 -10.14
CA SER A 1611 19.96 -43.01 -10.35
C SER A 1611 20.49 -42.45 -9.02
N GLN A 1612 19.75 -42.69 -7.95
CA GLN A 1612 20.19 -42.42 -6.59
C GLN A 1612 21.45 -43.21 -6.29
N ILE A 1613 21.61 -44.33 -6.99
CA ILE A 1613 22.81 -45.16 -6.87
C ILE A 1613 24.01 -44.45 -7.48
N ALA A 1614 23.83 -43.87 -8.67
CA ALA A 1614 24.89 -43.09 -9.31
C ALA A 1614 25.28 -41.90 -8.45
N ASP A 1615 24.29 -41.23 -7.87
CA ASP A 1615 24.54 -40.07 -7.00
C ASP A 1615 25.25 -40.45 -5.68
N VAL A 1616 24.77 -41.50 -5.02
CA VAL A 1616 25.36 -41.95 -3.75
C VAL A 1616 26.78 -42.50 -3.95
N ALA A 1617 26.96 -43.24 -5.04
CA ALA A 1617 28.29 -43.77 -5.38
C ALA A 1617 29.23 -42.63 -5.74
N ARG A 1618 28.68 -41.58 -6.35
CA ARG A 1618 29.48 -40.39 -6.63
C ARG A 1618 29.80 -39.65 -5.33
N PHE A 1619 28.95 -39.85 -4.33
CA PHE A 1619 29.14 -39.24 -3.01
C PHE A 1619 30.28 -39.92 -2.26
N CYS A 1620 30.27 -41.24 -2.22
CA CYS A 1620 31.25 -42.02 -1.46
C CYS A 1620 32.65 -42.01 -2.09
N ASN A 1621 32.72 -41.70 -3.39
CA ASN A 1621 34.00 -41.60 -4.09
C ASN A 1621 34.63 -40.22 -3.94
N ARG A 1622 33.87 -39.32 -3.32
CA ARG A 1622 34.30 -37.96 -3.02
C ARG A 1622 34.49 -37.83 -1.52
N TYR A 1623 33.46 -38.21 -0.76
CA TYR A 1623 33.47 -38.20 0.69
C TYR A 1623 34.77 -38.76 1.23
N PRO A 1624 35.41 -38.01 2.15
CA PRO A 1624 36.82 -38.21 2.51
C PRO A 1624 37.17 -39.60 3.01
N ASN A 1625 38.18 -40.18 2.36
CA ASN A 1625 38.80 -41.41 2.83
C ASN A 1625 40.16 -40.99 3.33
N ILE A 1626 40.36 -40.94 4.64
CA ILE A 1626 41.54 -40.27 5.17
C ILE A 1626 42.27 -41.05 6.26
N GLU A 1627 43.58 -41.20 6.08
CA GLU A 1627 44.42 -41.76 7.12
C GLU A 1627 45.51 -40.77 7.51
N LEU A 1628 45.82 -40.77 8.81
CA LEU A 1628 46.69 -39.78 9.41
C LEU A 1628 47.80 -40.43 10.21
N SER A 1629 49.05 -40.06 9.89
CA SER A 1629 50.20 -40.50 10.67
C SER A 1629 50.75 -39.32 11.45
N TYR A 1630 51.32 -39.56 12.62
CA TYR A 1630 51.91 -38.44 13.34
C TYR A 1630 53.10 -38.85 14.21
N GLU A 1631 54.08 -37.96 14.25
CA GLU A 1631 55.25 -38.15 15.10
C GLU A 1631 55.60 -36.84 15.80
N VAL A 1632 55.91 -36.92 17.09
CA VAL A 1632 56.46 -35.75 17.76
C VAL A 1632 57.97 -35.84 17.63
N VAL A 1633 58.55 -34.94 16.85
CA VAL A 1633 59.97 -34.99 16.53
C VAL A 1633 60.82 -34.93 17.79
N ASP A 1634 61.69 -35.93 17.95
CA ASP A 1634 62.54 -36.06 19.13
C ASP A 1634 61.72 -36.09 20.42
N LYS A 1635 61.00 -37.19 20.64
CA LYS A 1635 60.17 -37.36 21.83
C LYS A 1635 60.91 -37.07 23.14
N ASP A 1636 62.08 -37.69 23.28
CA ASP A 1636 62.85 -37.67 24.52
C ASP A 1636 63.69 -36.41 24.73
N SER A 1637 64.03 -35.72 23.64
CA SER A 1637 65.00 -34.63 23.71
C SER A 1637 64.35 -33.33 24.14
N ILE A 1638 63.06 -33.40 24.44
CA ILE A 1638 62.29 -32.25 24.87
C ILE A 1638 62.23 -32.13 26.39
N ARG A 1639 62.41 -30.92 26.90
CA ARG A 1639 62.13 -30.61 28.29
C ARG A 1639 61.62 -29.18 28.35
N SER A 1640 61.51 -28.64 29.56
CA SER A 1640 60.86 -27.35 29.80
C SER A 1640 61.39 -26.18 28.96
N GLY A 1641 60.45 -25.43 28.39
CA GLY A 1641 60.77 -24.16 27.74
C GLY A 1641 61.09 -24.24 26.27
N GLY A 1642 61.48 -25.43 25.80
CA GLY A 1642 61.93 -25.59 24.43
C GLY A 1642 60.82 -25.73 23.41
N PRO A 1643 61.15 -25.57 22.13
CA PRO A 1643 60.19 -25.84 21.05
C PRO A 1643 59.87 -27.33 20.88
N VAL A 1644 58.60 -27.62 20.62
CA VAL A 1644 58.12 -28.97 20.33
C VAL A 1644 57.44 -29.00 18.97
N VAL A 1645 57.85 -29.94 18.12
CA VAL A 1645 57.27 -30.02 16.80
C VAL A 1645 56.55 -31.34 16.58
N VAL A 1646 55.25 -31.26 16.37
CA VAL A 1646 54.47 -32.42 15.98
C VAL A 1646 54.27 -32.38 14.48
N LEU A 1647 54.86 -33.37 13.80
CA LEU A 1647 54.72 -33.49 12.36
C LEU A 1647 53.65 -34.53 12.03
N VAL A 1648 52.63 -34.06 11.31
CA VAL A 1648 51.49 -34.87 10.94
C VAL A 1648 51.52 -35.09 9.43
N GLN A 1649 51.04 -36.26 8.99
CA GLN A 1649 51.01 -36.61 7.58
C GLN A 1649 49.62 -37.08 7.20
N LEU A 1650 49.02 -36.42 6.21
CA LEU A 1650 47.67 -36.75 5.77
C LEU A 1650 47.68 -37.40 4.39
N GLU A 1651 47.05 -38.57 4.28
CA GLU A 1651 46.96 -39.22 2.98
C GLU A 1651 45.57 -39.82 2.72
N ARG A 1652 45.10 -39.71 1.48
CA ARG A 1652 43.81 -40.28 1.11
C ARG A 1652 43.93 -41.26 -0.07
N GLU A 1653 43.22 -42.38 0.02
CA GLU A 1653 43.40 -43.49 -0.91
C GLU A 1653 42.52 -43.35 -2.16
N GLU A 1654 41.81 -42.25 -2.27
CA GLU A 1654 41.02 -41.97 -3.47
C GLU A 1654 41.61 -40.78 -4.21
N GLU A 1655 41.61 -40.86 -5.53
CA GLU A 1655 41.99 -39.72 -6.35
C GLU A 1655 40.86 -38.71 -6.33
N VAL A 1656 41.17 -37.50 -5.89
CA VAL A 1656 40.14 -36.47 -5.75
C VAL A 1656 39.63 -36.02 -7.11
N THR A 1657 38.32 -36.17 -7.31
CA THR A 1657 37.65 -35.66 -8.49
C THR A 1657 36.41 -34.90 -8.07
N GLY A 1658 36.37 -33.60 -8.35
CA GLY A 1658 35.20 -32.80 -8.03
C GLY A 1658 35.17 -32.22 -6.62
N PRO A 1659 34.16 -31.37 -6.37
CA PRO A 1659 33.95 -30.61 -5.13
C PRO A 1659 33.23 -31.38 -4.03
N VAL A 1660 32.84 -30.65 -2.99
CA VAL A 1660 32.02 -31.16 -1.90
C VAL A 1660 30.60 -31.42 -2.39
N ILE A 1661 29.93 -32.43 -1.82
CA ILE A 1661 28.52 -32.63 -2.12
C ILE A 1661 27.65 -32.24 -0.94
N ALA A 1662 26.97 -31.11 -1.10
CA ALA A 1662 26.02 -30.59 -0.12
C ALA A 1662 24.82 -30.03 -0.84
N PRO A 1663 23.83 -30.90 -1.14
CA PRO A 1663 22.67 -30.56 -1.96
C PRO A 1663 21.90 -29.33 -1.47
N LEU A 1664 21.86 -29.13 -0.15
CA LEU A 1664 21.12 -28.03 0.44
C LEU A 1664 21.97 -26.75 0.54
N PHE A 1665 23.27 -26.88 0.31
CA PHE A 1665 24.15 -25.72 0.31
C PHE A 1665 24.27 -25.17 -1.11
N PRO A 1666 23.93 -23.88 -1.28
CA PRO A 1666 23.86 -23.26 -2.61
C PRO A 1666 25.18 -23.26 -3.38
N GLN A 1667 26.30 -22.94 -2.75
CA GLN A 1667 27.52 -22.78 -3.54
C GLN A 1667 28.66 -23.76 -3.29
N LYS A 1668 28.77 -24.77 -4.14
CA LYS A 1668 30.03 -25.21 -4.76
C LYS A 1668 31.29 -24.95 -3.95
N ARG A 1669 31.45 -25.61 -2.81
CA ARG A 1669 32.63 -25.33 -2.00
C ARG A 1669 33.71 -26.41 -2.12
N GLU A 1670 34.83 -26.14 -1.46
CA GLU A 1670 35.98 -27.03 -1.50
C GLU A 1670 36.28 -27.54 -0.09
N GLU A 1671 36.70 -28.79 0.01
CA GLU A 1671 37.08 -29.37 1.29
C GLU A 1671 38.22 -28.58 1.93
N GLY A 1672 38.19 -28.50 3.24
CA GLY A 1672 39.24 -27.83 3.98
C GLY A 1672 39.32 -28.49 5.34
N TRP A 1673 40.48 -28.43 5.97
CA TRP A 1673 40.70 -29.21 7.17
C TRP A 1673 41.52 -28.48 8.22
N TRP A 1674 41.13 -28.68 9.47
CA TRP A 1674 41.86 -28.17 10.61
C TRP A 1674 42.59 -29.31 11.32
N VAL A 1675 43.91 -29.18 11.40
CA VAL A 1675 44.74 -30.01 12.26
C VAL A 1675 45.01 -29.23 13.54
N VAL A 1676 44.55 -29.76 14.66
CA VAL A 1676 44.58 -29.05 15.92
C VAL A 1676 45.30 -29.84 17.01
N ILE A 1677 46.06 -29.13 17.85
CA ILE A 1677 46.66 -29.75 19.03
C ILE A 1677 46.19 -29.01 20.29
N GLY A 1678 45.66 -29.75 21.25
CA GLY A 1678 45.19 -29.13 22.47
C GLY A 1678 45.01 -30.07 23.63
N ASP A 1679 45.03 -29.50 24.84
CA ASP A 1679 44.78 -30.26 26.06
C ASP A 1679 43.29 -30.22 26.40
N ALA A 1680 42.65 -31.38 26.37
CA ALA A 1680 41.20 -31.46 26.53
C ALA A 1680 40.76 -31.27 27.99
N LYS A 1681 41.72 -31.26 28.90
CA LYS A 1681 41.44 -31.11 30.31
C LYS A 1681 41.31 -29.63 30.68
N SER A 1682 42.39 -28.89 30.45
CA SER A 1682 42.47 -27.49 30.82
C SER A 1682 41.76 -26.59 29.81
N ASN A 1683 41.22 -27.20 28.75
CA ASN A 1683 40.50 -26.50 27.70
C ASN A 1683 41.37 -25.46 27.00
N SER A 1684 42.54 -25.89 26.54
CA SER A 1684 43.49 -25.01 25.89
C SER A 1684 43.78 -25.44 24.46
N LEU A 1685 43.78 -24.48 23.53
CA LEU A 1685 44.18 -24.78 22.17
C LEU A 1685 45.66 -24.43 22.01
N ILE A 1686 46.48 -25.47 21.90
CA ILE A 1686 47.93 -25.31 21.89
C ILE A 1686 48.48 -24.94 20.51
N SER A 1687 47.92 -25.53 19.46
CA SER A 1687 48.33 -25.20 18.10
C SER A 1687 47.22 -25.47 17.10
N ILE A 1688 47.22 -24.77 15.97
CA ILE A 1688 46.20 -24.99 14.95
C ILE A 1688 46.73 -24.69 13.55
N LYS A 1689 46.29 -25.46 12.57
CA LYS A 1689 46.64 -25.19 11.19
C LYS A 1689 45.51 -25.58 10.26
N ARG A 1690 45.24 -24.75 9.25
CA ARG A 1690 44.20 -25.06 8.29
C ARG A 1690 44.81 -25.28 6.91
N LEU A 1691 44.26 -26.23 6.16
CA LEU A 1691 44.80 -26.51 4.82
C LEU A 1691 43.81 -27.21 3.90
N THR A 1692 44.26 -27.48 2.68
CA THR A 1692 43.49 -28.26 1.71
C THR A 1692 44.33 -29.47 1.29
N LEU A 1693 43.68 -30.63 1.16
CA LEU A 1693 44.40 -31.91 1.01
C LEU A 1693 44.92 -32.21 -0.39
N GLN A 1694 44.00 -32.33 -1.36
CA GLN A 1694 44.25 -33.01 -2.62
C GLN A 1694 44.71 -34.45 -2.36
N GLN A 1695 45.92 -34.81 -2.77
CA GLN A 1695 46.39 -36.19 -2.60
C GLN A 1695 47.00 -36.46 -1.22
N LYS A 1696 48.15 -35.86 -0.95
CA LYS A 1696 48.79 -36.02 0.35
C LYS A 1696 49.37 -34.69 0.82
N ALA A 1697 49.49 -34.53 2.14
CA ALA A 1697 49.98 -33.27 2.70
C ALA A 1697 50.79 -33.47 3.98
N LYS A 1698 51.85 -32.67 4.10
CA LYS A 1698 52.68 -32.63 5.29
C LYS A 1698 52.30 -31.42 6.15
N VAL A 1699 52.09 -31.65 7.45
CA VAL A 1699 51.64 -30.59 8.34
C VAL A 1699 52.58 -30.46 9.55
N LYS A 1700 53.26 -29.31 9.66
CA LYS A 1700 54.17 -29.08 10.78
C LYS A 1700 53.52 -28.18 11.84
N LEU A 1701 53.28 -28.73 13.03
CA LEU A 1701 52.70 -27.94 14.12
C LEU A 1701 53.70 -27.71 15.24
N ASP A 1702 54.15 -26.47 15.37
CA ASP A 1702 55.17 -26.11 16.35
C ASP A 1702 54.57 -25.34 17.52
N PHE A 1703 54.98 -25.69 18.74
CA PHE A 1703 54.49 -24.99 19.93
C PHE A 1703 55.48 -25.07 21.09
N VAL A 1704 55.33 -24.18 22.06
CA VAL A 1704 56.29 -24.07 23.16
C VAL A 1704 55.95 -25.02 24.31
N ALA A 1705 56.98 -25.56 24.96
CA ALA A 1705 56.80 -26.53 26.05
C ALA A 1705 56.77 -25.92 27.46
N PRO A 1706 55.86 -26.44 28.31
CA PRO A 1706 55.70 -26.23 29.76
C PRO A 1706 56.78 -26.95 30.56
N ALA A 1707 56.60 -27.06 31.87
CA ALA A 1707 57.64 -27.62 32.74
C ALA A 1707 57.25 -28.98 33.34
N THR A 1708 58.27 -29.71 33.80
CA THR A 1708 58.18 -31.04 34.39
C THR A 1708 57.80 -32.16 33.40
N GLY A 1709 58.05 -31.93 32.11
CA GLY A 1709 58.31 -33.01 31.16
C GLY A 1709 57.22 -34.04 30.90
N ALA A 1710 56.11 -33.94 31.63
CA ALA A 1710 55.03 -34.89 31.48
C ALA A 1710 53.70 -34.18 31.27
N HIS A 1711 53.16 -34.29 30.06
CA HIS A 1711 51.90 -33.65 29.72
C HIS A 1711 51.14 -34.47 28.69
N ASN A 1712 49.82 -34.56 28.84
CA ASN A 1712 49.00 -35.33 27.93
C ASN A 1712 48.16 -34.47 27.01
N TYR A 1713 48.35 -34.65 25.71
CA TYR A 1713 47.69 -33.84 24.70
C TYR A 1713 46.71 -34.64 23.85
N THR A 1714 46.01 -33.91 22.99
CA THR A 1714 45.05 -34.50 22.08
C THR A 1714 45.17 -33.81 20.72
N LEU A 1715 45.19 -34.63 19.67
CA LEU A 1715 45.28 -34.14 18.30
C LEU A 1715 43.96 -34.35 17.60
N TYR A 1716 43.32 -33.25 17.21
CA TYR A 1716 42.06 -33.29 16.50
C TYR A 1716 42.27 -33.09 15.00
N PHE A 1717 41.49 -33.81 14.20
CA PHE A 1717 41.43 -33.58 12.76
C PHE A 1717 39.98 -33.34 12.40
N MET A 1718 39.67 -32.11 11.97
CA MET A 1718 38.29 -31.71 11.72
C MET A 1718 38.09 -31.18 10.30
N SER A 1719 36.92 -31.42 9.70
CA SER A 1719 36.65 -30.81 8.40
C SER A 1719 35.80 -29.55 8.54
N ASP A 1720 35.64 -28.82 7.44
CA ASP A 1720 34.71 -27.70 7.38
C ASP A 1720 33.43 -28.10 6.67
N ALA A 1721 33.39 -29.34 6.18
CA ALA A 1721 32.35 -29.78 5.24
C ALA A 1721 31.51 -30.93 5.78
N TYR A 1722 32.16 -32.05 6.06
CA TYR A 1722 31.46 -33.27 6.44
C TYR A 1722 31.54 -33.58 7.92
N MET A 1723 30.48 -34.23 8.43
CA MET A 1723 30.49 -34.80 9.77
C MET A 1723 30.84 -36.29 9.71
N GLY A 1724 31.60 -36.75 10.70
CA GLY A 1724 31.97 -38.16 10.76
C GLY A 1724 33.39 -38.43 10.30
N CYS A 1725 33.96 -37.50 9.53
CA CYS A 1725 35.32 -37.64 9.04
C CYS A 1725 36.31 -37.19 10.11
N ASP A 1726 35.78 -36.70 11.22
CA ASP A 1726 36.63 -36.18 12.29
C ASP A 1726 37.42 -37.31 12.97
N GLN A 1727 38.69 -37.06 13.23
CA GLN A 1727 39.56 -38.07 13.83
C GLN A 1727 40.25 -37.54 15.09
N GLU A 1728 40.57 -38.44 16.02
CA GLU A 1728 41.25 -38.04 17.24
C GLU A 1728 42.42 -38.95 17.58
N TYR A 1729 43.56 -38.35 17.96
CA TYR A 1729 44.69 -39.13 18.44
C TYR A 1729 45.30 -38.50 19.70
N LYS A 1730 45.21 -39.18 20.84
CA LYS A 1730 45.83 -38.69 22.07
C LYS A 1730 47.32 -38.99 22.08
N PHE A 1731 48.11 -38.15 22.77
CA PHE A 1731 49.54 -38.44 22.91
C PHE A 1731 50.16 -37.73 24.12
N SER A 1732 51.49 -37.75 24.20
CA SER A 1732 52.21 -37.09 25.29
C SER A 1732 53.51 -36.43 24.79
C1 GOL B . 22.97 11.89 -2.55
O1 GOL B . 21.61 12.20 -2.39
C2 GOL B . 23.18 10.91 -3.71
O2 GOL B . 23.43 9.57 -3.28
C3 GOL B . 24.34 11.36 -4.57
O3 GOL B . 23.97 12.52 -5.27
C4 8LS C . 11.48 15.39 -4.25
C5 8LS C . 10.68 16.66 -4.24
C6 8LS C . 10.83 17.32 -5.63
C7 8LS C . 12.33 17.56 -5.80
C10 8LS C . 13.27 14.13 -5.16
N12 8LS C . 13.84 12.00 -4.57
C13 8LS C . 15.26 12.09 -4.22
C15 8LS C . 17.48 11.01 -4.57
C17 8LS C . 19.72 10.08 -4.91
C20 8LS C . 22.04 11.00 -7.76
C21 8LS C . 21.37 12.05 -8.35
C22 8LS C . 20.15 12.45 -7.86
C24 8LS C . 17.71 8.92 -5.66
C26 8LS C . 16.32 8.84 -5.83
C1 8LS C . 11.57 11.99 -2.54
C2 8LS C . 11.91 13.15 -3.45
C3 8LS C . 11.16 14.32 -3.41
O8 8LS C . 12.92 16.28 -5.97
C9 8LS C . 12.53 15.28 -5.12
C11 8LS C . 12.98 13.07 -4.33
C14 8LS C . 16.15 10.97 -4.72
N16 8LS C . 18.26 10.00 -5.04
C18 8LS C . 20.29 10.77 -6.13
C19 8LS C . 21.51 10.37 -6.65
C23 8LS C . 19.63 11.81 -6.75
O25 8LS C . 18.43 8.03 -6.08
C27 8LS C . 15.52 9.87 -5.36
N28 8LS C . 14.15 9.85 -5.53
C29 8LS C . 13.38 10.90 -5.21
O30 8LS C . 12.18 10.84 -5.47
C31 8LS C . 12.71 18.44 -6.96
N32 8LS C . 12.19 18.27 -8.15
C33 8LS C . 12.54 19.02 -9.19
C34 8LS C . 13.50 20.02 -9.05
C35 8LS C . 14.08 20.21 -7.82
C36 8LS C . 13.69 19.40 -6.77
F37 8LS C . 14.24 19.55 -5.54
#